data_4DVD
# 
_entry.id   4DVD 
# 
_audit_conform.dict_name       mmcif_pdbx.dic 
_audit_conform.dict_version    5.399 
_audit_conform.dict_location   http://mmcif.pdb.org/dictionaries/ascii/mmcif_pdbx.dic 
# 
loop_
_database_2.database_id 
_database_2.database_code 
_database_2.pdbx_database_accession 
_database_2.pdbx_DOI 
PDB   4DVD         pdb_00004dvd 10.2210/pdb4dvd/pdb 
RCSB  RCSB070829   ?            ?                   
WWPDB D_1000070829 ?            ?                   
# 
loop_
_pdbx_audit_revision_history.ordinal 
_pdbx_audit_revision_history.data_content_type 
_pdbx_audit_revision_history.major_revision 
_pdbx_audit_revision_history.minor_revision 
_pdbx_audit_revision_history.revision_date 
1 'Structure model' 1 0 2012-11-21 
2 'Structure model' 1 1 2013-06-19 
3 'Structure model' 1 2 2023-11-08 
4 'Structure model' 1 3 2024-11-20 
# 
_pdbx_audit_revision_details.ordinal             1 
_pdbx_audit_revision_details.revision_ordinal    1 
_pdbx_audit_revision_details.data_content_type   'Structure model' 
_pdbx_audit_revision_details.provider            repository 
_pdbx_audit_revision_details.type                'Initial release' 
_pdbx_audit_revision_details.description         ? 
_pdbx_audit_revision_details.details             ? 
# 
loop_
_pdbx_audit_revision_group.ordinal 
_pdbx_audit_revision_group.revision_ordinal 
_pdbx_audit_revision_group.data_content_type 
_pdbx_audit_revision_group.group 
1 2 'Structure model' 'Database references'    
2 3 'Structure model' 'Data collection'        
3 3 'Structure model' 'Database references'    
4 3 'Structure model' 'Refinement description' 
5 4 'Structure model' 'Structure summary'      
# 
loop_
_pdbx_audit_revision_category.ordinal 
_pdbx_audit_revision_category.revision_ordinal 
_pdbx_audit_revision_category.data_content_type 
_pdbx_audit_revision_category.category 
1 3 'Structure model' chem_comp_atom                
2 3 'Structure model' chem_comp_bond                
3 3 'Structure model' database_2                    
4 3 'Structure model' pdbx_initial_refinement_model 
5 3 'Structure model' struct_ref_seq_dif            
6 4 'Structure model' pdbx_entry_details            
7 4 'Structure model' pdbx_modification_feature     
# 
loop_
_pdbx_audit_revision_item.ordinal 
_pdbx_audit_revision_item.revision_ordinal 
_pdbx_audit_revision_item.data_content_type 
_pdbx_audit_revision_item.item 
1 3 'Structure model' '_database_2.pdbx_DOI'                
2 3 'Structure model' '_database_2.pdbx_database_accession' 
3 3 'Structure model' '_struct_ref_seq_dif.details'         
# 
_pdbx_database_status.status_code                     REL 
_pdbx_database_status.entry_id                        4DVD 
_pdbx_database_status.recvd_initial_deposition_date   2012-02-23 
_pdbx_database_status.deposit_site                    RCSB 
_pdbx_database_status.process_site                    PDBJ 
_pdbx_database_status.methods_development_category    ? 
_pdbx_database_status.status_code_sf                  REL 
_pdbx_database_status.status_code_mr                  ? 
_pdbx_database_status.SG_entry                        ? 
_pdbx_database_status.status_code_cs                  ? 
_pdbx_database_status.pdb_format_compatible           Y 
_pdbx_database_status.status_code_nmr_data            ? 
# 
_pdbx_database_related.db_name        PDB 
_pdbx_database_related.db_id          3RX6 
_pdbx_database_related.details        . 
_pdbx_database_related.content_type   unspecified 
# 
loop_
_audit_author.name 
_audit_author.pdbx_ordinal 
'Banerjee, R.' 1 
'Nath, S.'     2 
'Sen, U.'      3 
# 
_citation.id                        primary 
_citation.title                     
'The first structure of polarity suppression protein, Psu from enterobacteria phage P4, reveals a novel fold and a knotted dimer' 
_citation.journal_abbrev            J.Biol.Chem. 
_citation.journal_volume            287 
_citation.page_first                44667 
_citation.page_last                 44675 
_citation.year                      2012 
_citation.journal_id_ASTM           JBCHA3 
_citation.country                   US 
_citation.journal_id_ISSN           0021-9258 
_citation.journal_id_CSD            0071 
_citation.book_publisher            ? 
_citation.pdbx_database_id_PubMed   23150672 
_citation.pdbx_database_id_DOI      10.1074/jbc.M112.423202 
# 
loop_
_citation_author.citation_id 
_citation_author.name 
_citation_author.ordinal 
_citation_author.identifier_ORCID 
primary 'Banerjee, R.' 1 ? 
primary 'Nath, S.'     2 ? 
primary 'Ranjan, A.'   3 ? 
primary 'Khamrui, S.'  4 ? 
primary 'Pani, B.'     5 ? 
primary 'Sen, R.'      6 ? 
primary 'Sen, U.'      7 ? 
# 
_entity.id                         1 
_entity.type                       polymer 
_entity.src_method                 man 
_entity.pdbx_description           'Polarity suppression protein' 
_entity.formula_weight             21362.973 
_entity.pdbx_number_of_molecules   1 
_entity.pdbx_ec                    ? 
_entity.pdbx_mutation              C13S,C117S,T123C 
_entity.pdbx_fragment              ? 
_entity.details                    ? 
# 
_entity_name_com.entity_id   1 
_entity_name_com.name        'Amber mutation-suppressing protein' 
# 
_entity_poly.entity_id                      1 
_entity_poly.type                           'polypeptide(L)' 
_entity_poly.nstd_linkage                   no 
_entity_poly.nstd_monomer                   no 
_entity_poly.pdbx_seq_one_letter_code       
;MESTALQQAFDTSQNNKAAWLQRKNELAAAEQEYLRLLSGEGRNVSRLDELRNIIEVRKWQVNQAAGRYIRSHEAVQHIS
IRDRLNDFMQQHGTALAAALAPELMGYSELTAIARNSAIQRACDALREALLSWLAKGEKINYSAQDSDILTTIGFRPDVA
SVDDSREKFTPAQNMIFSRKSAQLASRQSV
;
_entity_poly.pdbx_seq_one_letter_code_can   
;MESTALQQAFDTSQNNKAAWLQRKNELAAAEQEYLRLLSGEGRNVSRLDELRNIIEVRKWQVNQAAGRYIRSHEAVQHIS
IRDRLNDFMQQHGTALAAALAPELMGYSELTAIARNSAIQRACDALREALLSWLAKGEKINYSAQDSDILTTIGFRPDVA
SVDDSREKFTPAQNMIFSRKSAQLASRQSV
;
_entity_poly.pdbx_strand_id                 A 
_entity_poly.pdbx_target_identifier         ? 
# 
loop_
_entity_poly_seq.entity_id 
_entity_poly_seq.num 
_entity_poly_seq.mon_id 
_entity_poly_seq.hetero 
1 1   MET n 
1 2   GLU n 
1 3   SER n 
1 4   THR n 
1 5   ALA n 
1 6   LEU n 
1 7   GLN n 
1 8   GLN n 
1 9   ALA n 
1 10  PHE n 
1 11  ASP n 
1 12  THR n 
1 13  SER n 
1 14  GLN n 
1 15  ASN n 
1 16  ASN n 
1 17  LYS n 
1 18  ALA n 
1 19  ALA n 
1 20  TRP n 
1 21  LEU n 
1 22  GLN n 
1 23  ARG n 
1 24  LYS n 
1 25  ASN n 
1 26  GLU n 
1 27  LEU n 
1 28  ALA n 
1 29  ALA n 
1 30  ALA n 
1 31  GLU n 
1 32  GLN n 
1 33  GLU n 
1 34  TYR n 
1 35  LEU n 
1 36  ARG n 
1 37  LEU n 
1 38  LEU n 
1 39  SER n 
1 40  GLY n 
1 41  GLU n 
1 42  GLY n 
1 43  ARG n 
1 44  ASN n 
1 45  VAL n 
1 46  SER n 
1 47  ARG n 
1 48  LEU n 
1 49  ASP n 
1 50  GLU n 
1 51  LEU n 
1 52  ARG n 
1 53  ASN n 
1 54  ILE n 
1 55  ILE n 
1 56  GLU n 
1 57  VAL n 
1 58  ARG n 
1 59  LYS n 
1 60  TRP n 
1 61  GLN n 
1 62  VAL n 
1 63  ASN n 
1 64  GLN n 
1 65  ALA n 
1 66  ALA n 
1 67  GLY n 
1 68  ARG n 
1 69  TYR n 
1 70  ILE n 
1 71  ARG n 
1 72  SER n 
1 73  HIS n 
1 74  GLU n 
1 75  ALA n 
1 76  VAL n 
1 77  GLN n 
1 78  HIS n 
1 79  ILE n 
1 80  SER n 
1 81  ILE n 
1 82  ARG n 
1 83  ASP n 
1 84  ARG n 
1 85  LEU n 
1 86  ASN n 
1 87  ASP n 
1 88  PHE n 
1 89  MET n 
1 90  GLN n 
1 91  GLN n 
1 92  HIS n 
1 93  GLY n 
1 94  THR n 
1 95  ALA n 
1 96  LEU n 
1 97  ALA n 
1 98  ALA n 
1 99  ALA n 
1 100 LEU n 
1 101 ALA n 
1 102 PRO n 
1 103 GLU n 
1 104 LEU n 
1 105 MET n 
1 106 GLY n 
1 107 TYR n 
1 108 SER n 
1 109 GLU n 
1 110 LEU n 
1 111 THR n 
1 112 ALA n 
1 113 ILE n 
1 114 ALA n 
1 115 ARG n 
1 116 ASN n 
1 117 SER n 
1 118 ALA n 
1 119 ILE n 
1 120 GLN n 
1 121 ARG n 
1 122 ALA n 
1 123 CYS n 
1 124 ASP n 
1 125 ALA n 
1 126 LEU n 
1 127 ARG n 
1 128 GLU n 
1 129 ALA n 
1 130 LEU n 
1 131 LEU n 
1 132 SER n 
1 133 TRP n 
1 134 LEU n 
1 135 ALA n 
1 136 LYS n 
1 137 GLY n 
1 138 GLU n 
1 139 LYS n 
1 140 ILE n 
1 141 ASN n 
1 142 TYR n 
1 143 SER n 
1 144 ALA n 
1 145 GLN n 
1 146 ASP n 
1 147 SER n 
1 148 ASP n 
1 149 ILE n 
1 150 LEU n 
1 151 THR n 
1 152 THR n 
1 153 ILE n 
1 154 GLY n 
1 155 PHE n 
1 156 ARG n 
1 157 PRO n 
1 158 ASP n 
1 159 VAL n 
1 160 ALA n 
1 161 SER n 
1 162 VAL n 
1 163 ASP n 
1 164 ASP n 
1 165 SER n 
1 166 ARG n 
1 167 GLU n 
1 168 LYS n 
1 169 PHE n 
1 170 THR n 
1 171 PRO n 
1 172 ALA n 
1 173 GLN n 
1 174 ASN n 
1 175 MET n 
1 176 ILE n 
1 177 PHE n 
1 178 SER n 
1 179 ARG n 
1 180 LYS n 
1 181 SER n 
1 182 ALA n 
1 183 GLN n 
1 184 LEU n 
1 185 ALA n 
1 186 SER n 
1 187 ARG n 
1 188 GLN n 
1 189 SER n 
1 190 VAL n 
# 
_entity_src_gen.entity_id                          1 
_entity_src_gen.pdbx_src_id                        1 
_entity_src_gen.pdbx_alt_source_flag               sample 
_entity_src_gen.pdbx_seq_type                      ? 
_entity_src_gen.pdbx_beg_seq_num                   ? 
_entity_src_gen.pdbx_end_seq_num                   ? 
_entity_src_gen.gene_src_common_name               ? 
_entity_src_gen.gene_src_genus                     ? 
_entity_src_gen.pdbx_gene_src_gene                 psu 
_entity_src_gen.gene_src_species                   ? 
_entity_src_gen.gene_src_strain                    ? 
_entity_src_gen.gene_src_tissue                    ? 
_entity_src_gen.gene_src_tissue_fraction           ? 
_entity_src_gen.gene_src_details                   ? 
_entity_src_gen.pdbx_gene_src_fragment             ? 
_entity_src_gen.pdbx_gene_src_scientific_name      'Enterobacteria phage P4' 
_entity_src_gen.pdbx_gene_src_ncbi_taxonomy_id     10680 
_entity_src_gen.pdbx_gene_src_variant              ? 
_entity_src_gen.pdbx_gene_src_cell_line            ? 
_entity_src_gen.pdbx_gene_src_atcc                 ? 
_entity_src_gen.pdbx_gene_src_organ                ? 
_entity_src_gen.pdbx_gene_src_organelle            ? 
_entity_src_gen.pdbx_gene_src_cell                 ? 
_entity_src_gen.pdbx_gene_src_cellular_location    ? 
_entity_src_gen.host_org_common_name               ? 
_entity_src_gen.pdbx_host_org_scientific_name      'Escherichia coli' 
_entity_src_gen.pdbx_host_org_ncbi_taxonomy_id     562 
_entity_src_gen.host_org_genus                     ? 
_entity_src_gen.pdbx_host_org_gene                 ? 
_entity_src_gen.pdbx_host_org_organ                ? 
_entity_src_gen.host_org_species                   ? 
_entity_src_gen.pdbx_host_org_tissue               ? 
_entity_src_gen.pdbx_host_org_tissue_fraction      ? 
_entity_src_gen.pdbx_host_org_strain               'BL21 DE3' 
_entity_src_gen.pdbx_host_org_variant              ? 
_entity_src_gen.pdbx_host_org_cell_line            ? 
_entity_src_gen.pdbx_host_org_atcc                 ? 
_entity_src_gen.pdbx_host_org_culture_collection   ? 
_entity_src_gen.pdbx_host_org_cell                 ? 
_entity_src_gen.pdbx_host_org_organelle            ? 
_entity_src_gen.pdbx_host_org_cellular_location    ? 
_entity_src_gen.pdbx_host_org_vector_type          plasmid 
_entity_src_gen.pdbx_host_org_vector               ? 
_entity_src_gen.host_org_details                   ? 
_entity_src_gen.expression_system_id               ? 
_entity_src_gen.plasmid_name                       pET28a+ 
_entity_src_gen.plasmid_details                    ? 
_entity_src_gen.pdbx_description                   ? 
# 
loop_
_chem_comp.id 
_chem_comp.type 
_chem_comp.mon_nstd_flag 
_chem_comp.name 
_chem_comp.pdbx_synonyms 
_chem_comp.formula 
_chem_comp.formula_weight 
ALA 'L-peptide linking' y ALANINE         ? 'C3 H7 N O2'     89.093  
ARG 'L-peptide linking' y ARGININE        ? 'C6 H15 N4 O2 1' 175.209 
ASN 'L-peptide linking' y ASPARAGINE      ? 'C4 H8 N2 O3'    132.118 
ASP 'L-peptide linking' y 'ASPARTIC ACID' ? 'C4 H7 N O4'     133.103 
CYS 'L-peptide linking' y CYSTEINE        ? 'C3 H7 N O2 S'   121.158 
GLN 'L-peptide linking' y GLUTAMINE       ? 'C5 H10 N2 O3'   146.144 
GLU 'L-peptide linking' y 'GLUTAMIC ACID' ? 'C5 H9 N O4'     147.129 
GLY 'peptide linking'   y GLYCINE         ? 'C2 H5 N O2'     75.067  
HIS 'L-peptide linking' y HISTIDINE       ? 'C6 H10 N3 O2 1' 156.162 
ILE 'L-peptide linking' y ISOLEUCINE      ? 'C6 H13 N O2'    131.173 
LEU 'L-peptide linking' y LEUCINE         ? 'C6 H13 N O2'    131.173 
LYS 'L-peptide linking' y LYSINE          ? 'C6 H15 N2 O2 1' 147.195 
MET 'L-peptide linking' y METHIONINE      ? 'C5 H11 N O2 S'  149.211 
PHE 'L-peptide linking' y PHENYLALANINE   ? 'C9 H11 N O2'    165.189 
PRO 'L-peptide linking' y PROLINE         ? 'C5 H9 N O2'     115.130 
SER 'L-peptide linking' y SERINE          ? 'C3 H7 N O3'     105.093 
THR 'L-peptide linking' y THREONINE       ? 'C4 H9 N O3'     119.119 
TRP 'L-peptide linking' y TRYPTOPHAN      ? 'C11 H12 N2 O2'  204.225 
TYR 'L-peptide linking' y TYROSINE        ? 'C9 H11 N O3'    181.189 
VAL 'L-peptide linking' y VALINE          ? 'C5 H11 N O2'    117.146 
# 
loop_
_pdbx_poly_seq_scheme.asym_id 
_pdbx_poly_seq_scheme.entity_id 
_pdbx_poly_seq_scheme.seq_id 
_pdbx_poly_seq_scheme.mon_id 
_pdbx_poly_seq_scheme.ndb_seq_num 
_pdbx_poly_seq_scheme.pdb_seq_num 
_pdbx_poly_seq_scheme.auth_seq_num 
_pdbx_poly_seq_scheme.pdb_mon_id 
_pdbx_poly_seq_scheme.auth_mon_id 
_pdbx_poly_seq_scheme.pdb_strand_id 
_pdbx_poly_seq_scheme.pdb_ins_code 
_pdbx_poly_seq_scheme.hetero 
A 1 1   MET 1   1   ?   ?   ?   A . n 
A 1 2   GLU 2   2   ?   ?   ?   A . n 
A 1 3   SER 3   3   ?   ?   ?   A . n 
A 1 4   THR 4   4   4   THR THR A . n 
A 1 5   ALA 5   5   5   ALA ALA A . n 
A 1 6   LEU 6   6   6   LEU LEU A . n 
A 1 7   GLN 7   7   7   GLN GLN A . n 
A 1 8   GLN 8   8   8   GLN GLN A . n 
A 1 9   ALA 9   9   9   ALA ALA A . n 
A 1 10  PHE 10  10  10  PHE PHE A . n 
A 1 11  ASP 11  11  11  ASP ASP A . n 
A 1 12  THR 12  12  12  THR THR A . n 
A 1 13  SER 13  13  13  SER SER A . n 
A 1 14  GLN 14  14  14  GLN GLN A . n 
A 1 15  ASN 15  15  15  ASN ASN A . n 
A 1 16  ASN 16  16  16  ASN ASN A . n 
A 1 17  LYS 17  17  17  LYS LYS A . n 
A 1 18  ALA 18  18  18  ALA ALA A . n 
A 1 19  ALA 19  19  19  ALA ALA A . n 
A 1 20  TRP 20  20  20  TRP TRP A . n 
A 1 21  LEU 21  21  21  LEU LEU A . n 
A 1 22  GLN 22  22  22  GLN GLN A . n 
A 1 23  ARG 23  23  23  ARG ARG A . n 
A 1 24  LYS 24  24  24  LYS LYS A . n 
A 1 25  ASN 25  25  25  ASN ASN A . n 
A 1 26  GLU 26  26  26  GLU GLU A . n 
A 1 27  LEU 27  27  27  LEU LEU A . n 
A 1 28  ALA 28  28  28  ALA ALA A . n 
A 1 29  ALA 29  29  29  ALA ALA A . n 
A 1 30  ALA 30  30  30  ALA ALA A . n 
A 1 31  GLU 31  31  31  GLU GLU A . n 
A 1 32  GLN 32  32  32  GLN GLN A . n 
A 1 33  GLU 33  33  33  GLU GLU A . n 
A 1 34  TYR 34  34  34  TYR TYR A . n 
A 1 35  LEU 35  35  35  LEU LEU A . n 
A 1 36  ARG 36  36  36  ARG ARG A . n 
A 1 37  LEU 37  37  37  LEU LEU A . n 
A 1 38  LEU 38  38  38  LEU LEU A . n 
A 1 39  SER 39  39  39  SER SER A . n 
A 1 40  GLY 40  40  40  GLY GLY A . n 
A 1 41  GLU 41  41  41  GLU GLU A . n 
A 1 42  GLY 42  42  42  GLY GLY A . n 
A 1 43  ARG 43  43  43  ARG ARG A . n 
A 1 44  ASN 44  44  44  ASN ASN A . n 
A 1 45  VAL 45  45  45  VAL VAL A . n 
A 1 46  SER 46  46  46  SER SER A . n 
A 1 47  ARG 47  47  47  ARG ARG A . n 
A 1 48  LEU 48  48  48  LEU LEU A . n 
A 1 49  ASP 49  49  49  ASP ASP A . n 
A 1 50  GLU 50  50  50  GLU GLU A . n 
A 1 51  LEU 51  51  51  LEU LEU A . n 
A 1 52  ARG 52  52  52  ARG ARG A . n 
A 1 53  ASN 53  53  53  ASN ASN A . n 
A 1 54  ILE 54  54  54  ILE ILE A . n 
A 1 55  ILE 55  55  55  ILE ILE A . n 
A 1 56  GLU 56  56  56  GLU GLU A . n 
A 1 57  VAL 57  57  57  VAL VAL A . n 
A 1 58  ARG 58  58  58  ARG ARG A . n 
A 1 59  LYS 59  59  59  LYS LYS A . n 
A 1 60  TRP 60  60  60  TRP TRP A . n 
A 1 61  GLN 61  61  61  GLN GLN A . n 
A 1 62  VAL 62  62  62  VAL VAL A . n 
A 1 63  ASN 63  63  63  ASN ASN A . n 
A 1 64  GLN 64  64  64  GLN GLN A . n 
A 1 65  ALA 65  65  65  ALA ALA A . n 
A 1 66  ALA 66  66  66  ALA ALA A . n 
A 1 67  GLY 67  67  67  GLY GLY A . n 
A 1 68  ARG 68  68  68  ARG ARG A . n 
A 1 69  TYR 69  69  69  TYR TYR A . n 
A 1 70  ILE 70  70  70  ILE ILE A . n 
A 1 71  ARG 71  71  71  ARG ARG A . n 
A 1 72  SER 72  72  72  SER SER A . n 
A 1 73  HIS 73  73  73  HIS HIS A . n 
A 1 74  GLU 74  74  74  GLU GLU A . n 
A 1 75  ALA 75  75  75  ALA ALA A . n 
A 1 76  VAL 76  76  76  VAL VAL A . n 
A 1 77  GLN 77  77  77  GLN GLN A . n 
A 1 78  HIS 78  78  78  HIS HIS A . n 
A 1 79  ILE 79  79  79  ILE ILE A . n 
A 1 80  SER 80  80  80  SER SER A . n 
A 1 81  ILE 81  81  81  ILE ILE A . n 
A 1 82  ARG 82  82  82  ARG ARG A . n 
A 1 83  ASP 83  83  83  ASP ASP A . n 
A 1 84  ARG 84  84  84  ARG ARG A . n 
A 1 85  LEU 85  85  85  LEU LEU A . n 
A 1 86  ASN 86  86  86  ASN ASN A . n 
A 1 87  ASP 87  87  87  ASP ASP A . n 
A 1 88  PHE 88  88  88  PHE PHE A . n 
A 1 89  MET 89  89  89  MET MET A . n 
A 1 90  GLN 90  90  90  GLN GLN A . n 
A 1 91  GLN 91  91  91  GLN GLN A . n 
A 1 92  HIS 92  92  92  HIS HIS A . n 
A 1 93  GLY 93  93  93  GLY GLY A . n 
A 1 94  THR 94  94  94  THR THR A . n 
A 1 95  ALA 95  95  95  ALA ALA A . n 
A 1 96  LEU 96  96  96  LEU LEU A . n 
A 1 97  ALA 97  97  97  ALA ALA A . n 
A 1 98  ALA 98  98  98  ALA ALA A . n 
A 1 99  ALA 99  99  99  ALA ALA A . n 
A 1 100 LEU 100 100 100 LEU LEU A . n 
A 1 101 ALA 101 101 101 ALA ALA A . n 
A 1 102 PRO 102 102 102 PRO PRO A . n 
A 1 103 GLU 103 103 103 GLU GLU A . n 
A 1 104 LEU 104 104 104 LEU LEU A . n 
A 1 105 MET 105 105 105 MET MET A . n 
A 1 106 GLY 106 106 106 GLY GLY A . n 
A 1 107 TYR 107 107 107 TYR TYR A . n 
A 1 108 SER 108 108 108 SER SER A . n 
A 1 109 GLU 109 109 109 GLU GLU A . n 
A 1 110 LEU 110 110 110 LEU LEU A . n 
A 1 111 THR 111 111 111 THR THR A . n 
A 1 112 ALA 112 112 112 ALA ALA A . n 
A 1 113 ILE 113 113 113 ILE ILE A . n 
A 1 114 ALA 114 114 114 ALA ALA A . n 
A 1 115 ARG 115 115 115 ARG ARG A . n 
A 1 116 ASN 116 116 116 ASN ASN A . n 
A 1 117 SER 117 117 117 SER SER A . n 
A 1 118 ALA 118 118 118 ALA ALA A . n 
A 1 119 ILE 119 119 119 ILE ILE A . n 
A 1 120 GLN 120 120 120 GLN GLN A . n 
A 1 121 ARG 121 121 121 ARG ARG A . n 
A 1 122 ALA 122 122 122 ALA ALA A . n 
A 1 123 CYS 123 123 123 CYS CYS A . n 
A 1 124 ASP 124 124 124 ASP ASP A . n 
A 1 125 ALA 125 125 125 ALA ALA A . n 
A 1 126 LEU 126 126 126 LEU LEU A . n 
A 1 127 ARG 127 127 127 ARG ARG A . n 
A 1 128 GLU 128 128 128 GLU GLU A . n 
A 1 129 ALA 129 129 129 ALA ALA A . n 
A 1 130 LEU 130 130 130 LEU LEU A . n 
A 1 131 LEU 131 131 131 LEU LEU A . n 
A 1 132 SER 132 132 132 SER SER A . n 
A 1 133 TRP 133 133 133 TRP TRP A . n 
A 1 134 LEU 134 134 134 LEU LEU A . n 
A 1 135 ALA 135 135 135 ALA ALA A . n 
A 1 136 LYS 136 136 136 LYS LYS A . n 
A 1 137 GLY 137 137 137 GLY GLY A . n 
A 1 138 GLU 138 138 138 GLU GLU A . n 
A 1 139 LYS 139 139 139 LYS LYS A . n 
A 1 140 ILE 140 140 140 ILE ILE A . n 
A 1 141 ASN 141 141 141 ASN ASN A . n 
A 1 142 TYR 142 142 142 TYR TYR A . n 
A 1 143 SER 143 143 143 SER SER A . n 
A 1 144 ALA 144 144 144 ALA ALA A . n 
A 1 145 GLN 145 145 145 GLN GLN A . n 
A 1 146 ASP 146 146 146 ASP ASP A . n 
A 1 147 SER 147 147 147 SER SER A . n 
A 1 148 ASP 148 148 148 ASP ASP A . n 
A 1 149 ILE 149 149 149 ILE ILE A . n 
A 1 150 LEU 150 150 150 LEU LEU A . n 
A 1 151 THR 151 151 151 THR THR A . n 
A 1 152 THR 152 152 152 THR THR A . n 
A 1 153 ILE 153 153 153 ILE ILE A . n 
A 1 154 GLY 154 154 154 GLY GLY A . n 
A 1 155 PHE 155 155 155 PHE PHE A . n 
A 1 156 ARG 156 156 156 ARG ARG A . n 
A 1 157 PRO 157 157 157 PRO PRO A . n 
A 1 158 ASP 158 158 158 ASP ASP A . n 
A 1 159 VAL 159 159 159 VAL VAL A . n 
A 1 160 ALA 160 160 160 ALA ALA A . n 
A 1 161 SER 161 161 161 SER SER A . n 
A 1 162 VAL 162 162 162 VAL VAL A . n 
A 1 163 ASP 163 163 163 ASP ASP A . n 
A 1 164 ASP 164 164 164 ASP ASP A . n 
A 1 165 SER 165 165 165 SER SER A . n 
A 1 166 ARG 166 166 166 ARG ARG A . n 
A 1 167 GLU 167 167 167 GLU GLU A . n 
A 1 168 LYS 168 168 168 LYS LYS A . n 
A 1 169 PHE 169 169 169 PHE PHE A . n 
A 1 170 THR 170 170 170 THR THR A . n 
A 1 171 PRO 171 171 171 PRO PRO A . n 
A 1 172 ALA 172 172 172 ALA ALA A . n 
A 1 173 GLN 173 173 173 GLN GLN A . n 
A 1 174 ASN 174 174 174 ASN ASN A . n 
A 1 175 MET 175 175 175 MET MET A . n 
A 1 176 ILE 176 176 176 ILE ILE A . n 
A 1 177 PHE 177 177 177 PHE PHE A . n 
A 1 178 SER 178 178 178 SER SER A . n 
A 1 179 ARG 179 179 179 ARG ARG A . n 
A 1 180 LYS 180 180 180 LYS LYS A . n 
A 1 181 SER 181 181 181 SER SER A . n 
A 1 182 ALA 182 182 182 ALA ALA A . n 
A 1 183 GLN 183 183 183 GLN GLN A . n 
A 1 184 LEU 184 184 184 LEU LEU A . n 
A 1 185 ALA 185 185 185 ALA ALA A . n 
A 1 186 SER 186 186 186 SER SER A . n 
A 1 187 ARG 187 187 187 ARG ARG A . n 
A 1 188 GLN 188 188 188 GLN GLN A . n 
A 1 189 SER 189 189 189 SER SER A . n 
A 1 190 VAL 190 190 190 VAL VAL A . n 
# 
loop_
_software.name 
_software.classification 
_software.version 
_software.citation_id 
_software.pdbx_ordinal 
MAR345dtb 'data collection' .                            ? 1 
PHASER    phasing           .                            ? 2 
PHENIX    refinement        '(phenix.refine: 1.7.1_743)' ? 3 
iMOSFLM   'data reduction'  .                            ? 4 
SCALA     'data scaling'    .                            ? 5 
# 
_cell.entry_id           4DVD 
_cell.length_a           149.610 
_cell.length_b           149.610 
_cell.length_c           62.700 
_cell.angle_alpha        90.00 
_cell.angle_beta         90.00 
_cell.angle_gamma        90.00 
_cell.Z_PDB              16 
_cell.pdbx_unique_axis   ? 
_cell.length_a_esd       ? 
_cell.length_b_esd       ? 
_cell.length_c_esd       ? 
_cell.angle_alpha_esd    ? 
_cell.angle_beta_esd     ? 
_cell.angle_gamma_esd    ? 
# 
_symmetry.entry_id                         4DVD 
_symmetry.space_group_name_H-M             'I 4 2 2' 
_symmetry.pdbx_full_space_group_name_H-M   ? 
_symmetry.cell_setting                     ? 
_symmetry.Int_Tables_number                97 
_symmetry.space_group_name_Hall            ? 
# 
_exptl.entry_id          4DVD 
_exptl.method            'X-RAY DIFFRACTION' 
_exptl.crystals_number   1 
# 
_exptl_crystal.id                    1 
_exptl_crystal.density_meas          ? 
_exptl_crystal.density_Matthews      4.11 
_exptl_crystal.density_percent_sol   70.04 
_exptl_crystal.description           ? 
_exptl_crystal.F_000                 ? 
_exptl_crystal.preparation           ? 
# 
_exptl_crystal_grow.crystal_id      1 
_exptl_crystal_grow.method          'VAPOR DIFFUSION, HANGING DROP' 
_exptl_crystal_grow.temp            277 
_exptl_crystal_grow.temp_details    ? 
_exptl_crystal_grow.pH              7.0 
_exptl_crystal_grow.pdbx_details    
'7.5%(w/v) PEG 6000, 5%(v/v) glycerol, 0.1M HEPES, pH 7.0, VAPOR DIFFUSION, HANGING DROP, temperature 277K' 
_exptl_crystal_grow.pdbx_pH_range   . 
# 
_diffrn.id                     1 
_diffrn.ambient_temp           100 
_diffrn.ambient_temp_details   ? 
_diffrn.crystal_id             1 
# 
_diffrn_detector.diffrn_id              1 
_diffrn_detector.detector               'IMAGE PLATE' 
_diffrn_detector.type                   'MAR scanner 345 mm plate' 
_diffrn_detector.pdbx_collection_date   2012-01-15 
_diffrn_detector.details                'Osmic maxflux' 
# 
_diffrn_radiation.diffrn_id                        1 
_diffrn_radiation.wavelength_id                    1 
_diffrn_radiation.pdbx_monochromatic_or_laue_m_l   M 
_diffrn_radiation.monochromator                    'Ni FILTER' 
_diffrn_radiation.pdbx_diffrn_protocol             'SINGLE WAVELENGTH' 
_diffrn_radiation.pdbx_scattering_type             x-ray 
# 
_diffrn_radiation_wavelength.id           1 
_diffrn_radiation_wavelength.wavelength   1.5418 
_diffrn_radiation_wavelength.wt           1.0 
# 
_diffrn_source.diffrn_id                   1 
_diffrn_source.source                      'ROTATING ANODE' 
_diffrn_source.type                        'ENRAF-NONIUS FR591' 
_diffrn_source.pdbx_synchrotron_site       ? 
_diffrn_source.pdbx_synchrotron_beamline   ? 
_diffrn_source.pdbx_wavelength             ? 
_diffrn_source.pdbx_wavelength_list        1.5418 
# 
_reflns.entry_id                     4DVD 
_reflns.observed_criterion_sigma_I   ? 
_reflns.observed_criterion_sigma_F   ? 
_reflns.d_resolution_low             47.311 
_reflns.d_resolution_high            3.0 
_reflns.number_obs                   6846 
_reflns.number_all                   ? 
_reflns.percent_possible_obs         94.1 
_reflns.pdbx_Rmerge_I_obs            0.115 
_reflns.pdbx_Rsym_value              ? 
_reflns.pdbx_netI_over_sigmaI        5.8 
_reflns.B_iso_Wilson_estimate        51.09 
_reflns.pdbx_redundancy              2.9 
_reflns.R_free_details               ? 
_reflns.limit_h_max                  ? 
_reflns.limit_h_min                  ? 
_reflns.limit_k_max                  ? 
_reflns.limit_k_min                  ? 
_reflns.limit_l_max                  ? 
_reflns.limit_l_min                  ? 
_reflns.observed_criterion_F_max     ? 
_reflns.observed_criterion_F_min     ? 
_reflns.pdbx_chi_squared             ? 
_reflns.pdbx_scaling_rejects         ? 
_reflns.pdbx_ordinal                 1 
_reflns.pdbx_diffrn_id               1 
# 
_reflns_shell.d_res_high                  3.00 
_reflns_shell.d_res_low                   3.16 
_reflns_shell.percent_possible_all        93.7 
_reflns_shell.Rmerge_I_obs                ? 
_reflns_shell.pdbx_Rsym_value             ? 
_reflns_shell.meanI_over_sigI_obs         ? 
_reflns_shell.pdbx_redundancy             ? 
_reflns_shell.percent_possible_obs        ? 
_reflns_shell.number_unique_all           ? 
_reflns_shell.number_measured_all         ? 
_reflns_shell.number_measured_obs         ? 
_reflns_shell.number_unique_obs           ? 
_reflns_shell.pdbx_chi_squared            ? 
_reflns_shell.pdbx_rejects                ? 
_reflns_shell.pdbx_netI_over_sigmaI_obs   ? 
_reflns_shell.number_possible             ? 
_reflns_shell.Rmerge_F_all                ? 
_reflns_shell.Rmerge_F_obs                ? 
_reflns_shell.Rmerge_I_all                ? 
_reflns_shell.meanI_over_sigI_all         ? 
_reflns_shell.pdbx_Rrim_I_all             ? 
_reflns_shell.pdbx_Rpim_I_all             ? 
_reflns_shell.pdbx_ordinal                1 
_reflns_shell.pdbx_diffrn_id              1 
# 
_refine.entry_id                                 4DVD 
_refine.ls_number_reflns_obs                     6838 
_refine.ls_number_reflns_all                     ? 
_refine.pdbx_ls_sigma_I                          ? 
_refine.pdbx_ls_sigma_F                          1.34 
_refine.pdbx_data_cutoff_high_absF               ? 
_refine.pdbx_data_cutoff_low_absF                ? 
_refine.pdbx_data_cutoff_high_rms_absF           ? 
_refine.ls_d_res_low                             47.311 
_refine.ls_d_res_high                            3.000 
_refine.ls_percent_reflns_obs                    92.29 
_refine.ls_R_factor_obs                          0.2330 
_refine.ls_R_factor_all                          ? 
_refine.ls_R_factor_R_work                       0.2310 
_refine.ls_R_factor_R_free                       0.2725 
_refine.ls_R_factor_R_free_error                 ? 
_refine.ls_R_factor_R_free_error_details         ? 
_refine.ls_percent_reflns_R_free                 4.68 
_refine.ls_number_reflns_R_free                  320 
_refine.ls_number_parameters                     ? 
_refine.ls_number_restraints                     ? 
_refine.correlation_coeff_Fo_to_Fc               ? 
_refine.correlation_coeff_Fo_to_Fc_free          ? 
_refine.B_iso_mean                               58.1161 
_refine.aniso_B[1][1]                            7.9983 
_refine.aniso_B[2][2]                            7.9983 
_refine.aniso_B[3][3]                            -15.9965 
_refine.aniso_B[1][2]                            0.0000 
_refine.aniso_B[1][3]                            0.0000 
_refine.aniso_B[2][3]                            0.0000 
_refine.solvent_model_details                    'FLAT BULK SOLVENT MODEL' 
_refine.solvent_model_param_ksol                 0.334 
_refine.solvent_model_param_bsol                 21.695 
_refine.pdbx_solvent_vdw_probe_radii             1.10 
_refine.pdbx_solvent_ion_probe_radii             ? 
_refine.pdbx_solvent_shrinkage_radii             0.83 
_refine.pdbx_ls_cross_valid_method               THROUGHOUT 
_refine.details                                  ? 
_refine.pdbx_starting_model                      3RX6 
_refine.pdbx_method_to_determine_struct          'MOLECULAR REPLACEMENT' 
_refine.pdbx_isotropic_thermal_model             Isotropic 
_refine.pdbx_stereochemistry_target_values       ML 
_refine.pdbx_stereochem_target_val_spec_case     ? 
_refine.pdbx_R_Free_selection_details            RANDOM 
_refine.pdbx_overall_ESU_R                       ? 
_refine.pdbx_overall_ESU_R_Free                  ? 
_refine.overall_SU_ML                            0.61 
_refine.overall_FOM_work_R_set                   0.7767 
_refine.B_iso_max                                136.920 
_refine.B_iso_min                                21.270 
_refine.pdbx_overall_phase_error                 28.3600 
_refine.occupancy_max                            1.000 
_refine.occupancy_min                            0.490 
_refine.pdbx_diffrn_id                           1 
_refine.pdbx_refine_id                           'X-RAY DIFFRACTION' 
_refine.ls_redundancy_reflns_obs                 ? 
_refine.overall_SU_B                             ? 
_refine.overall_SU_R_Cruickshank_DPI             ? 
_refine.overall_SU_R_free                        ? 
_refine.ls_wR_factor_R_free                      ? 
_refine.ls_wR_factor_R_work                      ? 
_refine.overall_FOM_free_R_set                   ? 
_refine.pdbx_TLS_residual_ADP_flag               ? 
_refine.pdbx_overall_SU_R_free_Cruickshank_DPI   ? 
_refine.pdbx_overall_SU_R_Blow_DPI               ? 
_refine.pdbx_overall_SU_R_free_Blow_DPI          ? 
# 
_refine_hist.pdbx_refine_id                   'X-RAY DIFFRACTION' 
_refine_hist.cycle_id                         LAST 
_refine_hist.pdbx_number_atoms_protein        1477 
_refine_hist.pdbx_number_atoms_nucleic_acid   0 
_refine_hist.pdbx_number_atoms_ligand         0 
_refine_hist.number_atoms_solvent             0 
_refine_hist.number_atoms_total               1477 
_refine_hist.d_res_high                       3.000 
_refine_hist.d_res_low                        47.311 
# 
loop_
_refine_ls_restr.pdbx_refine_id 
_refine_ls_restr.type 
_refine_ls_restr.number 
_refine_ls_restr.dev_ideal 
_refine_ls_restr.dev_ideal_target 
_refine_ls_restr.weight 
_refine_ls_restr.pdbx_restraint_function 
'X-RAY DIFFRACTION' f_bond_d           1501 0.011  ? ? ? 
'X-RAY DIFFRACTION' f_angle_d          2027 1.252  ? ? ? 
'X-RAY DIFFRACTION' f_chiral_restr     225  0.068  ? ? ? 
'X-RAY DIFFRACTION' f_plane_restr      270  0.005  ? ? ? 
'X-RAY DIFFRACTION' f_dihedral_angle_d 567  16.118 ? ? ? 
# 
loop_
_refine_ls_shell.d_res_high 
_refine_ls_shell.d_res_low 
_refine_ls_shell.pdbx_total_number_of_bins_used 
_refine_ls_shell.percent_reflns_obs 
_refine_ls_shell.number_reflns_R_work 
_refine_ls_shell.R_factor_all 
_refine_ls_shell.R_factor_R_work 
_refine_ls_shell.R_factor_R_free 
_refine_ls_shell.percent_reflns_R_free 
_refine_ls_shell.number_reflns_R_free 
_refine_ls_shell.R_factor_R_free_error 
_refine_ls_shell.number_reflns_all 
_refine_ls_shell.number_reflns_obs 
_refine_ls_shell.pdbx_refine_id 
_refine_ls_shell.redundancy_reflns_obs 
3.0003 3.7799  2 93.0000 3214 . 0.2628 0.3241 . 153 . 3367 . 'X-RAY DIFFRACTION' . 
3.7799 47.3167 2 92.0000 3304 . 0.2129 0.2458 . 167 . 3471 . 'X-RAY DIFFRACTION' . 
# 
_struct.entry_id                  4DVD 
_struct.title                     'Crystal structure of the disulphide linked knotted homodimer of Psu' 
_struct.pdbx_model_details        ? 
_struct.pdbx_CASP_flag            ? 
_struct.pdbx_model_type_details   ? 
# 
_struct_keywords.entry_id        4DVD 
_struct_keywords.pdbx_keywords   'TRANSCRIPTION REGULATOR' 
_struct_keywords.text            
;All alpha protein, transcription termination inhibitor, Rho binding, capsid decoration protein of bacteriophage P4, Transcription terminator Rho helicase, TRANSCRIPTION REGULATOR
;
# 
_struct_asym.id                            A 
_struct_asym.pdbx_blank_PDB_chainid_flag   N 
_struct_asym.pdbx_modified                 N 
_struct_asym.entity_id                     1 
_struct_asym.details                       ? 
# 
_struct_ref.id                         1 
_struct_ref.db_name                    UNP 
_struct_ref.db_code                    VPSU_BPP4 
_struct_ref.pdbx_db_accession          P05460 
_struct_ref.entity_id                  1 
_struct_ref.pdbx_seq_one_letter_code   
;MESTALQQAFDTCQNNKAAWLQRKNELAAAEQEYLRLLSGEGRNVSRLDELRNIIEVRKWQVNQAAGRYIRSHEAVQHIS
IRDRLNDFMQQHGTALAAALAPELMGYSELTAIARNCAIQRATDALREALLSWLAKGEKINYSAQDSDILTTIGFRPDVA
SVDDSREKFTPAQNMIFSRKSAQLASRQSV
;
_struct_ref.pdbx_align_begin           1 
_struct_ref.pdbx_db_isoform            ? 
# 
_struct_ref_seq.align_id                      1 
_struct_ref_seq.ref_id                        1 
_struct_ref_seq.pdbx_PDB_id_code              4DVD 
_struct_ref_seq.pdbx_strand_id                A 
_struct_ref_seq.seq_align_beg                 1 
_struct_ref_seq.pdbx_seq_align_beg_ins_code   ? 
_struct_ref_seq.seq_align_end                 190 
_struct_ref_seq.pdbx_seq_align_end_ins_code   ? 
_struct_ref_seq.pdbx_db_accession             P05460 
_struct_ref_seq.db_align_beg                  1 
_struct_ref_seq.pdbx_db_align_beg_ins_code    ? 
_struct_ref_seq.db_align_end                  190 
_struct_ref_seq.pdbx_db_align_end_ins_code    ? 
_struct_ref_seq.pdbx_auth_seq_align_beg       1 
_struct_ref_seq.pdbx_auth_seq_align_end       190 
# 
loop_
_struct_ref_seq_dif.align_id 
_struct_ref_seq_dif.pdbx_pdb_id_code 
_struct_ref_seq_dif.mon_id 
_struct_ref_seq_dif.pdbx_pdb_strand_id 
_struct_ref_seq_dif.seq_num 
_struct_ref_seq_dif.pdbx_pdb_ins_code 
_struct_ref_seq_dif.pdbx_seq_db_name 
_struct_ref_seq_dif.pdbx_seq_db_accession_code 
_struct_ref_seq_dif.db_mon_id 
_struct_ref_seq_dif.pdbx_seq_db_seq_num 
_struct_ref_seq_dif.details 
_struct_ref_seq_dif.pdbx_auth_seq_num 
_struct_ref_seq_dif.pdbx_ordinal 
1 4DVD SER A 13  ? UNP P05460 CYS 13  'engineered mutation' 13  1 
1 4DVD SER A 117 ? UNP P05460 CYS 117 'engineered mutation' 117 2 
1 4DVD CYS A 123 ? UNP P05460 THR 123 'engineered mutation' 123 3 
# 
_pdbx_struct_assembly.id                   1 
_pdbx_struct_assembly.details              author_and_software_defined_assembly 
_pdbx_struct_assembly.method_details       PISA 
_pdbx_struct_assembly.oligomeric_details   dimeric 
_pdbx_struct_assembly.oligomeric_count     2 
# 
loop_
_pdbx_struct_assembly_prop.biol_id 
_pdbx_struct_assembly_prop.type 
_pdbx_struct_assembly_prop.value 
_pdbx_struct_assembly_prop.details 
1 'ABSA (A^2)' 4700  ? 
1 MORE         -51   ? 
1 'SSA (A^2)'  22090 ? 
# 
_pdbx_struct_assembly_gen.assembly_id       1 
_pdbx_struct_assembly_gen.oper_expression   1,2 
_pdbx_struct_assembly_gen.asym_id_list      A 
# 
loop_
_pdbx_struct_oper_list.id 
_pdbx_struct_oper_list.type 
_pdbx_struct_oper_list.name 
_pdbx_struct_oper_list.symmetry_operation 
_pdbx_struct_oper_list.matrix[1][1] 
_pdbx_struct_oper_list.matrix[1][2] 
_pdbx_struct_oper_list.matrix[1][3] 
_pdbx_struct_oper_list.vector[1] 
_pdbx_struct_oper_list.matrix[2][1] 
_pdbx_struct_oper_list.matrix[2][2] 
_pdbx_struct_oper_list.matrix[2][3] 
_pdbx_struct_oper_list.vector[2] 
_pdbx_struct_oper_list.matrix[3][1] 
_pdbx_struct_oper_list.matrix[3][2] 
_pdbx_struct_oper_list.matrix[3][3] 
_pdbx_struct_oper_list.vector[3] 
1 'identity operation'         1_555 x,y,z    1.0000000000  0.0000000000 0.0000000000 0.0000000000   0.0000000000 1.0000000000 0.0000000000 0.0000000000   0.0000000000 0.0000000000 1.0000000000  0.0000000000  
2 'crystal symmetry operation' 8_555 -y,-x,-z -0.8577863676 0.4924142940 0.1474134002 -10.2477694045 0.4924142940 0.7049830800 0.5104184753 -10.0931862954 0.1474134002 0.5104184753 -0.8471967124 43.6012038565 
# 
_struct_biol.id        1 
_struct_biol.details   ? 
# 
loop_
_struct_conf.conf_type_id 
_struct_conf.id 
_struct_conf.pdbx_PDB_helix_id 
_struct_conf.beg_label_comp_id 
_struct_conf.beg_label_asym_id 
_struct_conf.beg_label_seq_id 
_struct_conf.pdbx_beg_PDB_ins_code 
_struct_conf.end_label_comp_id 
_struct_conf.end_label_asym_id 
_struct_conf.end_label_seq_id 
_struct_conf.pdbx_end_PDB_ins_code 
_struct_conf.beg_auth_comp_id 
_struct_conf.beg_auth_asym_id 
_struct_conf.beg_auth_seq_id 
_struct_conf.end_auth_comp_id 
_struct_conf.end_auth_asym_id 
_struct_conf.end_auth_seq_id 
_struct_conf.pdbx_PDB_helix_class 
_struct_conf.details 
_struct_conf.pdbx_PDB_helix_length 
HELX_P HELX_P1 1 THR A 4   ? GLY A 40  ? THR A 4   GLY A 40  1 ? 37 
HELX_P HELX_P2 2 ASN A 44  ? LEU A 100 ? ASN A 44  LEU A 100 1 ? 57 
HELX_P HELX_P3 3 LEU A 100 ? MET A 105 ? LEU A 100 MET A 105 1 ? 6  
HELX_P HELX_P4 4 THR A 111 ? ALA A 135 ? THR A 111 ALA A 135 1 ? 25 
HELX_P HELX_P5 5 SER A 143 ? GLN A 145 ? SER A 143 GLN A 145 5 ? 3  
HELX_P HELX_P6 6 ASP A 146 ? GLY A 154 ? ASP A 146 GLY A 154 1 ? 9  
HELX_P HELX_P7 7 ASP A 158 ? SER A 165 ? ASP A 158 SER A 165 1 ? 8  
HELX_P HELX_P8 8 THR A 170 ? ARG A 187 ? THR A 170 ARG A 187 1 ? 18 
# 
_struct_conf_type.id          HELX_P 
_struct_conf_type.criteria    ? 
_struct_conf_type.reference   ? 
# 
_struct_conn.id                            disulf1 
_struct_conn.conn_type_id                  disulf 
_struct_conn.pdbx_leaving_atom_flag        ? 
_struct_conn.pdbx_PDB_id                   ? 
_struct_conn.ptnr1_label_asym_id           A 
_struct_conn.ptnr1_label_comp_id           CYS 
_struct_conn.ptnr1_label_seq_id            123 
_struct_conn.ptnr1_label_atom_id           SG 
_struct_conn.pdbx_ptnr1_label_alt_id       A 
_struct_conn.pdbx_ptnr1_PDB_ins_code       ? 
_struct_conn.pdbx_ptnr1_standard_comp_id   ? 
_struct_conn.ptnr1_symmetry                1_555 
_struct_conn.ptnr2_label_asym_id           A 
_struct_conn.ptnr2_label_comp_id           CYS 
_struct_conn.ptnr2_label_seq_id            123 
_struct_conn.ptnr2_label_atom_id           SG 
_struct_conn.pdbx_ptnr2_label_alt_id       A 
_struct_conn.pdbx_ptnr2_PDB_ins_code       ? 
_struct_conn.ptnr1_auth_asym_id            A 
_struct_conn.ptnr1_auth_comp_id            CYS 
_struct_conn.ptnr1_auth_seq_id             123 
_struct_conn.ptnr2_auth_asym_id            A 
_struct_conn.ptnr2_auth_comp_id            CYS 
_struct_conn.ptnr2_auth_seq_id             123 
_struct_conn.ptnr2_symmetry                8_555 
_struct_conn.pdbx_ptnr3_label_atom_id      ? 
_struct_conn.pdbx_ptnr3_label_seq_id       ? 
_struct_conn.pdbx_ptnr3_label_comp_id      ? 
_struct_conn.pdbx_ptnr3_label_asym_id      ? 
_struct_conn.pdbx_ptnr3_label_alt_id       ? 
_struct_conn.pdbx_ptnr3_PDB_ins_code       ? 
_struct_conn.details                       ? 
_struct_conn.pdbx_dist_value               2.123 
_struct_conn.pdbx_value_order              ? 
_struct_conn.pdbx_role                     ? 
# 
_struct_conn_type.id          disulf 
_struct_conn_type.criteria    ? 
_struct_conn_type.reference   ? 
# 
_pdbx_modification_feature.ordinal                            1 
_pdbx_modification_feature.label_comp_id                      CYS 
_pdbx_modification_feature.label_asym_id                      A 
_pdbx_modification_feature.label_seq_id                       123 
_pdbx_modification_feature.label_alt_id                       A 
_pdbx_modification_feature.modified_residue_label_comp_id     CYS 
_pdbx_modification_feature.modified_residue_label_asym_id     A 
_pdbx_modification_feature.modified_residue_label_seq_id      123 
_pdbx_modification_feature.modified_residue_label_alt_id      A 
_pdbx_modification_feature.auth_comp_id                       CYS 
_pdbx_modification_feature.auth_asym_id                       A 
_pdbx_modification_feature.auth_seq_id                        123 
_pdbx_modification_feature.PDB_ins_code                       ? 
_pdbx_modification_feature.symmetry                           1_555 
_pdbx_modification_feature.modified_residue_auth_comp_id      CYS 
_pdbx_modification_feature.modified_residue_auth_asym_id      A 
_pdbx_modification_feature.modified_residue_auth_seq_id       123 
_pdbx_modification_feature.modified_residue_PDB_ins_code      ? 
_pdbx_modification_feature.modified_residue_symmetry          8_555 
_pdbx_modification_feature.comp_id_linking_atom               SG 
_pdbx_modification_feature.modified_residue_id_linking_atom   SG 
_pdbx_modification_feature.modified_residue_id                . 
_pdbx_modification_feature.ref_pcm_id                         . 
_pdbx_modification_feature.ref_comp_id                        . 
_pdbx_modification_feature.type                               None 
_pdbx_modification_feature.category                           'Disulfide bridge' 
# 
_pdbx_entry_details.entry_id                   4DVD 
_pdbx_entry_details.compound_details           ? 
_pdbx_entry_details.source_details             ? 
_pdbx_entry_details.nonpolymer_details         ? 
_pdbx_entry_details.sequence_details           ? 
_pdbx_entry_details.has_ligand_of_interest     ? 
_pdbx_entry_details.has_protein_modification   Y 
# 
_pdbx_validate_symm_contact.id                1 
_pdbx_validate_symm_contact.PDB_model_num     1 
_pdbx_validate_symm_contact.auth_atom_id_1    OG 
_pdbx_validate_symm_contact.auth_asym_id_1    A 
_pdbx_validate_symm_contact.auth_comp_id_1    SER 
_pdbx_validate_symm_contact.auth_seq_id_1     189 
_pdbx_validate_symm_contact.PDB_ins_code_1    ? 
_pdbx_validate_symm_contact.label_alt_id_1    ? 
_pdbx_validate_symm_contact.site_symmetry_1   1_555 
_pdbx_validate_symm_contact.auth_atom_id_2    OG 
_pdbx_validate_symm_contact.auth_asym_id_2    A 
_pdbx_validate_symm_contact.auth_comp_id_2    SER 
_pdbx_validate_symm_contact.auth_seq_id_2     189 
_pdbx_validate_symm_contact.PDB_ins_code_2    ? 
_pdbx_validate_symm_contact.label_alt_id_2    ? 
_pdbx_validate_symm_contact.site_symmetry_2   16_445 
_pdbx_validate_symm_contact.dist              1.99 
# 
loop_
_pdbx_unobs_or_zero_occ_residues.id 
_pdbx_unobs_or_zero_occ_residues.PDB_model_num 
_pdbx_unobs_or_zero_occ_residues.polymer_flag 
_pdbx_unobs_or_zero_occ_residues.occupancy_flag 
_pdbx_unobs_or_zero_occ_residues.auth_asym_id 
_pdbx_unobs_or_zero_occ_residues.auth_comp_id 
_pdbx_unobs_or_zero_occ_residues.auth_seq_id 
_pdbx_unobs_or_zero_occ_residues.PDB_ins_code 
_pdbx_unobs_or_zero_occ_residues.label_asym_id 
_pdbx_unobs_or_zero_occ_residues.label_comp_id 
_pdbx_unobs_or_zero_occ_residues.label_seq_id 
1 1 Y 1 A MET 1 ? A MET 1 
2 1 Y 1 A GLU 2 ? A GLU 2 
3 1 Y 1 A SER 3 ? A SER 3 
# 
loop_
_chem_comp_atom.comp_id 
_chem_comp_atom.atom_id 
_chem_comp_atom.type_symbol 
_chem_comp_atom.pdbx_aromatic_flag 
_chem_comp_atom.pdbx_stereo_config 
_chem_comp_atom.pdbx_ordinal 
ALA N    N N N 1   
ALA CA   C N S 2   
ALA C    C N N 3   
ALA O    O N N 4   
ALA CB   C N N 5   
ALA OXT  O N N 6   
ALA H    H N N 7   
ALA H2   H N N 8   
ALA HA   H N N 9   
ALA HB1  H N N 10  
ALA HB2  H N N 11  
ALA HB3  H N N 12  
ALA HXT  H N N 13  
ARG N    N N N 14  
ARG CA   C N S 15  
ARG C    C N N 16  
ARG O    O N N 17  
ARG CB   C N N 18  
ARG CG   C N N 19  
ARG CD   C N N 20  
ARG NE   N N N 21  
ARG CZ   C N N 22  
ARG NH1  N N N 23  
ARG NH2  N N N 24  
ARG OXT  O N N 25  
ARG H    H N N 26  
ARG H2   H N N 27  
ARG HA   H N N 28  
ARG HB2  H N N 29  
ARG HB3  H N N 30  
ARG HG2  H N N 31  
ARG HG3  H N N 32  
ARG HD2  H N N 33  
ARG HD3  H N N 34  
ARG HE   H N N 35  
ARG HH11 H N N 36  
ARG HH12 H N N 37  
ARG HH21 H N N 38  
ARG HH22 H N N 39  
ARG HXT  H N N 40  
ASN N    N N N 41  
ASN CA   C N S 42  
ASN C    C N N 43  
ASN O    O N N 44  
ASN CB   C N N 45  
ASN CG   C N N 46  
ASN OD1  O N N 47  
ASN ND2  N N N 48  
ASN OXT  O N N 49  
ASN H    H N N 50  
ASN H2   H N N 51  
ASN HA   H N N 52  
ASN HB2  H N N 53  
ASN HB3  H N N 54  
ASN HD21 H N N 55  
ASN HD22 H N N 56  
ASN HXT  H N N 57  
ASP N    N N N 58  
ASP CA   C N S 59  
ASP C    C N N 60  
ASP O    O N N 61  
ASP CB   C N N 62  
ASP CG   C N N 63  
ASP OD1  O N N 64  
ASP OD2  O N N 65  
ASP OXT  O N N 66  
ASP H    H N N 67  
ASP H2   H N N 68  
ASP HA   H N N 69  
ASP HB2  H N N 70  
ASP HB3  H N N 71  
ASP HD2  H N N 72  
ASP HXT  H N N 73  
CYS N    N N N 74  
CYS CA   C N R 75  
CYS C    C N N 76  
CYS O    O N N 77  
CYS CB   C N N 78  
CYS SG   S N N 79  
CYS OXT  O N N 80  
CYS H    H N N 81  
CYS H2   H N N 82  
CYS HA   H N N 83  
CYS HB2  H N N 84  
CYS HB3  H N N 85  
CYS HG   H N N 86  
CYS HXT  H N N 87  
GLN N    N N N 88  
GLN CA   C N S 89  
GLN C    C N N 90  
GLN O    O N N 91  
GLN CB   C N N 92  
GLN CG   C N N 93  
GLN CD   C N N 94  
GLN OE1  O N N 95  
GLN NE2  N N N 96  
GLN OXT  O N N 97  
GLN H    H N N 98  
GLN H2   H N N 99  
GLN HA   H N N 100 
GLN HB2  H N N 101 
GLN HB3  H N N 102 
GLN HG2  H N N 103 
GLN HG3  H N N 104 
GLN HE21 H N N 105 
GLN HE22 H N N 106 
GLN HXT  H N N 107 
GLU N    N N N 108 
GLU CA   C N S 109 
GLU C    C N N 110 
GLU O    O N N 111 
GLU CB   C N N 112 
GLU CG   C N N 113 
GLU CD   C N N 114 
GLU OE1  O N N 115 
GLU OE2  O N N 116 
GLU OXT  O N N 117 
GLU H    H N N 118 
GLU H2   H N N 119 
GLU HA   H N N 120 
GLU HB2  H N N 121 
GLU HB3  H N N 122 
GLU HG2  H N N 123 
GLU HG3  H N N 124 
GLU HE2  H N N 125 
GLU HXT  H N N 126 
GLY N    N N N 127 
GLY CA   C N N 128 
GLY C    C N N 129 
GLY O    O N N 130 
GLY OXT  O N N 131 
GLY H    H N N 132 
GLY H2   H N N 133 
GLY HA2  H N N 134 
GLY HA3  H N N 135 
GLY HXT  H N N 136 
HIS N    N N N 137 
HIS CA   C N S 138 
HIS C    C N N 139 
HIS O    O N N 140 
HIS CB   C N N 141 
HIS CG   C Y N 142 
HIS ND1  N Y N 143 
HIS CD2  C Y N 144 
HIS CE1  C Y N 145 
HIS NE2  N Y N 146 
HIS OXT  O N N 147 
HIS H    H N N 148 
HIS H2   H N N 149 
HIS HA   H N N 150 
HIS HB2  H N N 151 
HIS HB3  H N N 152 
HIS HD1  H N N 153 
HIS HD2  H N N 154 
HIS HE1  H N N 155 
HIS HE2  H N N 156 
HIS HXT  H N N 157 
ILE N    N N N 158 
ILE CA   C N S 159 
ILE C    C N N 160 
ILE O    O N N 161 
ILE CB   C N S 162 
ILE CG1  C N N 163 
ILE CG2  C N N 164 
ILE CD1  C N N 165 
ILE OXT  O N N 166 
ILE H    H N N 167 
ILE H2   H N N 168 
ILE HA   H N N 169 
ILE HB   H N N 170 
ILE HG12 H N N 171 
ILE HG13 H N N 172 
ILE HG21 H N N 173 
ILE HG22 H N N 174 
ILE HG23 H N N 175 
ILE HD11 H N N 176 
ILE HD12 H N N 177 
ILE HD13 H N N 178 
ILE HXT  H N N 179 
LEU N    N N N 180 
LEU CA   C N S 181 
LEU C    C N N 182 
LEU O    O N N 183 
LEU CB   C N N 184 
LEU CG   C N N 185 
LEU CD1  C N N 186 
LEU CD2  C N N 187 
LEU OXT  O N N 188 
LEU H    H N N 189 
LEU H2   H N N 190 
LEU HA   H N N 191 
LEU HB2  H N N 192 
LEU HB3  H N N 193 
LEU HG   H N N 194 
LEU HD11 H N N 195 
LEU HD12 H N N 196 
LEU HD13 H N N 197 
LEU HD21 H N N 198 
LEU HD22 H N N 199 
LEU HD23 H N N 200 
LEU HXT  H N N 201 
LYS N    N N N 202 
LYS CA   C N S 203 
LYS C    C N N 204 
LYS O    O N N 205 
LYS CB   C N N 206 
LYS CG   C N N 207 
LYS CD   C N N 208 
LYS CE   C N N 209 
LYS NZ   N N N 210 
LYS OXT  O N N 211 
LYS H    H N N 212 
LYS H2   H N N 213 
LYS HA   H N N 214 
LYS HB2  H N N 215 
LYS HB3  H N N 216 
LYS HG2  H N N 217 
LYS HG3  H N N 218 
LYS HD2  H N N 219 
LYS HD3  H N N 220 
LYS HE2  H N N 221 
LYS HE3  H N N 222 
LYS HZ1  H N N 223 
LYS HZ2  H N N 224 
LYS HZ3  H N N 225 
LYS HXT  H N N 226 
MET N    N N N 227 
MET CA   C N S 228 
MET C    C N N 229 
MET O    O N N 230 
MET CB   C N N 231 
MET CG   C N N 232 
MET SD   S N N 233 
MET CE   C N N 234 
MET OXT  O N N 235 
MET H    H N N 236 
MET H2   H N N 237 
MET HA   H N N 238 
MET HB2  H N N 239 
MET HB3  H N N 240 
MET HG2  H N N 241 
MET HG3  H N N 242 
MET HE1  H N N 243 
MET HE2  H N N 244 
MET HE3  H N N 245 
MET HXT  H N N 246 
PHE N    N N N 247 
PHE CA   C N S 248 
PHE C    C N N 249 
PHE O    O N N 250 
PHE CB   C N N 251 
PHE CG   C Y N 252 
PHE CD1  C Y N 253 
PHE CD2  C Y N 254 
PHE CE1  C Y N 255 
PHE CE2  C Y N 256 
PHE CZ   C Y N 257 
PHE OXT  O N N 258 
PHE H    H N N 259 
PHE H2   H N N 260 
PHE HA   H N N 261 
PHE HB2  H N N 262 
PHE HB3  H N N 263 
PHE HD1  H N N 264 
PHE HD2  H N N 265 
PHE HE1  H N N 266 
PHE HE2  H N N 267 
PHE HZ   H N N 268 
PHE HXT  H N N 269 
PRO N    N N N 270 
PRO CA   C N S 271 
PRO C    C N N 272 
PRO O    O N N 273 
PRO CB   C N N 274 
PRO CG   C N N 275 
PRO CD   C N N 276 
PRO OXT  O N N 277 
PRO H    H N N 278 
PRO HA   H N N 279 
PRO HB2  H N N 280 
PRO HB3  H N N 281 
PRO HG2  H N N 282 
PRO HG3  H N N 283 
PRO HD2  H N N 284 
PRO HD3  H N N 285 
PRO HXT  H N N 286 
SER N    N N N 287 
SER CA   C N S 288 
SER C    C N N 289 
SER O    O N N 290 
SER CB   C N N 291 
SER OG   O N N 292 
SER OXT  O N N 293 
SER H    H N N 294 
SER H2   H N N 295 
SER HA   H N N 296 
SER HB2  H N N 297 
SER HB3  H N N 298 
SER HG   H N N 299 
SER HXT  H N N 300 
THR N    N N N 301 
THR CA   C N S 302 
THR C    C N N 303 
THR O    O N N 304 
THR CB   C N R 305 
THR OG1  O N N 306 
THR CG2  C N N 307 
THR OXT  O N N 308 
THR H    H N N 309 
THR H2   H N N 310 
THR HA   H N N 311 
THR HB   H N N 312 
THR HG1  H N N 313 
THR HG21 H N N 314 
THR HG22 H N N 315 
THR HG23 H N N 316 
THR HXT  H N N 317 
TRP N    N N N 318 
TRP CA   C N S 319 
TRP C    C N N 320 
TRP O    O N N 321 
TRP CB   C N N 322 
TRP CG   C Y N 323 
TRP CD1  C Y N 324 
TRP CD2  C Y N 325 
TRP NE1  N Y N 326 
TRP CE2  C Y N 327 
TRP CE3  C Y N 328 
TRP CZ2  C Y N 329 
TRP CZ3  C Y N 330 
TRP CH2  C Y N 331 
TRP OXT  O N N 332 
TRP H    H N N 333 
TRP H2   H N N 334 
TRP HA   H N N 335 
TRP HB2  H N N 336 
TRP HB3  H N N 337 
TRP HD1  H N N 338 
TRP HE1  H N N 339 
TRP HE3  H N N 340 
TRP HZ2  H N N 341 
TRP HZ3  H N N 342 
TRP HH2  H N N 343 
TRP HXT  H N N 344 
TYR N    N N N 345 
TYR CA   C N S 346 
TYR C    C N N 347 
TYR O    O N N 348 
TYR CB   C N N 349 
TYR CG   C Y N 350 
TYR CD1  C Y N 351 
TYR CD2  C Y N 352 
TYR CE1  C Y N 353 
TYR CE2  C Y N 354 
TYR CZ   C Y N 355 
TYR OH   O N N 356 
TYR OXT  O N N 357 
TYR H    H N N 358 
TYR H2   H N N 359 
TYR HA   H N N 360 
TYR HB2  H N N 361 
TYR HB3  H N N 362 
TYR HD1  H N N 363 
TYR HD2  H N N 364 
TYR HE1  H N N 365 
TYR HE2  H N N 366 
TYR HH   H N N 367 
TYR HXT  H N N 368 
VAL N    N N N 369 
VAL CA   C N S 370 
VAL C    C N N 371 
VAL O    O N N 372 
VAL CB   C N N 373 
VAL CG1  C N N 374 
VAL CG2  C N N 375 
VAL OXT  O N N 376 
VAL H    H N N 377 
VAL H2   H N N 378 
VAL HA   H N N 379 
VAL HB   H N N 380 
VAL HG11 H N N 381 
VAL HG12 H N N 382 
VAL HG13 H N N 383 
VAL HG21 H N N 384 
VAL HG22 H N N 385 
VAL HG23 H N N 386 
VAL HXT  H N N 387 
# 
loop_
_chem_comp_bond.comp_id 
_chem_comp_bond.atom_id_1 
_chem_comp_bond.atom_id_2 
_chem_comp_bond.value_order 
_chem_comp_bond.pdbx_aromatic_flag 
_chem_comp_bond.pdbx_stereo_config 
_chem_comp_bond.pdbx_ordinal 
ALA N   CA   sing N N 1   
ALA N   H    sing N N 2   
ALA N   H2   sing N N 3   
ALA CA  C    sing N N 4   
ALA CA  CB   sing N N 5   
ALA CA  HA   sing N N 6   
ALA C   O    doub N N 7   
ALA C   OXT  sing N N 8   
ALA CB  HB1  sing N N 9   
ALA CB  HB2  sing N N 10  
ALA CB  HB3  sing N N 11  
ALA OXT HXT  sing N N 12  
ARG N   CA   sing N N 13  
ARG N   H    sing N N 14  
ARG N   H2   sing N N 15  
ARG CA  C    sing N N 16  
ARG CA  CB   sing N N 17  
ARG CA  HA   sing N N 18  
ARG C   O    doub N N 19  
ARG C   OXT  sing N N 20  
ARG CB  CG   sing N N 21  
ARG CB  HB2  sing N N 22  
ARG CB  HB3  sing N N 23  
ARG CG  CD   sing N N 24  
ARG CG  HG2  sing N N 25  
ARG CG  HG3  sing N N 26  
ARG CD  NE   sing N N 27  
ARG CD  HD2  sing N N 28  
ARG CD  HD3  sing N N 29  
ARG NE  CZ   sing N N 30  
ARG NE  HE   sing N N 31  
ARG CZ  NH1  sing N N 32  
ARG CZ  NH2  doub N N 33  
ARG NH1 HH11 sing N N 34  
ARG NH1 HH12 sing N N 35  
ARG NH2 HH21 sing N N 36  
ARG NH2 HH22 sing N N 37  
ARG OXT HXT  sing N N 38  
ASN N   CA   sing N N 39  
ASN N   H    sing N N 40  
ASN N   H2   sing N N 41  
ASN CA  C    sing N N 42  
ASN CA  CB   sing N N 43  
ASN CA  HA   sing N N 44  
ASN C   O    doub N N 45  
ASN C   OXT  sing N N 46  
ASN CB  CG   sing N N 47  
ASN CB  HB2  sing N N 48  
ASN CB  HB3  sing N N 49  
ASN CG  OD1  doub N N 50  
ASN CG  ND2  sing N N 51  
ASN ND2 HD21 sing N N 52  
ASN ND2 HD22 sing N N 53  
ASN OXT HXT  sing N N 54  
ASP N   CA   sing N N 55  
ASP N   H    sing N N 56  
ASP N   H2   sing N N 57  
ASP CA  C    sing N N 58  
ASP CA  CB   sing N N 59  
ASP CA  HA   sing N N 60  
ASP C   O    doub N N 61  
ASP C   OXT  sing N N 62  
ASP CB  CG   sing N N 63  
ASP CB  HB2  sing N N 64  
ASP CB  HB3  sing N N 65  
ASP CG  OD1  doub N N 66  
ASP CG  OD2  sing N N 67  
ASP OD2 HD2  sing N N 68  
ASP OXT HXT  sing N N 69  
CYS N   CA   sing N N 70  
CYS N   H    sing N N 71  
CYS N   H2   sing N N 72  
CYS CA  C    sing N N 73  
CYS CA  CB   sing N N 74  
CYS CA  HA   sing N N 75  
CYS C   O    doub N N 76  
CYS C   OXT  sing N N 77  
CYS CB  SG   sing N N 78  
CYS CB  HB2  sing N N 79  
CYS CB  HB3  sing N N 80  
CYS SG  HG   sing N N 81  
CYS OXT HXT  sing N N 82  
GLN N   CA   sing N N 83  
GLN N   H    sing N N 84  
GLN N   H2   sing N N 85  
GLN CA  C    sing N N 86  
GLN CA  CB   sing N N 87  
GLN CA  HA   sing N N 88  
GLN C   O    doub N N 89  
GLN C   OXT  sing N N 90  
GLN CB  CG   sing N N 91  
GLN CB  HB2  sing N N 92  
GLN CB  HB3  sing N N 93  
GLN CG  CD   sing N N 94  
GLN CG  HG2  sing N N 95  
GLN CG  HG3  sing N N 96  
GLN CD  OE1  doub N N 97  
GLN CD  NE2  sing N N 98  
GLN NE2 HE21 sing N N 99  
GLN NE2 HE22 sing N N 100 
GLN OXT HXT  sing N N 101 
GLU N   CA   sing N N 102 
GLU N   H    sing N N 103 
GLU N   H2   sing N N 104 
GLU CA  C    sing N N 105 
GLU CA  CB   sing N N 106 
GLU CA  HA   sing N N 107 
GLU C   O    doub N N 108 
GLU C   OXT  sing N N 109 
GLU CB  CG   sing N N 110 
GLU CB  HB2  sing N N 111 
GLU CB  HB3  sing N N 112 
GLU CG  CD   sing N N 113 
GLU CG  HG2  sing N N 114 
GLU CG  HG3  sing N N 115 
GLU CD  OE1  doub N N 116 
GLU CD  OE2  sing N N 117 
GLU OE2 HE2  sing N N 118 
GLU OXT HXT  sing N N 119 
GLY N   CA   sing N N 120 
GLY N   H    sing N N 121 
GLY N   H2   sing N N 122 
GLY CA  C    sing N N 123 
GLY CA  HA2  sing N N 124 
GLY CA  HA3  sing N N 125 
GLY C   O    doub N N 126 
GLY C   OXT  sing N N 127 
GLY OXT HXT  sing N N 128 
HIS N   CA   sing N N 129 
HIS N   H    sing N N 130 
HIS N   H2   sing N N 131 
HIS CA  C    sing N N 132 
HIS CA  CB   sing N N 133 
HIS CA  HA   sing N N 134 
HIS C   O    doub N N 135 
HIS C   OXT  sing N N 136 
HIS CB  CG   sing N N 137 
HIS CB  HB2  sing N N 138 
HIS CB  HB3  sing N N 139 
HIS CG  ND1  sing Y N 140 
HIS CG  CD2  doub Y N 141 
HIS ND1 CE1  doub Y N 142 
HIS ND1 HD1  sing N N 143 
HIS CD2 NE2  sing Y N 144 
HIS CD2 HD2  sing N N 145 
HIS CE1 NE2  sing Y N 146 
HIS CE1 HE1  sing N N 147 
HIS NE2 HE2  sing N N 148 
HIS OXT HXT  sing N N 149 
ILE N   CA   sing N N 150 
ILE N   H    sing N N 151 
ILE N   H2   sing N N 152 
ILE CA  C    sing N N 153 
ILE CA  CB   sing N N 154 
ILE CA  HA   sing N N 155 
ILE C   O    doub N N 156 
ILE C   OXT  sing N N 157 
ILE CB  CG1  sing N N 158 
ILE CB  CG2  sing N N 159 
ILE CB  HB   sing N N 160 
ILE CG1 CD1  sing N N 161 
ILE CG1 HG12 sing N N 162 
ILE CG1 HG13 sing N N 163 
ILE CG2 HG21 sing N N 164 
ILE CG2 HG22 sing N N 165 
ILE CG2 HG23 sing N N 166 
ILE CD1 HD11 sing N N 167 
ILE CD1 HD12 sing N N 168 
ILE CD1 HD13 sing N N 169 
ILE OXT HXT  sing N N 170 
LEU N   CA   sing N N 171 
LEU N   H    sing N N 172 
LEU N   H2   sing N N 173 
LEU CA  C    sing N N 174 
LEU CA  CB   sing N N 175 
LEU CA  HA   sing N N 176 
LEU C   O    doub N N 177 
LEU C   OXT  sing N N 178 
LEU CB  CG   sing N N 179 
LEU CB  HB2  sing N N 180 
LEU CB  HB3  sing N N 181 
LEU CG  CD1  sing N N 182 
LEU CG  CD2  sing N N 183 
LEU CG  HG   sing N N 184 
LEU CD1 HD11 sing N N 185 
LEU CD1 HD12 sing N N 186 
LEU CD1 HD13 sing N N 187 
LEU CD2 HD21 sing N N 188 
LEU CD2 HD22 sing N N 189 
LEU CD2 HD23 sing N N 190 
LEU OXT HXT  sing N N 191 
LYS N   CA   sing N N 192 
LYS N   H    sing N N 193 
LYS N   H2   sing N N 194 
LYS CA  C    sing N N 195 
LYS CA  CB   sing N N 196 
LYS CA  HA   sing N N 197 
LYS C   O    doub N N 198 
LYS C   OXT  sing N N 199 
LYS CB  CG   sing N N 200 
LYS CB  HB2  sing N N 201 
LYS CB  HB3  sing N N 202 
LYS CG  CD   sing N N 203 
LYS CG  HG2  sing N N 204 
LYS CG  HG3  sing N N 205 
LYS CD  CE   sing N N 206 
LYS CD  HD2  sing N N 207 
LYS CD  HD3  sing N N 208 
LYS CE  NZ   sing N N 209 
LYS CE  HE2  sing N N 210 
LYS CE  HE3  sing N N 211 
LYS NZ  HZ1  sing N N 212 
LYS NZ  HZ2  sing N N 213 
LYS NZ  HZ3  sing N N 214 
LYS OXT HXT  sing N N 215 
MET N   CA   sing N N 216 
MET N   H    sing N N 217 
MET N   H2   sing N N 218 
MET CA  C    sing N N 219 
MET CA  CB   sing N N 220 
MET CA  HA   sing N N 221 
MET C   O    doub N N 222 
MET C   OXT  sing N N 223 
MET CB  CG   sing N N 224 
MET CB  HB2  sing N N 225 
MET CB  HB3  sing N N 226 
MET CG  SD   sing N N 227 
MET CG  HG2  sing N N 228 
MET CG  HG3  sing N N 229 
MET SD  CE   sing N N 230 
MET CE  HE1  sing N N 231 
MET CE  HE2  sing N N 232 
MET CE  HE3  sing N N 233 
MET OXT HXT  sing N N 234 
PHE N   CA   sing N N 235 
PHE N   H    sing N N 236 
PHE N   H2   sing N N 237 
PHE CA  C    sing N N 238 
PHE CA  CB   sing N N 239 
PHE CA  HA   sing N N 240 
PHE C   O    doub N N 241 
PHE C   OXT  sing N N 242 
PHE CB  CG   sing N N 243 
PHE CB  HB2  sing N N 244 
PHE CB  HB3  sing N N 245 
PHE CG  CD1  doub Y N 246 
PHE CG  CD2  sing Y N 247 
PHE CD1 CE1  sing Y N 248 
PHE CD1 HD1  sing N N 249 
PHE CD2 CE2  doub Y N 250 
PHE CD2 HD2  sing N N 251 
PHE CE1 CZ   doub Y N 252 
PHE CE1 HE1  sing N N 253 
PHE CE2 CZ   sing Y N 254 
PHE CE2 HE2  sing N N 255 
PHE CZ  HZ   sing N N 256 
PHE OXT HXT  sing N N 257 
PRO N   CA   sing N N 258 
PRO N   CD   sing N N 259 
PRO N   H    sing N N 260 
PRO CA  C    sing N N 261 
PRO CA  CB   sing N N 262 
PRO CA  HA   sing N N 263 
PRO C   O    doub N N 264 
PRO C   OXT  sing N N 265 
PRO CB  CG   sing N N 266 
PRO CB  HB2  sing N N 267 
PRO CB  HB3  sing N N 268 
PRO CG  CD   sing N N 269 
PRO CG  HG2  sing N N 270 
PRO CG  HG3  sing N N 271 
PRO CD  HD2  sing N N 272 
PRO CD  HD3  sing N N 273 
PRO OXT HXT  sing N N 274 
SER N   CA   sing N N 275 
SER N   H    sing N N 276 
SER N   H2   sing N N 277 
SER CA  C    sing N N 278 
SER CA  CB   sing N N 279 
SER CA  HA   sing N N 280 
SER C   O    doub N N 281 
SER C   OXT  sing N N 282 
SER CB  OG   sing N N 283 
SER CB  HB2  sing N N 284 
SER CB  HB3  sing N N 285 
SER OG  HG   sing N N 286 
SER OXT HXT  sing N N 287 
THR N   CA   sing N N 288 
THR N   H    sing N N 289 
THR N   H2   sing N N 290 
THR CA  C    sing N N 291 
THR CA  CB   sing N N 292 
THR CA  HA   sing N N 293 
THR C   O    doub N N 294 
THR C   OXT  sing N N 295 
THR CB  OG1  sing N N 296 
THR CB  CG2  sing N N 297 
THR CB  HB   sing N N 298 
THR OG1 HG1  sing N N 299 
THR CG2 HG21 sing N N 300 
THR CG2 HG22 sing N N 301 
THR CG2 HG23 sing N N 302 
THR OXT HXT  sing N N 303 
TRP N   CA   sing N N 304 
TRP N   H    sing N N 305 
TRP N   H2   sing N N 306 
TRP CA  C    sing N N 307 
TRP CA  CB   sing N N 308 
TRP CA  HA   sing N N 309 
TRP C   O    doub N N 310 
TRP C   OXT  sing N N 311 
TRP CB  CG   sing N N 312 
TRP CB  HB2  sing N N 313 
TRP CB  HB3  sing N N 314 
TRP CG  CD1  doub Y N 315 
TRP CG  CD2  sing Y N 316 
TRP CD1 NE1  sing Y N 317 
TRP CD1 HD1  sing N N 318 
TRP CD2 CE2  doub Y N 319 
TRP CD2 CE3  sing Y N 320 
TRP NE1 CE2  sing Y N 321 
TRP NE1 HE1  sing N N 322 
TRP CE2 CZ2  sing Y N 323 
TRP CE3 CZ3  doub Y N 324 
TRP CE3 HE3  sing N N 325 
TRP CZ2 CH2  doub Y N 326 
TRP CZ2 HZ2  sing N N 327 
TRP CZ3 CH2  sing Y N 328 
TRP CZ3 HZ3  sing N N 329 
TRP CH2 HH2  sing N N 330 
TRP OXT HXT  sing N N 331 
TYR N   CA   sing N N 332 
TYR N   H    sing N N 333 
TYR N   H2   sing N N 334 
TYR CA  C    sing N N 335 
TYR CA  CB   sing N N 336 
TYR CA  HA   sing N N 337 
TYR C   O    doub N N 338 
TYR C   OXT  sing N N 339 
TYR CB  CG   sing N N 340 
TYR CB  HB2  sing N N 341 
TYR CB  HB3  sing N N 342 
TYR CG  CD1  doub Y N 343 
TYR CG  CD2  sing Y N 344 
TYR CD1 CE1  sing Y N 345 
TYR CD1 HD1  sing N N 346 
TYR CD2 CE2  doub Y N 347 
TYR CD2 HD2  sing N N 348 
TYR CE1 CZ   doub Y N 349 
TYR CE1 HE1  sing N N 350 
TYR CE2 CZ   sing Y N 351 
TYR CE2 HE2  sing N N 352 
TYR CZ  OH   sing N N 353 
TYR OH  HH   sing N N 354 
TYR OXT HXT  sing N N 355 
VAL N   CA   sing N N 356 
VAL N   H    sing N N 357 
VAL N   H2   sing N N 358 
VAL CA  C    sing N N 359 
VAL CA  CB   sing N N 360 
VAL CA  HA   sing N N 361 
VAL C   O    doub N N 362 
VAL C   OXT  sing N N 363 
VAL CB  CG1  sing N N 364 
VAL CB  CG2  sing N N 365 
VAL CB  HB   sing N N 366 
VAL CG1 HG11 sing N N 367 
VAL CG1 HG12 sing N N 368 
VAL CG1 HG13 sing N N 369 
VAL CG2 HG21 sing N N 370 
VAL CG2 HG22 sing N N 371 
VAL CG2 HG23 sing N N 372 
VAL OXT HXT  sing N N 373 
# 
_pdbx_initial_refinement_model.id               1 
_pdbx_initial_refinement_model.entity_id_list   ? 
_pdbx_initial_refinement_model.type             'experimental model' 
_pdbx_initial_refinement_model.source_name      PDB 
_pdbx_initial_refinement_model.accession_code   3RX6 
_pdbx_initial_refinement_model.details          ? 
# 
_atom_sites.entry_id                    4DVD 
_atom_sites.fract_transf_matrix[1][1]   0.00146001 
_atom_sites.fract_transf_matrix[1][2]   0.00295672 
_atom_sites.fract_transf_matrix[1][3]   0.00581395 
_atom_sites.fract_transf_matrix[2][1]   -0.00106061 
_atom_sites.fract_transf_matrix[2][2]   -0.00577091 
_atom_sites.fract_transf_matrix[2][3]   0.00320117 
_atom_sites.fract_transf_matrix[3][1]   0.01535672 
_atom_sites.fract_transf_matrix[3][2]   -0.00386984 
_atom_sites.fract_transf_matrix[3][3]   -0.00188838 
_atom_sites.fract_transf_vector[1]      -0.359118 
_atom_sites.fract_transf_vector[2]      0.150427 
_atom_sites.fract_transf_vector[3]      0.100324 
# 
loop_
_atom_type.symbol 
C 
N 
O 
S 
# 
loop_
_atom_site.group_PDB 
_atom_site.id 
_atom_site.type_symbol 
_atom_site.label_atom_id 
_atom_site.label_alt_id 
_atom_site.label_comp_id 
_atom_site.label_asym_id 
_atom_site.label_entity_id 
_atom_site.label_seq_id 
_atom_site.pdbx_PDB_ins_code 
_atom_site.Cartn_x 
_atom_site.Cartn_y 
_atom_site.Cartn_z 
_atom_site.occupancy 
_atom_site.B_iso_or_equiv 
_atom_site.pdbx_formal_charge 
_atom_site.auth_seq_id 
_atom_site.auth_comp_id 
_atom_site.auth_asym_id 
_atom_site.auth_atom_id 
_atom_site.pdbx_PDB_model_num 
ATOM 1    N N   . THR A 1 4   ? 15.277  10.080  6.590   1.00 45.86  ? 4   THR A N   1 
ATOM 2    C CA  . THR A 1 4   ? 14.576  9.057   7.372   1.00 69.59  ? 4   THR A CA  1 
ATOM 3    C C   . THR A 1 4   ? 13.837  8.044   6.484   1.00 61.95  ? 4   THR A C   1 
ATOM 4    O O   . THR A 1 4   ? 13.504  8.330   5.333   1.00 59.28  ? 4   THR A O   1 
ATOM 5    C CB  . THR A 1 4   ? 13.539  9.652   8.400   1.00 79.71  ? 4   THR A CB  1 
ATOM 6    O OG1 . THR A 1 4   ? 12.360  10.127  7.719   1.00 65.63  ? 4   THR A OG1 1 
ATOM 7    C CG2 . THR A 1 4   ? 14.157  10.764  9.274   1.00 73.43  ? 4   THR A CG2 1 
ATOM 8    N N   . ALA A 1 5   ? 13.557  6.874   7.053   1.00 63.91  ? 5   ALA A N   1 
ATOM 9    C CA  . ALA A 1 5   ? 12.770  5.828   6.396   1.00 59.44  ? 5   ALA A CA  1 
ATOM 10   C C   . ALA A 1 5   ? 11.383  6.275   5.892   1.00 55.97  ? 5   ALA A C   1 
ATOM 11   O O   . ALA A 1 5   ? 10.903  5.759   4.879   1.00 50.71  ? 5   ALA A O   1 
ATOM 12   C CB  . ALA A 1 5   ? 12.639  4.600   7.319   1.00 54.79  ? 5   ALA A CB  1 
ATOM 13   N N   . LEU A 1 6   ? 10.742  7.219   6.589   1.00 60.90  ? 6   LEU A N   1 
ATOM 14   C CA  . LEU A 1 6   ? 9.393   7.677   6.220   1.00 62.28  ? 6   LEU A CA  1 
ATOM 15   C C   . LEU A 1 6   ? 9.413   8.547   4.961   1.00 60.03  ? 6   LEU A C   1 
ATOM 16   O O   . LEU A 1 6   ? 8.498   8.492   4.126   1.00 53.14  ? 6   LEU A O   1 
ATOM 17   C CB  . LEU A 1 6   ? 8.720   8.453   7.370   1.00 67.24  ? 6   LEU A CB  1 
ATOM 18   C CG  . LEU A 1 6   ? 7.300   8.952   7.041   1.00 56.61  ? 6   LEU A CG  1 
ATOM 19   C CD1 . LEU A 1 6   ? 6.279   7.814   7.146   1.00 47.51  ? 6   LEU A CD1 1 
ATOM 20   C CD2 . LEU A 1 6   ? 6.894   10.166  7.885   1.00 52.05  ? 6   LEU A CD2 1 
ATOM 21   N N   . GLN A 1 7   ? 10.457  9.366   4.845   1.00 59.63  ? 7   GLN A N   1 
ATOM 22   C CA  . GLN A 1 7   ? 10.661  10.180  3.655   1.00 55.92  ? 7   GLN A CA  1 
ATOM 23   C C   . GLN A 1 7   ? 10.899  9.267   2.440   1.00 55.31  ? 7   GLN A C   1 
ATOM 24   O O   . GLN A 1 7   ? 10.339  9.480   1.364   1.00 52.88  ? 7   GLN A O   1 
ATOM 25   C CB  . GLN A 1 7   ? 11.845  11.119  3.877   1.00 58.49  ? 7   GLN A CB  1 
ATOM 26   C CG  . GLN A 1 7   ? 12.219  11.947  2.663   1.00 70.90  ? 7   GLN A CG  1 
ATOM 27   C CD  . GLN A 1 7   ? 11.139  12.939  2.237   1.00 71.88  ? 7   GLN A CD  1 
ATOM 28   O OE1 . GLN A 1 7   ? 10.454  13.535  3.076   1.00 83.37  ? 7   GLN A OE1 1 
ATOM 29   N NE2 . GLN A 1 7   ? 10.995  13.132  0.923   1.00 72.08  ? 7   GLN A NE2 1 
ATOM 30   N N   . GLN A 1 8   ? 11.717  8.236   2.625   1.00 45.22  ? 8   GLN A N   1 
ATOM 31   C CA  . GLN A 1 8   ? 11.968  7.271   1.567   1.00 47.62  ? 8   GLN A CA  1 
ATOM 32   C C   . GLN A 1 8   ? 10.698  6.523   1.171   1.00 41.44  ? 8   GLN A C   1 
ATOM 33   O O   . GLN A 1 8   ? 10.360  6.406   -0.011  1.00 40.71  ? 8   GLN A O   1 
ATOM 34   C CB  . GLN A 1 8   ? 13.032  6.276   2.009   1.00 44.37  ? 8   GLN A CB  1 
ATOM 35   C CG  . GLN A 1 8   ? 14.428  6.855   2.150   1.00 38.79  ? 8   GLN A CG  1 
ATOM 36   C CD  . GLN A 1 8   ? 15.415  5.829   2.666   1.00 55.37  ? 8   GLN A CD  1 
ATOM 37   O OE1 . GLN A 1 8   ? 15.040  4.874   3.369   1.00 49.43  ? 8   GLN A OE1 1 
ATOM 38   N NE2 . GLN A 1 8   ? 16.686  6.002   2.306   1.00 58.72  ? 8   GLN A NE2 1 
ATOM 39   N N   . ALA A 1 9   ? 10.012  6.018   2.182   1.00 41.75  ? 9   ALA A N   1 
ATOM 40   C CA  . ALA A 1 9   ? 8.796   5.248   2.002   1.00 47.59  ? 9   ALA A CA  1 
ATOM 41   C C   . ALA A 1 9   ? 7.725   6.012   1.223   1.00 50.32  ? 9   ALA A C   1 
ATOM 42   O O   . ALA A 1 9   ? 6.922   5.396   0.490   1.00 44.88  ? 9   ALA A O   1 
ATOM 43   C CB  . ALA A 1 9   ? 8.254   4.841   3.369   1.00 44.68  ? 9   ALA A CB  1 
ATOM 44   N N   . PHE A 1 10  ? 7.716   7.340   1.415   1.00 43.51  ? 10  PHE A N   1 
ATOM 45   C CA  . PHE A 1 10  ? 6.745   8.254   0.794   1.00 44.53  ? 10  PHE A CA  1 
ATOM 46   C C   . PHE A 1 10  ? 7.063   8.392   -0.670  1.00 48.19  ? 10  PHE A C   1 
ATOM 47   O O   . PHE A 1 10  ? 6.182   8.326   -1.542  1.00 43.72  ? 10  PHE A O   1 
ATOM 48   C CB  . PHE A 1 10  ? 6.829   9.649   1.442   1.00 43.37  ? 10  PHE A CB  1 
ATOM 49   C CG  . PHE A 1 10  ? 6.130   10.755  0.656   1.00 51.50  ? 10  PHE A CG  1 
ATOM 50   C CD1 . PHE A 1 10  ? 4.745   10.774  0.515   1.00 60.35  ? 10  PHE A CD1 1 
ATOM 51   C CD2 . PHE A 1 10  ? 6.852   11.796  0.094   1.00 54.80  ? 10  PHE A CD2 1 
ATOM 52   C CE1 . PHE A 1 10  ? 4.100   11.796  -0.196  1.00 52.97  ? 10  PHE A CE1 1 
ATOM 53   C CE2 . PHE A 1 10  ? 6.211   12.822  -0.616  1.00 57.52  ? 10  PHE A CE2 1 
ATOM 54   C CZ  . PHE A 1 10  ? 4.835   12.817  -0.759  1.00 51.92  ? 10  PHE A CZ  1 
ATOM 55   N N   . ASP A 1 11  ? 8.352   8.610   -0.911  1.00 51.28  ? 11  ASP A N   1 
ATOM 56   C CA  . ASP A 1 11  ? 8.893   8.813   -2.236  1.00 41.71  ? 11  ASP A CA  1 
ATOM 57   C C   . ASP A 1 11  ? 8.672   7.580   -3.090  1.00 41.34  ? 11  ASP A C   1 
ATOM 58   O O   . ASP A 1 11  ? 8.419   7.670   -4.283  1.00 43.77  ? 11  ASP A O   1 
ATOM 59   C CB  . ASP A 1 11  ? 10.382  9.114   -2.127  1.00 49.26  ? 11  ASP A CB  1 
ATOM 60   C CG  . ASP A 1 11  ? 10.661  10.513  -1.606  1.00 48.48  ? 11  ASP A CG  1 
ATOM 61   O OD1 . ASP A 1 11  ? 9.935   11.461  -1.982  1.00 42.22  ? 11  ASP A OD1 1 
ATOM 62   O OD2 . ASP A 1 11  ? 11.633  10.662  -0.836  1.00 49.25  ? 11  ASP A OD2 1 
ATOM 63   N N   . THR A 1 12  ? 8.764   6.423   -2.461  1.00 43.25  ? 12  THR A N   1 
ATOM 64   C CA  . THR A 1 12  ? 8.675   5.168   -3.171  1.00 37.66  ? 12  THR A CA  1 
ATOM 65   C C   . THR A 1 12  ? 7.226   4.955   -3.478  1.00 41.93  ? 12  THR A C   1 
ATOM 66   O O   . THR A 1 12  ? 6.864   4.401   -4.505  1.00 46.30  ? 12  THR A O   1 
ATOM 67   C CB  . THR A 1 12  ? 9.183   4.049   -2.289  1.00 33.08  ? 12  THR A CB  1 
ATOM 68   O OG1 . THR A 1 12  ? 10.612  4.183   -2.166  1.00 45.94  ? 12  THR A OG1 1 
ATOM 69   C CG2 . THR A 1 12  ? 8.796   2.690   -2.861  1.00 32.60  ? 12  THR A CG2 1 
ATOM 70   N N   . SER A 1 13  ? 6.382   5.424   -2.584  1.00 46.86  ? 13  SER A N   1 
ATOM 71   C CA  . SER A 1 13  ? 4.955   5.339   -2.808  1.00 45.90  ? 13  SER A CA  1 
ATOM 72   C C   . SER A 1 13  ? 4.430   6.159   -4.016  1.00 47.59  ? 13  SER A C   1 
ATOM 73   O O   . SER A 1 13  ? 4.007   5.592   -5.018  1.00 39.35  ? 13  SER A O   1 
ATOM 74   C CB  . SER A 1 13  ? 4.215   5.754   -1.534  1.00 45.73  ? 13  SER A CB  1 
ATOM 75   O OG  . SER A 1 13  ? 2.812   5.705   -1.721  1.00 42.87  ? 13  SER A OG  1 
ATOM 76   N N   . GLN A 1 14  ? 4.478   7.490   -3.917  1.00 48.53  ? 14  GLN A N   1 
ATOM 77   C CA  . GLN A 1 14  ? 4.041   8.336   -5.014  1.00 52.22  ? 14  GLN A CA  1 
ATOM 78   C C   . GLN A 1 14  ? 4.645   7.893   -6.374  1.00 43.85  ? 14  GLN A C   1 
ATOM 79   O O   . GLN A 1 14  ? 4.086   8.051   -7.454  1.00 50.74  ? 14  GLN A O   1 
ATOM 80   C CB  . GLN A 1 14  ? 4.509   9.760   -4.715  1.00 41.40  ? 14  GLN A CB  1 
ATOM 81   C CG  . GLN A 1 14  ? 3.887   10.366  -3.472  1.00 53.54  ? 14  GLN A CG  1 
ATOM 82   C CD  . GLN A 1 14  ? 2.375   10.565  -3.603  1.00 56.92  ? 14  GLN A CD  1 
ATOM 83   O OE1 . GLN A 1 14  ? 1.573   9.766   -3.104  1.00 59.12  ? 14  GLN A OE1 1 
ATOM 84   N NE2 . GLN A 1 14  ? 1.981   11.668  -4.247  1.00 50.36  ? 14  GLN A NE2 1 
ATOM 85   N N   . ASN A 1 15  ? 5.789   7.245   -6.259  1.00 38.80  ? 15  ASN A N   1 
ATOM 86   C CA  . ASN A 1 15  ? 6.494   6.683   -7.394  1.00 40.84  ? 15  ASN A CA  1 
ATOM 87   C C   . ASN A 1 15  ? 5.672   5.493   -7.877  1.00 40.37  ? 15  ASN A C   1 
ATOM 88   O O   . ASN A 1 15  ? 5.262   5.450   -9.031  1.00 39.79  ? 15  ASN A O   1 
ATOM 89   C CB  . ASN A 1 15  ? 7.941   6.274   -7.098  1.00 45.16  ? 15  ASN A CB  1 
ATOM 90   C CG  . ASN A 1 15  ? 8.580   5.504   -8.219  1.00 48.50  ? 15  ASN A CG  1 
ATOM 91   O OD1 . ASN A 1 15  ? 8.767   4.293   -8.101  1.00 50.72  ? 15  ASN A OD1 1 
ATOM 92   N ND2 . ASN A 1 15  ? 8.942   6.198   -9.306  1.00 35.75  ? 15  ASN A ND2 1 
ATOM 93   N N   . ASN A 1 16  ? 5.423   4.523   -7.007  1.00 43.42  ? 16  ASN A N   1 
ATOM 94   C CA  . ASN A 1 16  ? 4.652   3.347   -7.415  1.00 37.96  ? 16  ASN A CA  1 
ATOM 95   C C   . ASN A 1 16  ? 3.251   3.719   -7.912  1.00 37.28  ? 16  ASN A C   1 
ATOM 96   O O   . ASN A 1 16  ? 2.642   2.950   -8.653  1.00 38.31  ? 16  ASN A O   1 
ATOM 97   C CB  . ASN A 1 16  ? 4.513   2.315   -6.272  1.00 40.88  ? 16  ASN A CB  1 
ATOM 98   C CG  . ASN A 1 16  ? 5.845   1.875   -5.680  1.00 34.69  ? 16  ASN A CG  1 
ATOM 99   O OD1 . ASN A 1 16  ? 5.901   1.422   -4.540  1.00 35.40  ? 16  ASN A OD1 1 
ATOM 100  N ND2 . ASN A 1 16  ? 6.914   2.004   -6.447  1.00 39.36  ? 16  ASN A ND2 1 
ATOM 101  N N   . LYS A 1 17  ? 2.726   4.871   -7.480  1.00 35.13  ? 17  LYS A N   1 
ATOM 102  C CA  . LYS A 1 17  ? 1.394   5.311   -7.904  1.00 34.82  ? 17  LYS A CA  1 
ATOM 103  C C   . LYS A 1 17  ? 1.479   5.729   -9.356  1.00 34.13  ? 17  LYS A C   1 
ATOM 104  O O   . LYS A 1 17  ? 0.726   5.251   -10.212 1.00 34.18  ? 17  LYS A O   1 
ATOM 105  C CB  . LYS A 1 17  ? 0.926   6.496   -7.063  1.00 39.06  ? 17  LYS A CB  1 
ATOM 106  C CG  . LYS A 1 17  ? -0.542  6.889   -7.275  1.00 30.25  ? 17  LYS A CG  1 
ATOM 107  C CD  . LYS A 1 17  ? -0.898  8.113   -6.448  1.00 37.80  ? 17  LYS A CD  1 
ATOM 108  C CE  . LYS A 1 17  ? -2.384  8.427   -6.498  1.00 51.33  ? 17  LYS A CE  1 
ATOM 109  N NZ  . LYS A 1 17  ? -2.681  9.822   -6.042  1.00 47.98  ? 17  LYS A NZ  1 
ATOM 110  N N   . ALA A 1 18  ? 2.422   6.634   -9.600  1.00 33.25  ? 18  ALA A N   1 
ATOM 111  C CA  . ALA A 1 18  ? 2.804   7.123   -10.913 1.00 27.83  ? 18  ALA A CA  1 
ATOM 112  C C   . ALA A 1 18  ? 3.057   6.000   -11.915 1.00 32.23  ? 18  ALA A C   1 
ATOM 113  O O   . ALA A 1 18  ? 2.727   6.107   -13.107 1.00 32.95  ? 18  ALA A O   1 
ATOM 114  C CB  . ALA A 1 18  ? 4.045   7.948   -10.766 1.00 24.27  ? 18  ALA A CB  1 
ATOM 115  N N   . ALA A 1 19  ? 3.677   4.936   -11.416 1.00 33.34  ? 19  ALA A N   1 
ATOM 116  C CA  . ALA A 1 19  ? 3.993   3.740   -12.186 1.00 27.84  ? 19  ALA A CA  1 
ATOM 117  C C   . ALA A 1 19  ? 2.737   2.971   -12.559 1.00 32.46  ? 19  ALA A C   1 
ATOM 118  O O   . ALA A 1 19  ? 2.579   2.520   -13.687 1.00 38.21  ? 19  ALA A O   1 
ATOM 119  C CB  . ALA A 1 19  ? 4.886   2.857   -11.372 1.00 27.84  ? 19  ALA A CB  1 
ATOM 120  N N   . TRP A 1 20  ? 1.864   2.797   -11.574 1.00 34.61  ? 20  TRP A N   1 
ATOM 121  C CA  . TRP A 1 20  ? 0.589   2.132   -11.755 1.00 34.88  ? 20  TRP A CA  1 
ATOM 122  C C   . TRP A 1 20  ? -0.233  2.909   -12.791 1.00 38.46  ? 20  TRP A C   1 
ATOM 123  O O   . TRP A 1 20  ? -0.854  2.312   -13.687 1.00 34.54  ? 20  TRP A O   1 
ATOM 124  C CB  . TRP A 1 20  ? -0.123  2.051   -10.403 1.00 38.41  ? 20  TRP A CB  1 
ATOM 125  C CG  . TRP A 1 20  ? -1.583  1.767   -10.503 1.00 36.86  ? 20  TRP A CG  1 
ATOM 126  C CD1 . TRP A 1 20  ? -2.165  0.709   -11.135 1.00 39.22  ? 20  TRP A CD1 1 
ATOM 127  C CD2 . TRP A 1 20  ? -2.648  2.554   -9.963  1.00 32.44  ? 20  TRP A CD2 1 
ATOM 128  N NE1 . TRP A 1 20  ? -3.534  0.791   -11.031 1.00 41.81  ? 20  TRP A NE1 1 
ATOM 129  C CE2 . TRP A 1 20  ? -3.858  1.915   -10.322 1.00 36.73  ? 20  TRP A CE2 1 
ATOM 130  C CE3 . TRP A 1 20  ? -2.705  3.735   -9.229  1.00 35.43  ? 20  TRP A CE3 1 
ATOM 131  C CZ2 . TRP A 1 20  ? -5.107  2.418   -9.952  1.00 39.35  ? 20  TRP A CZ2 1 
ATOM 132  C CZ3 . TRP A 1 20  ? -3.943  4.242   -8.871  1.00 36.96  ? 20  TRP A CZ3 1 
ATOM 133  C CH2 . TRP A 1 20  ? -5.128  3.579   -9.223  1.00 37.13  ? 20  TRP A CH2 1 
ATOM 134  N N   . LEU A 1 21  ? -0.216  4.237   -12.689 1.00 30.54  ? 21  LEU A N   1 
ATOM 135  C CA  . LEU A 1 21  ? -0.977  5.056   -13.614 1.00 29.00  ? 21  LEU A CA  1 
ATOM 136  C C   . LEU A 1 21  ? -0.376  5.042   -15.025 1.00 36.80  ? 21  LEU A C   1 
ATOM 137  O O   . LEU A 1 21  ? -1.111  5.028   -16.014 1.00 38.22  ? 21  LEU A O   1 
ATOM 138  C CB  . LEU A 1 21  ? -1.098  6.477   -13.093 1.00 30.89  ? 21  LEU A CB  1 
ATOM 139  C CG  . LEU A 1 21  ? -1.916  6.642   -11.816 1.00 34.39  ? 21  LEU A CG  1 
ATOM 140  C CD1 . LEU A 1 21  ? -1.962  8.084   -11.375 1.00 29.60  ? 21  LEU A CD1 1 
ATOM 141  C CD2 . LEU A 1 21  ? -3.334  6.090   -11.979 1.00 34.03  ? 21  LEU A CD2 1 
ATOM 142  N N   . GLN A 1 22  ? 0.951   5.040   -15.124 1.00 34.97  ? 22  GLN A N   1 
ATOM 143  C CA  . GLN A 1 22  ? 1.606   4.874   -16.420 1.00 37.98  ? 22  GLN A CA  1 
ATOM 144  C C   . GLN A 1 22  ? 1.200   3.581   -17.114 1.00 36.15  ? 22  GLN A C   1 
ATOM 145  O O   . GLN A 1 22  ? 0.923   3.539   -18.314 1.00 35.73  ? 22  GLN A O   1 
ATOM 146  C CB  . GLN A 1 22  ? 3.108   4.843   -16.260 1.00 38.10  ? 22  GLN A CB  1 
ATOM 147  C CG  . GLN A 1 22  ? 3.837   4.583   -17.562 1.00 48.69  ? 22  GLN A CG  1 
ATOM 148  C CD  . GLN A 1 22  ? 5.230   3.990   -17.334 1.00 67.82  ? 22  GLN A CD  1 
ATOM 149  O OE1 . GLN A 1 22  ? 6.095   4.601   -16.667 1.00 84.92  ? 22  GLN A OE1 1 
ATOM 150  N NE2 . GLN A 1 22  ? 5.451   2.781   -17.874 1.00 60.59  ? 22  GLN A NE2 1 
ATOM 151  N N   . ARG A 1 23  ? 1.204   2.501   -16.355 1.00 37.27  ? 23  ARG A N   1 
ATOM 152  C CA  . ARG A 1 23  ? 0.887   1.205   -16.933 1.00 41.47  ? 23  ARG A CA  1 
ATOM 153  C C   . ARG A 1 23  ? -0.528  1.231   -17.484 1.00 38.91  ? 23  ARG A C   1 
ATOM 154  O O   . ARG A 1 23  ? -0.788  0.756   -18.591 1.00 37.68  ? 23  ARG A O   1 
ATOM 155  C CB  . ARG A 1 23  ? 1.079   0.081   -15.904 1.00 43.04  ? 23  ARG A CB  1 
ATOM 156  C CG  . ARG A 1 23  ? 2.540   -0.179  -15.545 1.00 36.05  ? 23  ARG A CG  1 
ATOM 157  C CD  . ARG A 1 23  ? 3.404   -0.370  -16.802 1.00 38.76  ? 23  ARG A CD  1 
ATOM 158  N NE  . ARG A 1 23  ? 4.650   -1.085  -16.494 1.00 52.78  ? 23  ARG A NE  1 
ATOM 159  C CZ  . ARG A 1 23  ? 5.807   -0.921  -17.131 1.00 51.61  ? 23  ARG A CZ  1 
ATOM 160  N NH1 . ARG A 1 23  ? 5.914   -0.049  -18.132 1.00 58.78  ? 23  ARG A NH1 1 
ATOM 161  N NH2 . ARG A 1 23  ? 6.864   -1.624  -16.755 1.00 38.42  ? 23  ARG A NH2 1 
ATOM 162  N N   . LYS A 1 24  ? -1.434  1.823   -16.712 1.00 42.07  ? 24  LYS A N   1 
ATOM 163  C CA  . LYS A 1 24  ? -2.818  1.986   -17.144 1.00 42.01  ? 24  LYS A CA  1 
ATOM 164  C C   . LYS A 1 24  ? -2.933  2.745   -18.460 1.00 34.83  ? 24  LYS A C   1 
ATOM 165  O O   . LYS A 1 24  ? -3.676  2.332   -19.350 1.00 30.89  ? 24  LYS A O   1 
ATOM 166  C CB  . LYS A 1 24  ? -3.622  2.682   -16.062 1.00 41.39  ? 24  LYS A CB  1 
ATOM 167  C CG  . LYS A 1 24  ? -3.957  1.800   -14.888 1.00 38.86  ? 24  LYS A CG  1 
ATOM 168  C CD  . LYS A 1 24  ? -4.904  2.542   -13.951 1.00 40.70  ? 24  LYS A CD  1 
ATOM 169  C CE  . LYS A 1 24  ? -6.345  2.406   -14.425 1.00 35.54  ? 24  LYS A CE  1 
ATOM 170  N NZ  . LYS A 1 24  ? -6.740  0.970   -14.512 1.00 44.28  ? 24  LYS A NZ  1 
ATOM 171  N N   . ASN A 1 25  ? -2.211  3.859   -18.555 1.00 34.57  ? 25  ASN A N   1 
ATOM 172  C CA  . ASN A 1 25  ? -2.067  4.618   -19.794 1.00 40.88  ? 25  ASN A CA  1 
ATOM 173  C C   . ASN A 1 25  ? -1.673  3.790   -20.993 1.00 46.24  ? 25  ASN A C   1 
ATOM 174  O O   . ASN A 1 25  ? -2.313  3.847   -22.060 1.00 43.18  ? 25  ASN A O   1 
ATOM 175  C CB  . ASN A 1 25  ? -0.985  5.649   -19.626 1.00 32.83  ? 25  ASN A CB  1 
ATOM 176  C CG  . ASN A 1 25  ? -1.527  7.002   -19.652 1.00 50.65  ? 25  ASN A CG  1 
ATOM 177  O OD1 . ASN A 1 25  ? -1.890  7.496   -20.717 1.00 62.89  ? 25  ASN A OD1 1 
ATOM 178  N ND2 . ASN A 1 25  ? -1.654  7.623   -18.473 1.00 64.55  ? 25  ASN A ND2 1 
ATOM 179  N N   . GLU A 1 26  ? -0.586  3.046   -20.794 1.00 33.18  ? 26  GLU A N   1 
ATOM 180  C CA  . GLU A 1 26  ? 0.033   2.252   -21.816 1.00 28.54  ? 26  GLU A CA  1 
ATOM 181  C C   . GLU A 1 26  ? -0.923  1.184   -22.293 1.00 35.81  ? 26  GLU A C   1 
ATOM 182  O O   . GLU A 1 26  ? -0.967  0.862   -23.478 1.00 41.37  ? 26  GLU A O   1 
ATOM 183  C CB  . GLU A 1 26  ? 1.272   1.585   -21.241 1.00 36.23  ? 26  GLU A CB  1 
ATOM 184  C CG  . GLU A 1 26  ? 2.346   2.541   -20.775 1.00 34.82  ? 26  GLU A CG  1 
ATOM 185  C CD  . GLU A 1 26  ? 3.613   1.834   -20.333 1.00 35.35  ? 26  GLU A CD  1 
ATOM 186  O OE1 . GLU A 1 26  ? 3.560   0.632   -19.993 1.00 37.11  ? 26  GLU A OE1 1 
ATOM 187  O OE2 . GLU A 1 26  ? 4.666   2.498   -20.321 1.00 38.99  ? 26  GLU A OE2 1 
ATOM 188  N N   . LEU A 1 27  ? -1.670  0.605   -21.357 1.00 38.23  ? 27  LEU A N   1 
ATOM 189  C CA  . LEU A 1 27  ? -2.675  -0.414  -21.684 1.00 35.93  ? 27  LEU A CA  1 
ATOM 190  C C   . LEU A 1 27  ? -3.727  0.205   -22.600 1.00 35.55  ? 27  LEU A C   1 
ATOM 191  O O   . LEU A 1 27  ? -4.093  -0.364  -23.623 1.00 33.59  ? 27  LEU A O   1 
ATOM 192  C CB  . LEU A 1 27  ? -3.323  -0.955  -20.404 1.00 27.57  ? 27  LEU A CB  1 
ATOM 193  C CG  . LEU A 1 27  ? -4.449  -1.974  -20.549 1.00 29.55  ? 27  LEU A CG  1 
ATOM 194  C CD1 . LEU A 1 27  ? -4.063  -3.048  -21.544 1.00 30.90  ? 27  LEU A CD1 1 
ATOM 195  C CD2 . LEU A 1 27  ? -4.819  -2.569  -19.201 1.00 21.27  ? 27  LEU A CD2 1 
ATOM 196  N N   . ALA A 1 28  ? -4.195  1.386   -22.215 1.00 33.04  ? 28  ALA A N   1 
ATOM 197  C CA  . ALA A 1 28  ? -5.136  2.156   -22.991 1.00 28.42  ? 28  ALA A CA  1 
ATOM 198  C C   . ALA A 1 28  ? -4.611  2.402   -24.396 1.00 38.94  ? 28  ALA A C   1 
ATOM 199  O O   . ALA A 1 28  ? -5.348  2.287   -25.397 1.00 38.99  ? 28  ALA A O   1 
ATOM 200  C CB  . ALA A 1 28  ? -5.379  3.474   -22.303 1.00 27.51  ? 28  ALA A CB  1 
ATOM 201  N N   . ALA A 1 29  ? -3.340  2.781   -24.468 1.00 38.83  ? 29  ALA A N   1 
ATOM 202  C CA  . ALA A 1 29  ? -2.706  3.141   -25.734 1.00 36.18  ? 29  ALA A CA  1 
ATOM 203  C C   . ALA A 1 29  ? -2.771  1.982   -26.711 1.00 36.85  ? 29  ALA A C   1 
ATOM 204  O O   . ALA A 1 29  ? -3.051  2.146   -27.901 1.00 39.99  ? 29  ALA A O   1 
ATOM 205  C CB  . ALA A 1 29  ? -1.264  3.522   -25.490 1.00 30.51  ? 29  ALA A CB  1 
ATOM 206  N N   . ALA A 1 30  ? -2.485  0.807   -26.171 1.00 33.26  ? 30  ALA A N   1 
ATOM 207  C CA  . ALA A 1 30  ? -2.455  -0.431  -26.916 1.00 34.64  ? 30  ALA A CA  1 
ATOM 208  C C   . ALA A 1 30  ? -3.863  -0.818  -27.347 1.00 39.51  ? 30  ALA A C   1 
ATOM 209  O O   . ALA A 1 30  ? -4.144  -1.038  -28.529 1.00 34.04  ? 30  ALA A O   1 
ATOM 210  C CB  . ALA A 1 30  ? -1.850  -1.511  -26.032 1.00 32.87  ? 30  ALA A CB  1 
ATOM 211  N N   . GLU A 1 31  ? -4.734  -0.905  -26.346 1.00 44.96  ? 31  GLU A N   1 
ATOM 212  C CA  . GLU A 1 31  ? -6.151  -1.139  -26.526 1.00 34.77  ? 31  GLU A CA  1 
ATOM 213  C C   . GLU A 1 31  ? -6.730  -0.229  -27.614 1.00 39.16  ? 31  GLU A C   1 
ATOM 214  O O   . GLU A 1 31  ? -7.415  -0.703  -28.518 1.00 40.70  ? 31  GLU A O   1 
ATOM 215  C CB  . GLU A 1 31  ? -6.877  -0.936  -25.196 1.00 29.97  ? 31  GLU A CB  1 
ATOM 216  C CG  . GLU A 1 31  ? -6.572  -1.993  -24.137 1.00 33.76  ? 31  GLU A CG  1 
ATOM 217  C CD  . GLU A 1 31  ? -7.656  -3.085  -24.036 1.00 43.55  ? 31  GLU A CD  1 
ATOM 218  O OE1 . GLU A 1 31  ? -8.270  -3.415  -25.079 1.00 35.40  ? 31  GLU A OE1 1 
ATOM 219  O OE2 . GLU A 1 31  ? -7.896  -3.616  -22.918 1.00 38.92  ? 31  GLU A OE2 1 
ATOM 220  N N   . GLN A 1 32  ? -6.454  1.069   -27.539 1.00 35.04  ? 32  GLN A N   1 
ATOM 221  C CA  . GLN A 1 32  ? -6.977  1.995   -28.533 1.00 36.44  ? 32  GLN A CA  1 
ATOM 222  C C   . GLN A 1 32  ? -6.444  1.744   -29.953 1.00 33.30  ? 32  GLN A C   1 
ATOM 223  O O   . GLN A 1 32  ? -7.126  1.951   -30.938 1.00 32.10  ? 32  GLN A O   1 
ATOM 224  C CB  . GLN A 1 32  ? -6.677  3.416   -28.122 1.00 36.81  ? 32  GLN A CB  1 
ATOM 225  C CG  . GLN A 1 32  ? -7.262  4.402   -29.090 1.00 41.60  ? 32  GLN A CG  1 
ATOM 226  C CD  . GLN A 1 32  ? -6.822  5.806   -28.795 1.00 55.92  ? 32  GLN A CD  1 
ATOM 227  O OE1 . GLN A 1 32  ? -5.628  6.113   -28.856 1.00 75.03  ? 32  GLN A OE1 1 
ATOM 228  N NE2 . GLN A 1 32  ? -7.771  6.668   -28.444 1.00 52.97  ? 32  GLN A NE2 1 
ATOM 229  N N   . GLU A 1 33  ? -5.208  1.299   -30.051 1.00 44.65  ? 33  GLU A N   1 
ATOM 230  C CA  . GLU A 1 33  ? -4.611  0.979   -31.340 1.00 43.97  ? 33  GLU A CA  1 
ATOM 231  C C   . GLU A 1 33  ? -5.215  -0.322  -31.906 1.00 40.25  ? 33  GLU A C   1 
ATOM 232  O O   . GLU A 1 33  ? -5.524  -0.412  -33.101 1.00 37.71  ? 33  GLU A O   1 
ATOM 233  C CB  . GLU A 1 33  ? -3.086  0.889   -31.173 1.00 38.04  ? 33  GLU A CB  1 
ATOM 234  C CG  . GLU A 1 33  ? -2.351  0.340   -32.359 1.00 38.50  ? 33  GLU A CG  1 
ATOM 235  C CD  . GLU A 1 33  ? -2.338  1.284   -33.538 1.00 45.51  ? 33  GLU A CD  1 
ATOM 236  O OE1 . GLU A 1 33  ? -2.634  2.490   -33.362 1.00 43.37  ? 33  GLU A OE1 1 
ATOM 237  O OE2 . GLU A 1 33  ? -2.018  0.814   -34.652 1.00 48.41  ? 33  GLU A OE2 1 
ATOM 238  N N   . TYR A 1 34  ? -5.386  -1.317  -31.035 1.00 39.65  ? 34  TYR A N   1 
ATOM 239  C CA  . TYR A 1 34  ? -6.099  -2.556  -31.366 1.00 40.78  ? 34  TYR A CA  1 
ATOM 240  C C   . TYR A 1 34  ? -7.458  -2.213  -31.982 1.00 39.70  ? 34  TYR A C   1 
ATOM 241  O O   . TYR A 1 34  ? -7.816  -2.715  -33.045 1.00 36.86  ? 34  TYR A O   1 
ATOM 242  C CB  . TYR A 1 34  ? -6.308  -3.385  -30.083 1.00 45.61  ? 34  TYR A CB  1 
ATOM 243  C CG  . TYR A 1 34  ? -6.560  -4.880  -30.263 1.00 49.86  ? 34  TYR A CG  1 
ATOM 244  C CD1 . TYR A 1 34  ? -5.803  -5.631  -31.148 1.00 49.76  ? 34  TYR A CD1 1 
ATOM 245  C CD2 . TYR A 1 34  ? -7.523  -5.545  -29.506 1.00 45.75  ? 34  TYR A CD2 1 
ATOM 246  C CE1 . TYR A 1 34  ? -6.014  -6.989  -31.300 1.00 52.74  ? 34  TYR A CE1 1 
ATOM 247  C CE2 . TYR A 1 34  ? -7.743  -6.914  -29.655 1.00 47.04  ? 34  TYR A CE2 1 
ATOM 248  C CZ  . TYR A 1 34  ? -6.981  -7.629  -30.556 1.00 52.80  ? 34  TYR A CZ  1 
ATOM 249  O OH  . TYR A 1 34  ? -7.150  -8.990  -30.736 1.00 59.92  ? 34  TYR A OH  1 
ATOM 250  N N   . LEU A 1 35  ? -8.210  -1.349  -31.301 1.00 36.59  ? 35  LEU A N   1 
ATOM 251  C CA  . LEU A 1 35  ? -9.550  -0.970  -31.735 1.00 35.22  ? 35  LEU A CA  1 
ATOM 252  C C   . LEU A 1 35  ? -9.517  -0.204  -33.041 1.00 36.75  ? 35  LEU A C   1 
ATOM 253  O O   . LEU A 1 35  ? -10.339 -0.440  -33.917 1.00 34.94  ? 35  LEU A O   1 
ATOM 254  C CB  . LEU A 1 35  ? -10.225 -0.115  -30.669 1.00 41.39  ? 35  LEU A CB  1 
ATOM 255  C CG  . LEU A 1 35  ? -11.642 0.389   -30.940 1.00 40.34  ? 35  LEU A CG  1 
ATOM 256  C CD1 . LEU A 1 35  ? -12.664 -0.755  -31.090 1.00 31.78  ? 35  LEU A CD1 1 
ATOM 257  C CD2 . LEU A 1 35  ? -12.006 1.316   -29.800 1.00 40.98  ? 35  LEU A CD2 1 
ATOM 258  N N   . ARG A 1 36  ? -8.573  0.728   -33.154 1.00 42.05  ? 36  ARG A N   1 
ATOM 259  C CA  . ARG A 1 36  ? -8.329  1.433   -34.411 1.00 38.70  ? 36  ARG A CA  1 
ATOM 260  C C   . ARG A 1 36  ? -8.170  0.450   -35.558 1.00 37.67  ? 36  ARG A C   1 
ATOM 261  O O   . ARG A 1 36  ? -8.766  0.630   -36.620 1.00 43.72  ? 36  ARG A O   1 
ATOM 262  C CB  . ARG A 1 36  ? -7.082  2.308   -34.333 1.00 34.75  ? 36  ARG A CB  1 
ATOM 263  C CG  . ARG A 1 36  ? -6.855  3.094   -35.625 1.00 38.40  ? 36  ARG A CG  1 
ATOM 264  C CD  . ARG A 1 36  ? -5.496  3.787   -35.709 1.00 44.37  ? 36  ARG A CD  1 
ATOM 265  N NE  . ARG A 1 36  ? -4.402  2.843   -35.910 1.00 44.66  ? 36  ARG A NE  1 
ATOM 266  C CZ  . ARG A 1 36  ? -4.011  2.385   -37.096 1.00 45.89  ? 36  ARG A CZ  1 
ATOM 267  N NH1 . ARG A 1 36  ? -4.625  2.785   -38.195 1.00 47.42  ? 36  ARG A NH1 1 
ATOM 268  N NH2 . ARG A 1 36  ? -3.006  1.520   -37.186 1.00 49.81  ? 36  ARG A NH2 1 
ATOM 269  N N   . LEU A 1 37  ? -7.369  -0.593  -35.341 1.00 35.30  ? 37  LEU A N   1 
ATOM 270  C CA  . LEU A 1 37  ? -7.139  -1.626  -36.357 1.00 33.94  ? 37  LEU A CA  1 
ATOM 271  C C   . LEU A 1 37  ? -8.369  -2.455  -36.769 1.00 36.12  ? 37  LEU A C   1 
ATOM 272  O O   . LEU A 1 37  ? -8.608  -2.635  -37.959 1.00 37.01  ? 37  LEU A O   1 
ATOM 273  C CB  . LEU A 1 37  ? -6.014  -2.566  -35.918 1.00 41.22  ? 37  LEU A CB  1 
ATOM 274  C CG  . LEU A 1 37  ? -4.575  -2.067  -36.047 1.00 39.00  ? 37  LEU A CG  1 
ATOM 275  C CD1 . LEU A 1 37  ? -3.585  -3.097  -35.513 1.00 31.29  ? 37  LEU A CD1 1 
ATOM 276  C CD2 . LEU A 1 37  ? -4.292  -1.741  -37.502 1.00 37.11  ? 37  LEU A CD2 1 
ATOM 277  N N   . LEU A 1 38  ? -9.122  -2.966  -35.790 1.00 41.37  ? 38  LEU A N   1 
ATOM 278  C CA  . LEU A 1 38  ? -10.343 -3.766  -36.035 1.00 45.20  ? 38  LEU A CA  1 
ATOM 279  C C   . LEU A 1 38  ? -11.453 -2.960  -36.750 1.00 46.21  ? 38  LEU A C   1 
ATOM 280  O O   . LEU A 1 38  ? -12.272 -3.499  -37.511 1.00 43.09  ? 38  LEU A O   1 
ATOM 281  C CB  . LEU A 1 38  ? -10.898 -4.285  -34.715 1.00 32.09  ? 38  LEU A CB  1 
ATOM 282  C CG  . LEU A 1 38  ? -10.111 -5.266  -33.885 1.00 38.26  ? 38  LEU A CG  1 
ATOM 283  C CD1 . LEU A 1 38  ? -10.560 -5.222  -32.418 1.00 39.03  ? 38  LEU A CD1 1 
ATOM 284  C CD2 . LEU A 1 38  ? -10.333 -6.617  -34.498 1.00 38.39  ? 38  LEU A CD2 1 
ATOM 285  N N   . SER A 1 39  ? -11.477 -1.668  -36.458 1.00 40.00  ? 39  SER A N   1 
ATOM 286  C CA  . SER A 1 39  ? -12.390 -0.750  -37.090 1.00 42.06  ? 39  SER A CA  1 
ATOM 287  C C   . SER A 1 39  ? -11.963 -0.460  -38.536 1.00 48.30  ? 39  SER A C   1 
ATOM 288  O O   . SER A 1 39  ? -12.773 -0.092  -39.385 1.00 46.99  ? 39  SER A O   1 
ATOM 289  C CB  . SER A 1 39  ? -12.474 0.517   -36.251 1.00 40.96  ? 39  SER A CB  1 
ATOM 290  O OG  . SER A 1 39  ? -13.026 0.220   -34.976 1.00 47.35  ? 39  SER A OG  1 
ATOM 291  N N   . GLY A 1 40  ? -10.679 -0.656  -38.812 1.00 56.15  ? 40  GLY A N   1 
ATOM 292  C CA  . GLY A 1 40  ? -10.146 -0.457  -40.146 1.00 60.97  ? 40  GLY A CA  1 
ATOM 293  C C   . GLY A 1 40  ? -10.513 -1.543  -41.145 1.00 61.76  ? 40  GLY A C   1 
ATOM 294  O O   . GLY A 1 40  ? -11.083 -2.583  -40.803 1.00 55.87  ? 40  GLY A O   1 
ATOM 295  N N   . GLU A 1 41  ? -10.155 -1.293  -42.398 1.00 74.91  ? 41  GLU A N   1 
ATOM 296  C CA  . GLU A 1 41  ? -10.487 -2.201  -43.482 1.00 86.41  ? 41  GLU A CA  1 
ATOM 297  C C   . GLU A 1 41  ? -9.386  -3.237  -43.792 1.00 100.47 ? 41  GLU A C   1 
ATOM 298  O O   . GLU A 1 41  ? -9.685  -4.376  -44.191 1.00 92.31  ? 41  GLU A O   1 
ATOM 299  C CB  . GLU A 1 41  ? -10.835 -1.399  -44.724 1.00 83.03  ? 41  GLU A CB  1 
ATOM 300  C CG  . GLU A 1 41  ? -10.968 -2.243  -45.954 1.00 102.09 ? 41  GLU A CG  1 
ATOM 301  C CD  . GLU A 1 41  ? -11.992 -1.678  -46.897 1.00 122.13 ? 41  GLU A CD  1 
ATOM 302  O OE1 . GLU A 1 41  ? -12.347 -0.486  -46.728 1.00 119.65 ? 41  GLU A OE1 1 
ATOM 303  O OE2 . GLU A 1 41  ? -12.455 -2.427  -47.792 1.00 123.59 ? 41  GLU A OE2 1 
ATOM 304  N N   . GLY A 1 42  ? -8.122  -2.847  -43.610 1.00 91.07  ? 42  GLY A N   1 
ATOM 305  C CA  . GLY A 1 42  ? -7.015  -3.774  -43.791 1.00 85.97  ? 42  GLY A CA  1 
ATOM 306  C C   . GLY A 1 42  ? -7.135  -4.992  -42.890 1.00 84.09  ? 42  GLY A C   1 
ATOM 307  O O   . GLY A 1 42  ? -8.027  -5.070  -42.047 1.00 85.54  ? 42  GLY A O   1 
ATOM 308  N N   . ARG A 1 43  ? -6.236  -5.952  -43.064 1.00 95.69  ? 43  ARG A N   1 
ATOM 309  C CA  . ARG A 1 43  ? -6.251  -7.136  -42.215 1.00 103.69 ? 43  ARG A CA  1 
ATOM 310  C C   . ARG A 1 43  ? -4.836  -7.592  -41.815 1.00 93.04  ? 43  ARG A C   1 
ATOM 311  O O   . ARG A 1 43  ? -4.309  -8.593  -42.314 1.00 81.22  ? 43  ARG A O   1 
ATOM 312  C CB  . ARG A 1 43  ? -7.047  -8.254  -42.883 1.00 98.01  ? 43  ARG A CB  1 
ATOM 313  C CG  . ARG A 1 43  ? -6.806  -8.345  -44.384 1.00 104.47 ? 43  ARG A CG  1 
ATOM 314  C CD  . ARG A 1 43  ? -7.156  -9.728  -44.856 1.00 110.57 ? 43  ARG A CD  1 
ATOM 315  N NE  . ARG A 1 43  ? -6.655  -10.728 -43.911 1.00 122.38 ? 43  ARG A NE  1 
ATOM 316  C CZ  . ARG A 1 43  ? -6.937  -12.031 -43.957 1.00 125.66 ? 43  ARG A CZ  1 
ATOM 317  N NH1 . ARG A 1 43  ? -7.716  -12.518 -44.920 1.00 113.96 ? 43  ARG A NH1 1 
ATOM 318  N NH2 . ARG A 1 43  ? -6.427  -12.850 -43.040 1.00 113.75 ? 43  ARG A NH2 1 
ATOM 319  N N   . ASN A 1 44  ? -4.240  -6.833  -40.899 1.00 83.37  ? 44  ASN A N   1 
ATOM 320  C CA  . ASN A 1 44  ? -2.890  -7.076  -40.418 1.00 75.90  ? 44  ASN A CA  1 
ATOM 321  C C   . ASN A 1 44  ? -2.857  -8.178  -39.344 1.00 61.71  ? 44  ASN A C   1 
ATOM 322  O O   . ASN A 1 44  ? -2.650  -7.904  -38.155 1.00 57.72  ? 44  ASN A O   1 
ATOM 323  C CB  . ASN A 1 44  ? -2.314  -5.759  -39.874 1.00 71.19  ? 44  ASN A CB  1 
ATOM 324  C CG  . ASN A 1 44  ? -0.788  -5.689  -39.963 1.00 79.70  ? 44  ASN A CG  1 
ATOM 325  O OD1 . ASN A 1 44  ? -0.084  -6.720  -39.899 1.00 76.83  ? 44  ASN A OD1 1 
ATOM 326  N ND2 . ASN A 1 44  ? -0.265  -4.461  -40.111 1.00 68.68  ? 44  ASN A ND2 1 
ATOM 327  N N   . VAL A 1 45  ? -3.062  -9.420  -39.767 1.00 52.00  ? 45  VAL A N   1 
ATOM 328  C CA  . VAL A 1 45  ? -3.055  -10.553 -38.847 1.00 58.68  ? 45  VAL A CA  1 
ATOM 329  C C   . VAL A 1 45  ? -1.991  -10.456 -37.753 1.00 59.10  ? 45  VAL A C   1 
ATOM 330  O O   . VAL A 1 45  ? -2.293  -10.626 -36.558 1.00 52.79  ? 45  VAL A O   1 
ATOM 331  C CB  . VAL A 1 45  ? -2.827  -11.890 -39.596 1.00 66.77  ? 45  VAL A CB  1 
ATOM 332  C CG1 . VAL A 1 45  ? -2.557  -13.026 -38.607 1.00 47.47  ? 45  VAL A CG1 1 
ATOM 333  C CG2 . VAL A 1 45  ? -4.018  -12.206 -40.495 1.00 70.33  ? 45  VAL A CG2 1 
ATOM 334  N N   . SER A 1 46  ? -0.750  -10.192 -38.173 1.00 58.98  ? 46  SER A N   1 
ATOM 335  C CA  . SER A 1 46  ? 0.418   -10.210 -37.277 1.00 49.31  ? 46  SER A CA  1 
ATOM 336  C C   . SER A 1 46  ? 0.515   -9.046  -36.294 1.00 47.54  ? 46  SER A C   1 
ATOM 337  O O   . SER A 1 46  ? 0.868   -9.250  -35.134 1.00 43.86  ? 46  SER A O   1 
ATOM 338  C CB  . SER A 1 46  ? 1.707   -10.310 -38.083 1.00 51.03  ? 46  SER A CB  1 
ATOM 339  O OG  . SER A 1 46  ? 1.814   -11.593 -38.684 1.00 59.04  ? 46  SER A OG  1 
ATOM 340  N N   . ARG A 1 47  ? 0.200   -7.833  -36.745 1.00 49.63  ? 47  ARG A N   1 
ATOM 341  C CA  . ARG A 1 47  ? 0.180   -6.685  -35.839 1.00 46.82  ? 47  ARG A CA  1 
ATOM 342  C C   . ARG A 1 47  ? -0.835  -6.888  -34.735 1.00 45.21  ? 47  ARG A C   1 
ATOM 343  O O   . ARG A 1 47  ? -0.562  -6.619  -33.559 1.00 40.52  ? 47  ARG A O   1 
ATOM 344  C CB  . ARG A 1 47  ? -0.103  -5.374  -36.581 1.00 48.12  ? 47  ARG A CB  1 
ATOM 345  C CG  . ARG A 1 47  ? 0.027   -4.158  -35.675 1.00 44.68  ? 47  ARG A CG  1 
ATOM 346  C CD  . ARG A 1 47  ? 0.389   -2.888  -36.415 1.00 52.38  ? 47  ARG A CD  1 
ATOM 347  N NE  . ARG A 1 47  ? 0.376   -1.726  -35.519 1.00 55.77  ? 47  ARG A NE  1 
ATOM 348  C CZ  . ARG A 1 47  ? 1.190   -1.546  -34.473 1.00 65.92  ? 47  ARG A CZ  1 
ATOM 349  N NH1 . ARG A 1 47  ? 2.112   -2.453  -34.148 1.00 50.42  ? 47  ARG A NH1 1 
ATOM 350  N NH2 . ARG A 1 47  ? 1.070   -0.441  -33.741 1.00 63.91  ? 47  ARG A NH2 1 
ATOM 351  N N   . LEU A 1 48  ? -2.007  -7.366  -35.137 1.00 47.12  ? 48  LEU A N   1 
ATOM 352  C CA  . LEU A 1 48  ? -3.070  -7.707  -34.203 1.00 46.80  ? 48  LEU A CA  1 
ATOM 353  C C   . LEU A 1 48  ? -2.627  -8.800  -33.201 1.00 44.44  ? 48  LEU A C   1 
ATOM 354  O O   . LEU A 1 48  ? -2.816  -8.661  -31.994 1.00 43.12  ? 48  LEU A O   1 
ATOM 355  C CB  . LEU A 1 48  ? -4.337  -8.106  -34.975 1.00 44.98  ? 48  LEU A CB  1 
ATOM 356  C CG  . LEU A 1 48  ? -5.116  -7.027  -35.738 1.00 34.24  ? 48  LEU A CG  1 
ATOM 357  C CD1 . LEU A 1 48  ? -6.225  -7.664  -36.526 1.00 41.67  ? 48  LEU A CD1 1 
ATOM 358  C CD2 . LEU A 1 48  ? -5.702  -6.016  -34.796 1.00 41.96  ? 48  LEU A CD2 1 
ATOM 359  N N   . ASP A 1 49  ? -2.017  -9.877  -33.678 1.00 42.88  ? 49  ASP A N   1 
ATOM 360  C CA  . ASP A 1 49  ? -1.578  -10.885 -32.729 1.00 43.58  ? 49  ASP A CA  1 
ATOM 361  C C   . ASP A 1 49  ? -0.452  -10.410 -31.784 1.00 44.33  ? 49  ASP A C   1 
ATOM 362  O O   . ASP A 1 49  ? -0.280  -10.962 -30.696 1.00 43.50  ? 49  ASP A O   1 
ATOM 363  C CB  . ASP A 1 49  ? -1.231  -12.214 -33.398 1.00 42.11  ? 49  ASP A CB  1 
ATOM 364  C CG  . ASP A 1 49  ? -0.915  -13.291 -32.378 1.00 68.26  ? 49  ASP A CG  1 
ATOM 365  O OD1 . ASP A 1 49  ? -1.868  -13.763 -31.713 1.00 68.04  ? 49  ASP A OD1 1 
ATOM 366  O OD2 . ASP A 1 49  ? 0.285   -13.635 -32.217 1.00 61.03  ? 49  ASP A OD2 1 
ATOM 367  N N   . GLU A 1 50  ? 0.304   -9.387  -32.179 1.00 45.79  ? 50  GLU A N   1 
ATOM 368  C CA  . GLU A 1 50  ? 1.362   -8.855  -31.305 1.00 48.97  ? 50  GLU A CA  1 
ATOM 369  C C   . GLU A 1 50  ? 0.772   -7.826  -30.333 1.00 46.30  ? 50  GLU A C   1 
ATOM 370  O O   . GLU A 1 50  ? 1.172   -7.748  -29.173 1.00 43.94  ? 50  GLU A O   1 
ATOM 371  C CB  . GLU A 1 50  ? 2.543   -8.289  -32.117 1.00 44.76  ? 50  GLU A CB  1 
ATOM 372  C CG  . GLU A 1 50  ? 3.777   -7.825  -31.301 1.00 44.45  ? 50  GLU A CG  1 
ATOM 373  C CD  . GLU A 1 50  ? 4.313   -6.471  -31.802 1.00 65.54  ? 50  GLU A CD  1 
ATOM 374  O OE1 . GLU A 1 50  ? 3.802   -5.984  -32.847 1.00 57.50  ? 50  GLU A OE1 1 
ATOM 375  O OE2 . GLU A 1 50  ? 5.230   -5.889  -31.159 1.00 69.16  ? 50  GLU A OE2 1 
ATOM 376  N N   . LEU A 1 51  ? -0.198  -7.054  -30.819 1.00 47.98  ? 51  LEU A N   1 
ATOM 377  C CA  . LEU A 1 51  ? -1.019  -6.177  -29.965 1.00 45.94  ? 51  LEU A CA  1 
ATOM 378  C C   . LEU A 1 51  ? -1.846  -6.965  -28.955 1.00 38.40  ? 51  LEU A C   1 
ATOM 379  O O   . LEU A 1 51  ? -2.086  -6.503  -27.844 1.00 35.86  ? 51  LEU A O   1 
ATOM 380  C CB  . LEU A 1 51  ? -1.956  -5.291  -30.806 1.00 47.37  ? 51  LEU A CB  1 
ATOM 381  C CG  . LEU A 1 51  ? -1.460  -3.962  -31.404 1.00 41.51  ? 51  LEU A CG  1 
ATOM 382  C CD1 . LEU A 1 51  ? -2.486  -3.450  -32.403 1.00 43.49  ? 51  LEU A CD1 1 
ATOM 383  C CD2 . LEU A 1 51  ? -1.171  -2.924  -30.328 1.00 27.89  ? 51  LEU A CD2 1 
ATOM 384  N N   . ARG A 1 52  ? -2.287  -8.152  -29.355 1.00 45.04  ? 52  ARG A N   1 
ATOM 385  C CA  . ARG A 1 52  ? -3.036  -9.042  -28.480 1.00 38.97  ? 52  ARG A CA  1 
ATOM 386  C C   . ARG A 1 52  ? -2.157  -9.420  -27.280 1.00 43.48  ? 52  ARG A C   1 
ATOM 387  O O   . ARG A 1 52  ? -2.570  -9.306  -26.114 1.00 42.57  ? 52  ARG A O   1 
ATOM 388  C CB  . ARG A 1 52  ? -3.454  -10.282 -29.275 1.00 43.41  ? 52  ARG A CB  1 
ATOM 389  C CG  . ARG A 1 52  ? -4.590  -11.076 -28.653 1.00 63.75  ? 52  ARG A CG  1 
ATOM 390  C CD  . ARG A 1 52  ? -5.236  -12.088 -29.629 1.00 67.72  ? 52  ARG A CD  1 
ATOM 391  N NE  . ARG A 1 52  ? -6.105  -13.026 -28.898 1.00 77.36  ? 52  ARG A NE  1 
ATOM 392  C CZ  . ARG A 1 52  ? -5.775  -14.285 -28.596 1.00 68.23  ? 52  ARG A CZ  1 
ATOM 393  N NH1 . ARG A 1 52  ? -4.598  -14.772 -28.980 1.00 68.16  ? 52  ARG A NH1 1 
ATOM 394  N NH2 . ARG A 1 52  ? -6.626  -15.058 -27.922 1.00 61.25  ? 52  ARG A NH2 1 
ATOM 395  N N   . ASN A 1 53  ? -0.927  -9.836  -27.584 1.00 45.63  ? 53  ASN A N   1 
ATOM 396  C CA  . ASN A 1 53  ? 0.061   -10.209 -26.566 1.00 51.32  ? 53  ASN A CA  1 
ATOM 397  C C   . ASN A 1 53  ? 0.454   -9.021  -25.706 1.00 48.72  ? 53  ASN A C   1 
ATOM 398  O O   . ASN A 1 53  ? 0.480   -9.133  -24.481 1.00 54.93  ? 53  ASN A O   1 
ATOM 399  C CB  . ASN A 1 53  ? 1.322   -10.847 -27.174 1.00 51.99  ? 53  ASN A CB  1 
ATOM 400  C CG  . ASN A 1 53  ? 1.010   -12.063 -28.054 1.00 64.21  ? 53  ASN A CG  1 
ATOM 401  O OD1 . ASN A 1 53  ? 0.017   -12.778 -27.837 1.00 59.17  ? 53  ASN A OD1 1 
ATOM 402  N ND2 . ASN A 1 53  ? 1.863   -12.301 -29.056 1.00 61.28  ? 53  ASN A ND2 1 
ATOM 403  N N   . ILE A 1 54  ? 0.758   -7.887  -26.336 1.00 44.06  ? 54  ILE A N   1 
ATOM 404  C CA  . ILE A 1 54  ? 1.071   -6.666  -25.589 1.00 42.53  ? 54  ILE A CA  1 
ATOM 405  C C   . ILE A 1 54  ? -0.051  -6.295  -24.617 1.00 45.35  ? 54  ILE A C   1 
ATOM 406  O O   . ILE A 1 54  ? 0.194   -5.919  -23.459 1.00 40.36  ? 54  ILE A O   1 
ATOM 407  C CB  . ILE A 1 54  ? 1.275   -5.444  -26.514 1.00 42.84  ? 54  ILE A CB  1 
ATOM 408  C CG1 . ILE A 1 54  ? 2.343   -5.712  -27.566 1.00 41.78  ? 54  ILE A CG1 1 
ATOM 409  C CG2 . ILE A 1 54  ? 1.644   -4.200  -25.692 1.00 40.63  ? 54  ILE A CG2 1 
ATOM 410  C CD1 . ILE A 1 54  ? 2.594   -4.533  -28.493 1.00 43.13  ? 54  ILE A CD1 1 
ATOM 411  N N   . ILE A 1 55  ? -1.288  -6.356  -25.098 1.00 43.66  ? 55  ILE A N   1 
ATOM 412  C CA  . ILE A 1 55  ? -2.393  -5.986  -24.238 1.00 44.27  ? 55  ILE A CA  1 
ATOM 413  C C   . ILE A 1 55  ? -2.377  -6.903  -23.029 1.00 45.71  ? 55  ILE A C   1 
ATOM 414  O O   . ILE A 1 55  ? -2.521  -6.436  -21.892 1.00 41.94  ? 55  ILE A O   1 
ATOM 415  C CB  . ILE A 1 55  ? -3.768  -6.047  -24.950 1.00 50.06  ? 55  ILE A CB  1 
ATOM 416  C CG1 . ILE A 1 55  ? -3.995  -4.787  -25.800 1.00 40.78  ? 55  ILE A CG1 1 
ATOM 417  C CG2 . ILE A 1 55  ? -4.874  -6.157  -23.917 1.00 39.58  ? 55  ILE A CG2 1 
ATOM 418  C CD1 . ILE A 1 55  ? -5.237  -4.828  -26.677 1.00 34.26  ? 55  ILE A CD1 1 
ATOM 419  N N   . GLU A 1 56  ? -2.168  -8.200  -23.269 1.00 41.86  ? 56  GLU A N   1 
ATOM 420  C CA  . GLU A 1 56  ? -2.165  -9.162  -22.170 1.00 47.26  ? 56  GLU A CA  1 
ATOM 421  C C   . GLU A 1 56  ? -1.102  -8.815  -21.125 1.00 42.23  ? 56  GLU A C   1 
ATOM 422  O O   . GLU A 1 56  ? -1.339  -8.892  -19.919 1.00 43.34  ? 56  GLU A O   1 
ATOM 423  C CB  . GLU A 1 56  ? -1.967  -10.592 -22.677 1.00 52.78  ? 56  GLU A CB  1 
ATOM 424  C CG  . GLU A 1 56  ? -2.290  -11.663 -21.633 1.00 71.99  ? 56  GLU A CG  1 
ATOM 425  C CD  . GLU A 1 56  ? -1.947  -13.072 -22.098 1.00 80.69  ? 56  GLU A CD  1 
ATOM 426  O OE1 . GLU A 1 56  ? -1.116  -13.199 -23.030 1.00 73.73  ? 56  GLU A OE1 1 
ATOM 427  O OE2 . GLU A 1 56  ? -2.511  -14.039 -21.528 1.00 75.53  ? 56  GLU A OE2 1 
ATOM 428  N N   . VAL A 1 57  ? 0.068   -8.423  -21.597 1.00 37.92  ? 57  VAL A N   1 
ATOM 429  C CA  . VAL A 1 57  ? 1.191   -8.156  -20.711 1.00 41.55  ? 57  VAL A CA  1 
ATOM 430  C C   . VAL A 1 57  ? 0.886   -6.944  -19.854 1.00 39.02  ? 57  VAL A C   1 
ATOM 431  O O   . VAL A 1 57  ? 1.124   -6.941  -18.645 1.00 38.58  ? 57  VAL A O   1 
ATOM 432  C CB  . VAL A 1 57  ? 2.485   -7.918  -21.529 1.00 44.30  ? 57  VAL A CB  1 
ATOM 433  C CG1 . VAL A 1 57  ? 3.605   -7.362  -20.650 1.00 39.43  ? 57  VAL A CG1 1 
ATOM 434  C CG2 . VAL A 1 57  ? 2.893   -9.210  -22.206 1.00 42.52  ? 57  VAL A CG2 1 
ATOM 435  N N   . ARG A 1 58  ? 0.343   -5.923  -20.510 1.00 44.62  ? 58  ARG A N   1 
ATOM 436  C CA  . ARG A 1 58  ? 0.071   -4.643  -19.880 1.00 45.50  ? 58  ARG A CA  1 
ATOM 437  C C   . ARG A 1 58  ? -0.956  -4.789  -18.768 1.00 38.27  ? 58  ARG A C   1 
ATOM 438  O O   . ARG A 1 58  ? -0.913  -4.057  -17.785 1.00 36.62  ? 58  ARG A O   1 
ATOM 439  C CB  . ARG A 1 58  ? -0.419  -3.646  -20.916 1.00 35.44  ? 58  ARG A CB  1 
ATOM 440  C CG  . ARG A 1 58  ? 0.591   -3.305  -21.963 1.00 36.02  ? 58  ARG A CG  1 
ATOM 441  C CD  . ARG A 1 58  ? 1.667   -2.425  -21.391 1.00 36.83  ? 58  ARG A CD  1 
ATOM 442  N NE  . ARG A 1 58  ? 2.389   -1.716  -22.443 1.00 50.67  ? 58  ARG A NE  1 
ATOM 443  C CZ  . ARG A 1 58  ? 3.700   -1.494  -22.429 1.00 48.09  ? 58  ARG A CZ  1 
ATOM 444  N NH1 . ARG A 1 58  ? 4.431   -1.935  -21.408 1.00 43.90  ? 58  ARG A NH1 1 
ATOM 445  N NH2 . ARG A 1 58  ? 4.283   -0.846  -23.439 1.00 46.01  ? 58  ARG A NH2 1 
ATOM 446  N N   . LYS A 1 59  ? -1.876  -5.736  -18.930 1.00 31.55  ? 59  LYS A N   1 
ATOM 447  C CA  . LYS A 1 59  ? -2.874  -6.026  -17.905 1.00 30.76  ? 59  LYS A CA  1 
ATOM 448  C C   . LYS A 1 59  ? -2.244  -6.581  -16.621 1.00 37.61  ? 59  LYS A C   1 
ATOM 449  O O   . LYS A 1 59  ? -2.543  -6.115  -15.521 1.00 38.68  ? 59  LYS A O   1 
ATOM 450  C CB  . LYS A 1 59  ? -3.928  -6.988  -18.454 1.00 34.05  ? 59  LYS A CB  1 
ATOM 451  C CG  . LYS A 1 59  ? -4.744  -6.426  -19.624 1.00 33.11  ? 59  LYS A CG  1 
ATOM 452  C CD  . LYS A 1 59  ? -5.841  -7.381  -20.162 1.00 33.09  ? 59  LYS A CD  1 
ATOM 453  C CE  . LYS A 1 59  ? -7.108  -6.613  -20.587 1.00 31.90  ? 59  LYS A CE  1 
ATOM 454  N NZ  . LYS A 1 59  ? -7.824  -7.229  -21.732 1.00 31.29  ? 59  LYS A NZ  1 
ATOM 455  N N   . TRP A 1 60  ? -1.378  -7.581  -16.779 1.00 37.37  ? 60  TRP A N   1 
ATOM 456  C CA  . TRP A 1 60  ? -0.502  -8.092  -15.712 1.00 39.44  ? 60  TRP A CA  1 
ATOM 457  C C   . TRP A 1 60  ? 0.320   -7.000  -15.043 1.00 41.41  ? 60  TRP A C   1 
ATOM 458  O O   . TRP A 1 60  ? 0.423   -6.948  -13.819 1.00 45.99  ? 60  TRP A O   1 
ATOM 459  C CB  . TRP A 1 60  ? 0.473   -9.112  -16.297 1.00 47.60  ? 60  TRP A CB  1 
ATOM 460  C CG  . TRP A 1 60  ? 1.461   -9.695  -15.299 1.00 58.14  ? 60  TRP A CG  1 
ATOM 461  C CD1 . TRP A 1 60  ? 1.237   -10.741 -14.434 1.00 57.03  ? 60  TRP A CD1 1 
ATOM 462  C CD2 . TRP A 1 60  ? 2.825   -9.279  -15.079 1.00 52.80  ? 60  TRP A CD2 1 
ATOM 463  N NE1 . TRP A 1 60  ? 2.364   -10.989 -13.689 1.00 52.60  ? 60  TRP A NE1 1 
ATOM 464  C CE2 . TRP A 1 60  ? 3.353   -10.115 -14.064 1.00 47.77  ? 60  TRP A CE2 1 
ATOM 465  C CE3 . TRP A 1 60  ? 3.648   -8.286  -15.632 1.00 52.50  ? 60  TRP A CE3 1 
ATOM 466  C CZ2 . TRP A 1 60  ? 4.665   -9.987  -13.596 1.00 57.41  ? 60  TRP A CZ2 1 
ATOM 467  C CZ3 . TRP A 1 60  ? 4.961   -8.153  -15.162 1.00 49.97  ? 60  TRP A CZ3 1 
ATOM 468  C CH2 . TRP A 1 60  ? 5.453   -9.004  -14.156 1.00 51.25  ? 60  TRP A CH2 1 
ATOM 469  N N   . GLN A 1 61  ? 0.934   -6.157  -15.862 1.00 39.25  ? 61  GLN A N   1 
ATOM 470  C CA  . GLN A 1 61  ? 1.699   -5.013  -15.384 1.00 38.14  ? 61  GLN A CA  1 
ATOM 471  C C   . GLN A 1 61  ? 0.817   -4.030  -14.595 1.00 38.84  ? 61  GLN A C   1 
ATOM 472  O O   . GLN A 1 61  ? 1.219   -3.507  -13.551 1.00 43.96  ? 61  GLN A O   1 
ATOM 473  C CB  . GLN A 1 61  ? 2.361   -4.274  -16.562 1.00 43.88  ? 61  GLN A CB  1 
ATOM 474  C CG  . GLN A 1 61  ? 3.477   -4.997  -17.314 1.00 37.29  ? 61  GLN A CG  1 
ATOM 475  C CD  . GLN A 1 61  ? 4.199   -4.066  -18.284 1.00 43.87  ? 61  GLN A CD  1 
ATOM 476  O OE1 . GLN A 1 61  ? 3.585   -3.215  -18.920 1.00 44.85  ? 61  GLN A OE1 1 
ATOM 477  N NE2 . GLN A 1 61  ? 5.514   -4.219  -18.389 1.00 50.91  ? 61  GLN A NE2 1 
ATOM 478  N N   . VAL A 1 62  ? -0.380  -3.752  -15.097 1.00 46.13  ? 62  VAL A N   1 
ATOM 479  C CA  . VAL A 1 62  ? -1.290  -2.867  -14.369 1.00 39.17  ? 62  VAL A CA  1 
ATOM 480  C C   . VAL A 1 62  ? -1.614  -3.492  -13.015 1.00 40.24  ? 62  VAL A C   1 
ATOM 481  O O   . VAL A 1 62  ? -1.725  -2.786  -12.014 1.00 40.33  ? 62  VAL A O   1 
ATOM 482  C CB  . VAL A 1 62  ? -2.600  -2.597  -15.139 1.00 34.53  ? 62  VAL A CB  1 
ATOM 483  C CG1 . VAL A 1 62  ? -3.643  -2.075  -14.200 1.00 46.36  ? 62  VAL A CG1 1 
ATOM 484  C CG2 . VAL A 1 62  ? -2.381  -1.587  -16.242 1.00 38.88  ? 62  VAL A CG2 1 
ATOM 485  N N   . ASN A 1 63  ? -1.755  -4.819  -13.003 1.00 42.13  ? 63  ASN A N   1 
ATOM 486  C CA  . ASN A 1 63  ? -2.088  -5.602  -11.810 1.00 41.02  ? 63  ASN A CA  1 
ATOM 487  C C   . ASN A 1 63  ? -0.959  -5.582  -10.781 1.00 43.58  ? 63  ASN A C   1 
ATOM 488  O O   . ASN A 1 63  ? -1.167  -5.397  -9.584  1.00 45.28  ? 63  ASN A O   1 
ATOM 489  C CB  . ASN A 1 63  ? -2.348  -7.046  -12.225 1.00 38.05  ? 63  ASN A CB  1 
ATOM 490  C CG  . ASN A 1 63  ? -2.814  -7.912  -11.079 1.00 45.14  ? 63  ASN A CG  1 
ATOM 491  O OD1 . ASN A 1 63  ? -2.030  -8.297  -10.184 1.00 47.12  ? 63  ASN A OD1 1 
ATOM 492  N ND2 . ASN A 1 63  ? -4.104  -8.253  -11.107 1.00 51.48  ? 63  ASN A ND2 1 
ATOM 493  N N   . GLN A 1 64  ? 0.250   -5.796  -11.266 1.00 45.81  ? 64  GLN A N   1 
ATOM 494  C CA  . GLN A 1 64  ? 1.405   -5.921  -10.405 1.00 43.94  ? 64  GLN A CA  1 
ATOM 495  C C   . GLN A 1 64  ? 1.762   -4.571  -9.802  1.00 43.68  ? 64  GLN A C   1 
ATOM 496  O O   . GLN A 1 64  ? 2.285   -4.490  -8.685  1.00 43.61  ? 64  GLN A O   1 
ATOM 497  C CB  . GLN A 1 64  ? 2.568   -6.463  -11.225 1.00 40.64  ? 64  GLN A CB  1 
ATOM 498  C CG  . GLN A 1 64  ? 2.369   -7.904  -11.634 1.00 40.21  ? 64  GLN A CG  1 
ATOM 499  C CD  . GLN A 1 64  ? 2.421   -8.804  -10.429 1.00 49.83  ? 64  GLN A CD  1 
ATOM 500  O OE1 . GLN A 1 64  ? 1.418   -9.395  -10.048 1.00 57.60  ? 64  GLN A OE1 1 
ATOM 501  N NE2 . GLN A 1 64  ? 3.592   -8.889  -9.797  1.00 49.10  ? 64  GLN A NE2 1 
ATOM 502  N N   . ALA A 1 65  ? 1.459   -3.515  -10.549 1.00 40.26  ? 65  ALA A N   1 
ATOM 503  C CA  . ALA A 1 65  ? 1.905   -2.177  -10.216 1.00 38.27  ? 65  ALA A CA  1 
ATOM 504  C C   . ALA A 1 65  ? 0.984   -1.657  -9.134  1.00 42.56  ? 65  ALA A C   1 
ATOM 505  O O   . ALA A 1 65  ? 1.399   -0.913  -8.218  1.00 36.82  ? 65  ALA A O   1 
ATOM 506  C CB  . ALA A 1 65  ? 1.824   -1.297  -11.463 1.00 34.61  ? 65  ALA A CB  1 
ATOM 507  N N   . ALA A 1 66  ? -0.274  -2.090  -9.254  1.00 44.81  ? 66  ALA A N   1 
ATOM 508  C CA  . ALA A 1 66  ? -1.365  -1.637  -8.412  1.00 38.02  ? 66  ALA A CA  1 
ATOM 509  C C   . ALA A 1 66  ? -1.143  -2.180  -7.011  1.00 40.88  ? 66  ALA A C   1 
ATOM 510  O O   . ALA A 1 66  ? -1.146  -1.412  -6.041  1.00 37.62  ? 66  ALA A O   1 
ATOM 511  C CB  . ALA A 1 66  ? -2.688  -2.112  -8.988  1.00 29.06  ? 66  ALA A CB  1 
ATOM 512  N N   . GLY A 1 67  ? -0.906  -3.492  -6.927  1.00 34.22  ? 67  GLY A N   1 
ATOM 513  C CA  . GLY A 1 67  ? -0.590  -4.160  -5.678  1.00 30.84  ? 67  GLY A CA  1 
ATOM 514  C C   . GLY A 1 67  ? 0.603   -3.528  -4.978  1.00 38.72  ? 67  GLY A C   1 
ATOM 515  O O   . GLY A 1 67  ? 0.506   -3.075  -3.833  1.00 41.34  ? 67  GLY A O   1 
ATOM 516  N N   . ARG A 1 68  ? 1.731   -3.494  -5.685  1.00 37.75  ? 68  ARG A N   1 
ATOM 517  C CA  . ARG A 1 68  ? 2.967   -2.892  -5.215  1.00 30.68  ? 68  ARG A CA  1 
ATOM 518  C C   . ARG A 1 68  ? 2.731   -1.494  -4.674  1.00 31.22  ? 68  ARG A C   1 
ATOM 519  O O   . ARG A 1 68  ? 3.323   -1.132  -3.669  1.00 33.21  ? 68  ARG A O   1 
ATOM 520  C CB  . ARG A 1 68  ? 3.990   -2.891  -6.354  1.00 39.92  ? 68  ARG A CB  1 
ATOM 521  C CG  . ARG A 1 68  ? 5.345   -2.254  -6.059  1.00 32.85  ? 68  ARG A CG  1 
ATOM 522  C CD  . ARG A 1 68  ? 6.508   -3.059  -6.704  1.00 35.27  ? 68  ARG A CD  1 
ATOM 523  N NE  . ARG A 1 68  ? 6.352   -3.306  -8.145  1.00 37.20  ? 68  ARG A NE  1 
ATOM 524  C CZ  . ARG A 1 68  ? 6.209   -4.514  -8.696  1.00 40.57  ? 68  ARG A CZ  1 
ATOM 525  N NH1 . ARG A 1 68  ? 6.217   -5.602  -7.926  1.00 42.99  ? 68  ARG A NH1 1 
ATOM 526  N NH2 . ARG A 1 68  ? 6.068   -4.647  -10.018 1.00 32.26  ? 68  ARG A NH2 1 
ATOM 527  N N   . TYR A 1 69  ? 1.847   -0.730  -5.326  1.00 38.39  ? 69  TYR A N   1 
ATOM 528  C CA  . TYR A 1 69  ? 1.458   0.627   -4.883  1.00 36.27  ? 69  TYR A CA  1 
ATOM 529  C C   . TYR A 1 69  ? 0.698   0.634   -3.561  1.00 38.05  ? 69  TYR A C   1 
ATOM 530  O O   . TYR A 1 69  ? 0.990   1.423   -2.661  1.00 35.15  ? 69  TYR A O   1 
ATOM 531  C CB  . TYR A 1 69  ? 0.602   1.328   -5.953  1.00 36.22  ? 69  TYR A CB  1 
ATOM 532  C CG  . TYR A 1 69  ? -0.217  2.509   -5.432  1.00 39.23  ? 69  TYR A CG  1 
ATOM 533  C CD1 . TYR A 1 69  ? 0.407   3.538   -4.745  1.00 36.21  ? 69  TYR A CD1 1 
ATOM 534  C CD2 . TYR A 1 69  ? -1.609  2.598   -5.629  1.00 34.23  ? 69  TYR A CD2 1 
ATOM 535  C CE1 . TYR A 1 69  ? -0.304  4.612   -4.255  1.00 41.09  ? 69  TYR A CE1 1 
ATOM 536  C CE2 . TYR A 1 69  ? -2.337  3.685   -5.137  1.00 32.87  ? 69  TYR A CE2 1 
ATOM 537  C CZ  . TYR A 1 69  ? -1.668  4.695   -4.450  1.00 38.86  ? 69  TYR A CZ  1 
ATOM 538  O OH  . TYR A 1 69  ? -2.311  5.809   -3.931  1.00 41.31  ? 69  TYR A OH  1 
ATOM 539  N N   . ILE A 1 70  ? -0.302  -0.235  -3.471  1.00 35.15  ? 70  ILE A N   1 
ATOM 540  C CA  . ILE A 1 70  ? -1.114  -0.346  -2.271  1.00 41.90  ? 70  ILE A CA  1 
ATOM 541  C C   . ILE A 1 70  ? -0.220  -0.566  -1.049  1.00 45.48  ? 70  ILE A C   1 
ATOM 542  O O   . ILE A 1 70  ? -0.338  0.147   -0.035  1.00 43.13  ? 70  ILE A O   1 
ATOM 543  C CB  . ILE A 1 70  ? -2.150  -1.500  -2.401  1.00 44.53  ? 70  ILE A CB  1 
ATOM 544  C CG1 . ILE A 1 70  ? -3.384  -1.037  -3.190  1.00 41.32  ? 70  ILE A CG1 1 
ATOM 545  C CG2 . ILE A 1 70  ? -2.584  -2.010  -1.041  1.00 41.39  ? 70  ILE A CG2 1 
ATOM 546  C CD1 . ILE A 1 70  ? -4.109  -2.184  -3.920  1.00 39.65  ? 70  ILE A CD1 1 
ATOM 547  N N   . ARG A 1 71  ? 0.671   -1.554  -1.158  1.00 36.76  ? 71  ARG A N   1 
ATOM 548  C CA  . ARG A 1 71  ? 1.519   -1.960  -0.046  1.00 35.65  ? 71  ARG A CA  1 
ATOM 549  C C   . ARG A 1 71  ? 2.499   -0.856  0.339   1.00 40.99  ? 71  ARG A C   1 
ATOM 550  O O   . ARG A 1 71  ? 2.836   -0.688  1.511   1.00 43.59  ? 71  ARG A O   1 
ATOM 551  C CB  . ARG A 1 71  ? 2.288   -3.237  -0.379  1.00 35.55  ? 71  ARG A CB  1 
ATOM 552  C CG  . ARG A 1 71  ? 1.441   -4.376  -0.913  1.00 40.58  ? 71  ARG A CG  1 
ATOM 553  C CD  . ARG A 1 71  ? 2.218   -5.708  -0.952  1.00 39.08  ? 71  ARG A CD  1 
ATOM 554  N NE  . ARG A 1 71  ? 3.195   -5.804  -2.041  1.00 45.96  ? 71  ARG A NE  1 
ATOM 555  C CZ  . ARG A 1 71  ? 2.917   -6.231  -3.279  1.00 52.97  ? 71  ARG A CZ  1 
ATOM 556  N NH1 . ARG A 1 71  ? 1.675   -6.597  -3.603  1.00 39.24  ? 71  ARG A NH1 1 
ATOM 557  N NH2 . ARG A 1 71  ? 3.880   -6.277  -4.203  1.00 48.08  ? 71  ARG A NH2 1 
ATOM 558  N N   . SER A 1 72  ? 2.966   -0.109  -0.652  1.00 38.62  ? 72  SER A N   1 
ATOM 559  C CA  . SER A 1 72  ? 3.904   0.958   -0.380  1.00 37.05  ? 72  SER A CA  1 
ATOM 560  C C   . SER A 1 72  ? 3.185   2.095   0.328   1.00 41.65  ? 72  SER A C   1 
ATOM 561  O O   . SER A 1 72  ? 3.776   2.771   1.175   1.00 43.81  ? 72  SER A O   1 
ATOM 562  C CB  . SER A 1 72  ? 4.583   1.426   -1.673  1.00 42.75  ? 72  SER A CB  1 
ATOM 563  O OG  . SER A 1 72  ? 3.673   2.052   -2.554  1.00 41.05  ? 72  SER A OG  1 
ATOM 564  N N   . HIS A 1 73  ? 1.913   2.299   -0.037  1.00 44.98  ? 73  HIS A N   1 
ATOM 565  C CA  . HIS A 1 73  ? 1.014   3.244   0.648   1.00 48.28  ? 73  HIS A CA  1 
ATOM 566  C C   . HIS A 1 73  ? 0.867   2.864   2.112   1.00 52.85  ? 73  HIS A C   1 
ATOM 567  O O   . HIS A 1 73  ? 1.198   3.655   3.016   1.00 51.80  ? 73  HIS A O   1 
ATOM 568  C CB  . HIS A 1 73  ? -0.379  3.244   -0.005  1.00 42.63  ? 73  HIS A CB  1 
ATOM 569  C CG  . HIS A 1 73  ? -1.285  4.337   0.472   1.00 46.51  ? 73  HIS A CG  1 
ATOM 570  N ND1 . HIS A 1 73  ? -2.350  4.103   1.322   1.00 44.90  ? 73  HIS A ND1 1 
ATOM 571  C CD2 . HIS A 1 73  ? -1.319  5.661   0.196   1.00 51.84  ? 73  HIS A CD2 1 
ATOM 572  C CE1 . HIS A 1 73  ? -2.980  5.230   1.560   1.00 46.10  ? 73  HIS A CE1 1 
ATOM 573  N NE2 . HIS A 1 73  ? -2.375  6.202   0.889   1.00 48.93  ? 73  HIS A NE2 1 
ATOM 574  N N   . GLU A 1 74  ? 0.360   1.649   2.330   1.00 43.59  ? 74  GLU A N   1 
ATOM 575  C CA  . GLU A 1 74  ? 0.236   1.107   3.670   1.00 39.96  ? 74  GLU A CA  1 
ATOM 576  C C   . GLU A 1 74  ? 1.512   1.325   4.469   1.00 40.13  ? 74  GLU A C   1 
ATOM 577  O O   . GLU A 1 74  ? 1.463   1.817   5.586   1.00 48.06  ? 74  GLU A O   1 
ATOM 578  C CB  . GLU A 1 74  ? -0.133  -0.371  3.615   1.00 43.37  ? 74  GLU A CB  1 
ATOM 579  C CG  . GLU A 1 74  ? -1.613  -0.603  3.361   1.00 48.44  ? 74  GLU A CG  1 
ATOM 580  C CD  . GLU A 1 74  ? -1.919  -2.017  2.905   1.00 56.36  ? 74  GLU A CD  1 
ATOM 581  O OE1 . GLU A 1 74  ? -1.023  -2.878  3.032   1.00 53.19  ? 74  GLU A OE1 1 
ATOM 582  O OE2 . GLU A 1 74  ? -3.050  -2.260  2.411   1.00 56.30  ? 74  GLU A OE2 1 
ATOM 583  N N   . ALA A 1 75  ? 2.650   0.975   3.882   1.00 46.26  ? 75  ALA A N   1 
ATOM 584  C CA  . ALA A 1 75  ? 3.958   1.138   4.524   1.00 41.81  ? 75  ALA A CA  1 
ATOM 585  C C   . ALA A 1 75  ? 4.154   2.532   5.079   1.00 40.41  ? 75  ALA A C   1 
ATOM 586  O O   . ALA A 1 75  ? 4.491   2.685   6.243   1.00 46.52  ? 75  ALA A O   1 
ATOM 587  C CB  . ALA A 1 75  ? 5.075   0.803   3.556   1.00 33.83  ? 75  ALA A CB  1 
ATOM 588  N N   . VAL A 1 76  ? 3.933   3.549   4.252   1.00 41.18  ? 76  VAL A N   1 
ATOM 589  C CA  . VAL A 1 76  ? 4.095   4.929   4.702   1.00 46.39  ? 76  VAL A CA  1 
ATOM 590  C C   . VAL A 1 76  ? 3.299   5.155   5.991   1.00 51.18  ? 76  VAL A C   1 
ATOM 591  O O   . VAL A 1 76  ? 3.824   5.677   6.976   1.00 50.44  ? 76  VAL A O   1 
ATOM 592  C CB  . VAL A 1 76  ? 3.637   5.971   3.633   1.00 43.61  ? 76  VAL A CB  1 
ATOM 593  C CG1 . VAL A 1 76  ? 4.115   7.383   4.009   1.00 37.55  ? 76  VAL A CG1 1 
ATOM 594  C CG2 . VAL A 1 76  ? 4.090   5.577   2.226   1.00 38.04  ? 76  VAL A CG2 1 
ATOM 595  N N   . GLN A 1 77  ? 2.029   4.754   5.972   1.00 51.09  ? 77  GLN A N   1 
ATOM 596  C CA  . GLN A 1 77  ? 1.156   4.881   7.141   1.00 50.23  ? 77  GLN A CA  1 
ATOM 597  C C   . GLN A 1 77  ? 1.744   4.112   8.334   1.00 51.35  ? 77  GLN A C   1 
ATOM 598  O O   . GLN A 1 77  ? 1.991   4.703   9.393   1.00 44.22  ? 77  GLN A O   1 
ATOM 599  C CB  . GLN A 1 77  ? -0.285  4.461   6.781   1.00 40.59  ? 77  GLN A CB  1 
ATOM 600  C CG  . GLN A 1 77  ? -0.883  5.400   5.721   1.00 49.38  ? 77  GLN A CG  1 
ATOM 601  C CD  . GLN A 1 77  ? -2.324  5.110   5.350   1.00 49.48  ? 77  GLN A CD  1 
ATOM 602  O OE1 . GLN A 1 77  ? -2.715  3.948   5.118   1.00 50.76  ? 77  GLN A OE1 1 
ATOM 603  N NE2 . GLN A 1 77  ? -3.132  6.177   5.270   1.00 43.51  ? 77  GLN A NE2 1 
ATOM 604  N N   . HIS A 1 78  ? 2.023   2.821   8.123   1.00 50.87  ? 78  HIS A N   1 
ATOM 605  C CA  . HIS A 1 78  ? 2.621   1.965   9.140   1.00 43.59  ? 78  HIS A CA  1 
ATOM 606  C C   . HIS A 1 78  ? 3.806   2.617   9.812   1.00 45.59  ? 78  HIS A C   1 
ATOM 607  O O   . HIS A 1 78  ? 3.952   2.548   11.026  1.00 54.44  ? 78  HIS A O   1 
ATOM 608  C CB  . HIS A 1 78  ? 3.073   0.627   8.564   1.00 48.32  ? 78  HIS A CB  1 
ATOM 609  C CG  . HIS A 1 78  ? 3.840   -0.218  9.542   1.00 72.54  ? 78  HIS A CG  1 
ATOM 610  N ND1 . HIS A 1 78  ? 3.223   -1.118  10.397  1.00 74.37  ? 78  HIS A ND1 1 
ATOM 611  C CD2 . HIS A 1 78  ? 5.166   -0.320  9.803   1.00 75.11  ? 78  HIS A CD2 1 
ATOM 612  C CE1 . HIS A 1 78  ? 4.130   -1.729  11.129  1.00 71.95  ? 78  HIS A CE1 1 
ATOM 613  N NE2 . HIS A 1 78  ? 5.325   -1.262  10.794  1.00 71.81  ? 78  HIS A NE2 1 
ATOM 614  N N   . ILE A 1 79  ? 4.670   3.238   9.030   1.00 43.53  ? 79  ILE A N   1 
ATOM 615  C CA  . ILE A 1 79  ? 5.869   3.832   9.601   1.00 49.77  ? 79  ILE A CA  1 
ATOM 616  C C   . ILE A 1 79  ? 5.555   5.082   10.400  1.00 47.96  ? 79  ILE A C   1 
ATOM 617  O O   . ILE A 1 79  ? 6.150   5.324   11.440  1.00 49.02  ? 79  ILE A O   1 
ATOM 618  C CB  . ILE A 1 79  ? 6.890   4.182   8.515   1.00 52.57  ? 79  ILE A CB  1 
ATOM 619  C CG1 . ILE A 1 79  ? 7.525   2.906   7.971   1.00 41.83  ? 79  ILE A CG1 1 
ATOM 620  C CG2 . ILE A 1 79  ? 7.950   5.140   9.049   1.00 42.69  ? 79  ILE A CG2 1 
ATOM 621  C CD1 . ILE A 1 79  ? 8.190   3.118   6.662   1.00 41.96  ? 79  ILE A CD1 1 
ATOM 622  N N   . SER A 1 80  ? 4.626   5.887   9.902   1.00 53.38  ? 80  SER A N   1 
ATOM 623  C CA  . SER A 1 80  ? 4.293   7.124   10.572  1.00 47.59  ? 80  SER A CA  1 
ATOM 624  C C   . SER A 1 80  ? 3.729   6.778   11.929  1.00 53.08  ? 80  SER A C   1 
ATOM 625  O O   . SER A 1 80  ? 4.275   7.195   12.963  1.00 50.85  ? 80  SER A O   1 
ATOM 626  C CB  . SER A 1 80  ? 3.265   7.906   9.785   1.00 46.15  ? 80  SER A CB  1 
ATOM 627  O OG  . SER A 1 80  ? 3.015   9.135   10.451  1.00 54.42  ? 80  SER A OG  1 
ATOM 628  N N   . ILE A 1 81  ? 2.637   6.009   11.917  1.00 55.63  ? 81  ILE A N   1 
ATOM 629  C CA  . ILE A 1 81  ? 2.031   5.523   13.153  1.00 51.40  ? 81  ILE A CA  1 
ATOM 630  C C   . ILE A 1 81  ? 3.154   5.173   14.109  1.00 47.69  ? 81  ILE A C   1 
ATOM 631  O O   . ILE A 1 81  ? 3.291   5.781   15.164  1.00 48.32  ? 81  ILE A O   1 
ATOM 632  C CB  . ILE A 1 81  ? 1.116   4.287   12.932  1.00 41.77  ? 81  ILE A CB  1 
ATOM 633  C CG1 . ILE A 1 81  ? -0.188  4.705   12.267  1.00 38.21  ? 81  ILE A CG1 1 
ATOM 634  C CG2 . ILE A 1 81  ? 0.803   3.613   14.243  1.00 41.50  ? 81  ILE A CG2 1 
ATOM 635  C CD1 . ILE A 1 81  ? -1.160  3.561   12.059  1.00 36.12  ? 81  ILE A CD1 1 
ATOM 636  N N   . ARG A 1 82  ? 3.993   4.230   13.708  1.00 51.09  ? 82  ARG A N   1 
ATOM 637  C CA  . ARG A 1 82  ? 5.055   3.745   14.584  1.00 54.78  ? 82  ARG A CA  1 
ATOM 638  C C   . ARG A 1 82  ? 5.834   4.867   15.280  1.00 49.31  ? 82  ARG A C   1 
ATOM 639  O O   . ARG A 1 82  ? 5.993   4.857   16.493  1.00 48.25  ? 82  ARG A O   1 
ATOM 640  C CB  . ARG A 1 82  ? 6.010   2.841   13.806  1.00 51.60  ? 82  ARG A CB  1 
ATOM 641  C CG  . ARG A 1 82  ? 6.830   1.947   14.692  1.00 49.96  ? 82  ARG A CG  1 
ATOM 642  C CD  . ARG A 1 82  ? 7.870   1.258   13.887  1.00 55.95  ? 82  ARG A CD  1 
ATOM 643  N NE  . ARG A 1 82  ? 8.798   2.229   13.328  1.00 68.28  ? 82  ARG A NE  1 
ATOM 644  C CZ  . ARG A 1 82  ? 9.469   2.018   12.205  1.00 61.42  ? 82  ARG A CZ  1 
ATOM 645  N NH1 . ARG A 1 82  ? 9.273   0.879   11.546  1.00 60.02  ? 82  ARG A NH1 1 
ATOM 646  N NH2 . ARG A 1 82  ? 10.306  2.942   11.738  1.00 50.30  ? 82  ARG A NH2 1 
ATOM 647  N N   . ASP A 1 83  ? 6.292   5.839   14.500  1.00 50.46  ? 83  ASP A N   1 
ATOM 648  C CA  . ASP A 1 83  ? 7.204   6.878   14.980  1.00 53.35  ? 83  ASP A CA  1 
ATOM 649  C C   . ASP A 1 83  ? 6.466   7.880   15.842  1.00 51.44  ? 83  ASP A C   1 
ATOM 650  O O   . ASP A 1 83  ? 6.969   8.314   16.884  1.00 48.23  ? 83  ASP A O   1 
ATOM 651  C CB  . ASP A 1 83  ? 7.845   7.636   13.800  1.00 63.21  ? 83  ASP A CB  1 
ATOM 652  C CG  . ASP A 1 83  ? 8.729   6.753   12.925  1.00 61.91  ? 83  ASP A CG  1 
ATOM 653  O OD1 . ASP A 1 83  ? 9.102   5.625   13.356  1.00 57.28  ? 83  ASP A OD1 1 
ATOM 654  O OD2 . ASP A 1 83  ? 9.047   7.213   11.802  1.00 57.65  ? 83  ASP A OD2 1 
ATOM 655  N N   . ARG A 1 84  ? 5.280   8.261   15.369  1.00 52.15  ? 84  ARG A N   1 
ATOM 656  C CA  . ARG A 1 84  ? 4.400   9.173   16.094  1.00 59.29  ? 84  ARG A CA  1 
ATOM 657  C C   . ARG A 1 84  ? 4.062   8.609   17.482  1.00 50.86  ? 84  ARG A C   1 
ATOM 658  O O   . ARG A 1 84  ? 4.160   9.311   18.493  1.00 48.10  ? 84  ARG A O   1 
ATOM 659  C CB  . ARG A 1 84  ? 3.108   9.426   15.297  1.00 62.50  ? 84  ARG A CB  1 
ATOM 660  C CG  . ARG A 1 84  ? 3.274   10.107  13.943  1.00 55.73  ? 84  ARG A CG  1 
ATOM 661  C CD  . ARG A 1 84  ? 4.188   11.308  14.021  1.00 60.03  ? 84  ARG A CD  1 
ATOM 662  N NE  . ARG A 1 84  ? 5.556   10.949  13.631  1.00 62.78  ? 84  ARG A NE  1 
ATOM 663  C CZ  . ARG A 1 84  ? 6.642   11.177  14.368  1.00 67.54  ? 84  ARG A CZ  1 
ATOM 664  N NH1 . ARG A 1 84  ? 6.526   11.777  15.552  1.00 74.86  ? 84  ARG A NH1 1 
ATOM 665  N NH2 . ARG A 1 84  ? 7.842   10.810  13.920  1.00 67.03  ? 84  ARG A NH2 1 
ATOM 666  N N   . LEU A 1 85  ? 3.668   7.336   17.513  1.00 44.35  ? 85  LEU A N   1 
ATOM 667  C CA  . LEU A 1 85  ? 3.352   6.661   18.761  1.00 45.22  ? 85  LEU A CA  1 
ATOM 668  C C   . LEU A 1 85  ? 4.559   6.717   19.709  1.00 53.70  ? 85  LEU A C   1 
ATOM 669  O O   . LEU A 1 85  ? 4.421   7.115   20.867  1.00 56.99  ? 85  LEU A O   1 
ATOM 670  C CB  . LEU A 1 85  ? 2.880   5.210   18.524  1.00 42.41  ? 85  LEU A CB  1 
ATOM 671  C CG  . LEU A 1 85  ? 1.442   4.928   18.040  1.00 43.23  ? 85  LEU A CG  1 
ATOM 672  C CD1 . LEU A 1 85  ? 1.076   3.442   18.107  1.00 38.11  ? 85  LEU A CD1 1 
ATOM 673  C CD2 . LEU A 1 85  ? 0.393   5.755   18.791  1.00 44.37  ? 85  LEU A CD2 1 
ATOM 674  N N   . ASN A 1 86  ? 5.740   6.343   19.206  1.00 52.66  ? 86  ASN A N   1 
ATOM 675  C CA  . ASN A 1 86  ? 6.992   6.391   19.974  1.00 47.18  ? 86  ASN A CA  1 
ATOM 676  C C   . ASN A 1 86  ? 7.269   7.759   20.534  1.00 45.71  ? 86  ASN A C   1 
ATOM 677  O O   . ASN A 1 86  ? 7.781   7.880   21.629  1.00 51.25  ? 86  ASN A O   1 
ATOM 678  C CB  . ASN A 1 86  ? 8.184   5.944   19.128  1.00 43.49  ? 86  ASN A CB  1 
ATOM 679  C CG  . ASN A 1 86  ? 8.116   4.471   18.762  1.00 52.74  ? 86  ASN A CG  1 
ATOM 680  O OD1 . ASN A 1 86  ? 7.427   3.696   19.414  1.00 54.95  ? 86  ASN A OD1 1 
ATOM 681  N ND2 . ASN A 1 86  ? 8.835   4.080   17.723  1.00 53.78  ? 86  ASN A ND2 1 
ATOM 682  N N   . ASP A 1 87  ? 6.931   8.790   19.772  1.00 46.77  ? 87  ASP A N   1 
ATOM 683  C CA  . ASP A 1 87  ? 7.148   10.169  20.206  1.00 55.14  ? 87  ASP A CA  1 
ATOM 684  C C   . ASP A 1 87  ? 6.139   10.533  21.290  1.00 59.15  ? 87  ASP A C   1 
ATOM 685  O O   . ASP A 1 87  ? 6.346   11.468  22.090  1.00 61.81  ? 87  ASP A O   1 
ATOM 686  C CB  . ASP A 1 87  ? 7.007   11.149  19.024  1.00 64.93  ? 87  ASP A CB  1 
ATOM 687  C CG  . ASP A 1 87  ? 8.310   11.322  18.213  1.00 66.27  ? 87  ASP A CG  1 
ATOM 688  O OD1 . ASP A 1 87  ? 9.266   10.521  18.380  1.00 61.87  ? 87  ASP A OD1 1 
ATOM 689  O OD2 . ASP A 1 87  ? 8.370   12.274  17.393  1.00 68.33  ? 87  ASP A OD2 1 
ATOM 690  N N   . PHE A 1 88  ? 5.028   9.800   21.289  1.00 60.36  ? 88  PHE A N   1 
ATOM 691  C CA  . PHE A 1 88  ? 3.959   9.989   22.267  1.00 56.20  ? 88  PHE A CA  1 
ATOM 692  C C   . PHE A 1 88  ? 4.348   9.272   23.565  1.00 57.75  ? 88  PHE A C   1 
ATOM 693  O O   . PHE A 1 88  ? 4.304   9.865   24.643  1.00 58.11  ? 88  PHE A O   1 
ATOM 694  C CB  . PHE A 1 88  ? 2.642   9.452   21.711  1.00 49.77  ? 88  PHE A CB  1 
ATOM 695  C CG  . PHE A 1 88  ? 1.473   9.638   22.627  1.00 60.03  ? 88  PHE A CG  1 
ATOM 696  C CD1 . PHE A 1 88  ? 0.727   10.811  22.605  1.00 62.38  ? 88  PHE A CD1 1 
ATOM 697  C CD2 . PHE A 1 88  ? 1.105   8.636   23.512  1.00 60.44  ? 88  PHE A CD2 1 
ATOM 698  C CE1 . PHE A 1 88  ? -0.363  10.976  23.456  1.00 59.67  ? 88  PHE A CE1 1 
ATOM 699  C CE2 . PHE A 1 88  ? 0.025   8.803   24.358  1.00 51.07  ? 88  PHE A CE2 1 
ATOM 700  C CZ  . PHE A 1 88  ? -0.713  9.974   24.329  1.00 52.69  ? 88  PHE A CZ  1 
ATOM 701  N N   . MET A 1 89  ? 4.744   8.004   23.455  1.00 51.56  ? 89  MET A N   1 
ATOM 702  C CA  . MET A 1 89  ? 5.331   7.281   24.583  1.00 54.04  ? 89  MET A CA  1 
ATOM 703  C C   . MET A 1 89  ? 6.473   8.082   25.203  1.00 56.80  ? 89  MET A C   1 
ATOM 704  O O   . MET A 1 89  ? 6.696   8.055   26.414  1.00 60.11  ? 89  MET A O   1 
ATOM 705  C CB  . MET A 1 89  ? 5.851   5.905   24.149  1.00 47.71  ? 89  MET A CB  1 
ATOM 706  C CG  . MET A 1 89  ? 4.761   4.908   23.816  1.00 57.69  ? 89  MET A CG  1 
ATOM 707  S SD  . MET A 1 89  ? 3.355   4.909   24.984  1.00 57.47  ? 89  MET A SD  1 
ATOM 708  C CE  . MET A 1 89  ? 4.170   4.340   26.477  1.00 54.20  ? 89  MET A CE  1 
ATOM 709  N N   . GLN A 1 90  ? 7.210   8.791   24.364  1.00 55.27  ? 90  GLN A N   1 
ATOM 710  C CA  . GLN A 1 90  ? 8.308   9.588   24.861  1.00 62.94  ? 90  GLN A CA  1 
ATOM 711  C C   . GLN A 1 90  ? 7.749   10.619  25.836  1.00 61.10  ? 90  GLN A C   1 
ATOM 712  O O   . GLN A 1 90  ? 8.215   10.742  26.972  1.00 55.85  ? 90  GLN A O   1 
ATOM 713  C CB  . GLN A 1 90  ? 9.045   10.270  23.696  1.00 73.85  ? 90  GLN A CB  1 
ATOM 714  C CG  . GLN A 1 90  ? 10.369  10.903  24.082  1.00 77.13  ? 90  GLN A CG  1 
ATOM 715  C CD  . GLN A 1 90  ? 11.252  9.925   24.835  1.00 95.00  ? 90  GLN A CD  1 
ATOM 716  O OE1 . GLN A 1 90  ? 11.135  8.701   24.669  1.00 85.57  ? 90  GLN A OE1 1 
ATOM 717  N NE2 . GLN A 1 90  ? 12.132  10.457  25.686  1.00 95.12  ? 90  GLN A NE2 1 
ATOM 718  N N   . GLN A 1 91  ? 6.728   11.333  25.368  1.00 61.43  ? 91  GLN A N   1 
ATOM 719  C CA  . GLN A 1 91  ? 6.054   12.401  26.110  1.00 66.25  ? 91  GLN A CA  1 
ATOM 720  C C   . GLN A 1 91  ? 5.317   11.936  27.371  1.00 67.76  ? 91  GLN A C   1 
ATOM 721  O O   . GLN A 1 91  ? 5.582   12.411  28.492  1.00 52.66  ? 91  GLN A O   1 
ATOM 722  C CB  . GLN A 1 91  ? 5.055   13.097  25.169  1.00 66.28  ? 91  GLN A CB  1 
ATOM 723  C CG  . GLN A 1 91  ? 5.726   14.025  24.228  1.00 66.81  ? 91  GLN A CG  1 
ATOM 724  C CD  . GLN A 1 91  ? 6.714   14.851  24.984  1.00 85.23  ? 91  GLN A CD  1 
ATOM 725  O OE1 . GLN A 1 91  ? 7.930   14.697  24.818  1.00 89.42  ? 91  GLN A OE1 1 
ATOM 726  N NE2 . GLN A 1 91  ? 6.205   15.709  25.872  1.00 66.91  ? 91  GLN A NE2 1 
ATOM 727  N N   . HIS A 1 92  ? 4.400   10.995  27.155  1.00 70.32  ? 92  HIS A N   1 
ATOM 728  C CA  . HIS A 1 92  ? 3.394   10.624  28.138  1.00 67.18  ? 92  HIS A CA  1 
ATOM 729  C C   . HIS A 1 92  ? 3.411   9.136   28.448  1.00 62.24  ? 92  HIS A C   1 
ATOM 730  O O   . HIS A 1 92  ? 2.398   8.579   28.869  1.00 60.64  ? 92  HIS A O   1 
ATOM 731  C CB  . HIS A 1 92  ? 2.013   10.981  27.598  1.00 63.34  ? 92  HIS A CB  1 
ATOM 732  C CG  . HIS A 1 92  ? 1.938   12.329  26.952  1.00 65.31  ? 92  HIS A CG  1 
ATOM 733  N ND1 . HIS A 1 92  ? 1.663   12.494  25.613  1.00 63.99  ? 92  HIS A ND1 1 
ATOM 734  C CD2 . HIS A 1 92  ? 2.077   13.576  27.465  1.00 72.58  ? 92  HIS A CD2 1 
ATOM 735  C CE1 . HIS A 1 92  ? 1.641   13.782  25.322  1.00 71.00  ? 92  HIS A CE1 1 
ATOM 736  N NE2 . HIS A 1 92  ? 1.894   14.461  26.427  1.00 78.38  ? 92  HIS A NE2 1 
ATOM 737  N N   . GLY A 1 93  ? 4.544   8.483   28.213  1.00 60.32  ? 93  GLY A N   1 
ATOM 738  C CA  . GLY A 1 93  ? 4.635   7.052   28.444  1.00 62.83  ? 93  GLY A CA  1 
ATOM 739  C C   . GLY A 1 93  ? 4.610   6.731   29.925  1.00 64.57  ? 93  GLY A C   1 
ATOM 740  O O   . GLY A 1 93  ? 4.192   5.639   30.330  1.00 57.19  ? 93  GLY A O   1 
ATOM 741  N N   . THR A 1 94  ? 5.065   7.688   30.733  1.00 69.14  ? 94  THR A N   1 
ATOM 742  C CA  . THR A 1 94  ? 5.076   7.504   32.179  1.00 68.18  ? 94  THR A CA  1 
ATOM 743  C C   . THR A 1 94  ? 3.663   7.609   32.721  1.00 61.34  ? 94  THR A C   1 
ATOM 744  O O   . THR A 1 94  ? 3.252   6.817   33.575  1.00 54.34  ? 94  THR A O   1 
ATOM 745  C CB  . THR A 1 94  ? 5.984   8.525   32.877  1.00 63.51  ? 94  THR A CB  1 
ATOM 746  O OG1 . THR A 1 94  ? 7.349   8.227   32.557  1.00 65.22  ? 94  THR A OG1 1 
ATOM 747  C CG2 . THR A 1 94  ? 5.802   8.450   34.380  1.00 58.97  ? 94  THR A CG2 1 
ATOM 748  N N   . ALA A 1 95  ? 2.919   8.583   32.209  1.00 60.06  ? 95  ALA A N   1 
ATOM 749  C CA  . ALA A 1 95  ? 1.556   8.793   32.670  1.00 56.96  ? 95  ALA A CA  1 
ATOM 750  C C   . ALA A 1 95  ? 0.728   7.585   32.311  1.00 55.21  ? 95  ALA A C   1 
ATOM 751  O O   . ALA A 1 95  ? -0.138  7.166   33.082  1.00 58.33  ? 95  ALA A O   1 
ATOM 752  C CB  . ALA A 1 95  ? 0.963   10.029  32.034  1.00 59.66  ? 95  ALA A CB  1 
ATOM 753  N N   . LEU A 1 96  ? 1.005   7.029   31.130  1.00 57.25  ? 96  LEU A N   1 
ATOM 754  C CA  . LEU A 1 96  ? 0.202   5.941   30.599  1.00 51.75  ? 96  LEU A CA  1 
ATOM 755  C C   . LEU A 1 96  ? 0.437   4.623   31.322  1.00 51.37  ? 96  LEU A C   1 
ATOM 756  O O   . LEU A 1 96  ? -0.500  3.878   31.617  1.00 53.35  ? 96  LEU A O   1 
ATOM 757  C CB  . LEU A 1 96  ? 0.414   5.761   29.107  1.00 42.56  ? 96  LEU A CB  1 
ATOM 758  C CG  . LEU A 1 96  ? -0.539  4.685   28.575  1.00 48.60  ? 96  LEU A CG  1 
ATOM 759  C CD1 . LEU A 1 96  ? -2.000  5.089   28.765  1.00 54.48  ? 96  LEU A CD1 1 
ATOM 760  C CD2 . LEU A 1 96  ? -0.288  4.427   27.117  1.00 51.22  ? 96  LEU A CD2 1 
ATOM 761  N N   . ALA A 1 97  ? 1.688   4.325   31.619  1.00 54.85  ? 97  ALA A N   1 
ATOM 762  C CA  . ALA A 1 97  ? 1.982   3.104   32.350  1.00 51.41  ? 97  ALA A CA  1 
ATOM 763  C C   . ALA A 1 97  ? 1.553   3.235   33.805  1.00 53.66  ? 97  ALA A C   1 
ATOM 764  O O   . ALA A 1 97  ? 1.261   2.236   34.462  1.00 53.38  ? 97  ALA A O   1 
ATOM 765  C CB  . ALA A 1 97  ? 3.452   2.788   32.269  1.00 60.77  ? 97  ALA A CB  1 
ATOM 766  N N   . ALA A 1 98  ? 1.535   4.466   34.315  1.00 55.46  ? 98  ALA A N   1 
ATOM 767  C CA  . ALA A 1 98  ? 1.103   4.706   35.684  1.00 50.68  ? 98  ALA A CA  1 
ATOM 768  C C   . ALA A 1 98  ? -0.356  4.252   35.797  1.00 58.11  ? 98  ALA A C   1 
ATOM 769  O O   . ALA A 1 98  ? -0.723  3.460   36.687  1.00 52.08  ? 98  ALA A O   1 
ATOM 770  C CB  . ALA A 1 98  ? 1.234   6.177   36.022  1.00 40.40  ? 98  ALA A CB  1 
ATOM 771  N N   . ALA A 1 99  ? -1.176  4.746   34.864  1.00 58.36  ? 99  ALA A N   1 
ATOM 772  C CA  . ALA A 1 99  ? -2.598  4.422   34.819  1.00 49.46  ? 99  ALA A CA  1 
ATOM 773  C C   . ALA A 1 99  ? -2.802  2.919   34.716  1.00 53.62  ? 99  ALA A C   1 
ATOM 774  O O   . ALA A 1 99  ? -3.785  2.395   35.235  1.00 59.97  ? 99  ALA A O   1 
ATOM 775  C CB  . ALA A 1 99  ? -3.278  5.115   33.655  1.00 47.31  ? 99  ALA A CB  1 
ATOM 776  N N   . LEU A 1 100 ? -1.876  2.227   34.050  1.00 52.88  ? 100 LEU A N   1 
ATOM 777  C CA  . LEU A 1 100 ? -1.974  0.767   33.880  1.00 52.55  ? 100 LEU A CA  1 
ATOM 778  C C   . LEU A 1 100 ? -1.154  -0.007  34.898  1.00 54.02  ? 100 LEU A C   1 
ATOM 779  O O   . LEU A 1 100 ? -0.940  -1.220  34.735  1.00 48.08  ? 100 LEU A O   1 
ATOM 780  C CB  . LEU A 1 100 ? -1.535  0.337   32.481  1.00 49.84  ? 100 LEU A CB  1 
ATOM 781  C CG  . LEU A 1 100 ? -2.473  0.641   31.324  1.00 50.59  ? 100 LEU A CG  1 
ATOM 782  C CD1 . LEU A 1 100 ? -1.668  0.957   30.076  1.00 47.10  ? 100 LEU A CD1 1 
ATOM 783  C CD2 . LEU A 1 100 ? -3.441  -0.522  31.098  1.00 48.83  ? 100 LEU A CD2 1 
ATOM 784  N N   . ALA A 1 101 ? -0.711  0.700   35.942  1.00 55.14  ? 101 ALA A N   1 
ATOM 785  C CA  . ALA A 1 101 ? 0.207   0.146   36.948  1.00 54.58  ? 101 ALA A CA  1 
ATOM 786  C C   . ALA A 1 101 ? -0.221  -1.190  37.613  1.00 56.09  ? 101 ALA A C   1 
ATOM 787  O O   . ALA A 1 101 ? 0.622   -2.037  37.890  1.00 59.23  ? 101 ALA A O   1 
ATOM 788  C CB  . ALA A 1 101 ? 0.552   1.208   38.001  1.00 47.69  ? 101 ALA A CB  1 
ATOM 789  N N   . PRO A 1 102 ? -1.528  -1.375  37.886  1.00 60.32  ? 102 PRO A N   1 
ATOM 790  C CA  . PRO A 1 102 ? -2.042  -2.643  38.437  1.00 54.03  ? 102 PRO A CA  1 
ATOM 791  C C   . PRO A 1 102 ? -1.805  -3.863  37.556  1.00 59.12  ? 102 PRO A C   1 
ATOM 792  O O   . PRO A 1 102 ? -1.814  -5.006  38.045  1.00 52.91  ? 102 PRO A O   1 
ATOM 793  C CB  . PRO A 1 102 ? -3.545  -2.387  38.523  1.00 51.77  ? 102 PRO A CB  1 
ATOM 794  C CG  . PRO A 1 102 ? -3.649  -0.902  38.771  1.00 53.78  ? 102 PRO A CG  1 
ATOM 795  C CD  . PRO A 1 102 ? -2.554  -0.310  37.921  1.00 65.86  ? 102 PRO A CD  1 
ATOM 796  N N   . GLU A 1 103 ? -1.631  -3.612  36.260  1.00 65.36  ? 103 GLU A N   1 
ATOM 797  C CA  . GLU A 1 103 ? -1.393  -4.673  35.292  1.00 66.39  ? 103 GLU A CA  1 
ATOM 798  C C   . GLU A 1 103 ? 0.105   -4.751  35.034  1.00 58.09  ? 103 GLU A C   1 
ATOM 799  O O   . GLU A 1 103 ? 0.679   -5.842  35.007  1.00 62.58  ? 103 GLU A O   1 
ATOM 800  C CB  . GLU A 1 103 ? -2.189  -4.434  33.990  1.00 60.58  ? 103 GLU A CB  1 
ATOM 801  C CG  . GLU A 1 103 ? -3.697  -4.718  34.099  1.00 55.40  ? 103 GLU A CG  1 
ATOM 802  C CD  . GLU A 1 103 ? -4.009  -6.177  34.402  1.00 67.68  ? 103 GLU A CD  1 
ATOM 803  O OE1 . GLU A 1 103 ? -3.103  -7.031  34.252  1.00 75.71  ? 103 GLU A OE1 1 
ATOM 804  O OE2 . GLU A 1 103 ? -5.161  -6.477  34.782  1.00 67.93  ? 103 GLU A OE2 1 
ATOM 805  N N   . LEU A 1 104 ? 0.731   -3.581  34.900  1.00 58.89  ? 104 LEU A N   1 
ATOM 806  C CA  . LEU A 1 104 ? 2.102   -3.468  34.387  1.00 58.01  ? 104 LEU A CA  1 
ATOM 807  C C   . LEU A 1 104 ? 3.220   -3.428  35.414  1.00 69.54  ? 104 LEU A C   1 
ATOM 808  O O   . LEU A 1 104 ? 4.331   -3.831  35.105  1.00 88.61  ? 104 LEU A O   1 
ATOM 809  C CB  . LEU A 1 104 ? 2.249   -2.235  33.498  1.00 52.03  ? 104 LEU A CB  1 
ATOM 810  C CG  . LEU A 1 104 ? 1.476   -2.326  32.194  1.00 57.86  ? 104 LEU A CG  1 
ATOM 811  C CD1 . LEU A 1 104 ? 1.819   -1.153  31.273  1.00 58.74  ? 104 LEU A CD1 1 
ATOM 812  C CD2 . LEU A 1 104 ? 1.717   -3.696  31.535  1.00 60.61  ? 104 LEU A CD2 1 
ATOM 813  N N   . MET A 1 105 ? 2.962   -2.916  36.608  1.00 63.14  ? 105 MET A N   1 
ATOM 814  C CA  . MET A 1 105 ? 4.019   -2.827  37.610  1.00 64.33  ? 105 MET A CA  1 
ATOM 815  C C   . MET A 1 105 ? 4.849   -4.116  37.769  1.00 76.95  ? 105 MET A C   1 
ATOM 816  O O   . MET A 1 105 ? 4.325   -5.202  38.054  1.00 67.69  ? 105 MET A O   1 
ATOM 817  C CB  . MET A 1 105 ? 3.459   -2.381  38.953  1.00 60.92  ? 105 MET A CB  1 
ATOM 818  C CG  . MET A 1 105 ? 4.468   -1.610  39.798  1.00 56.73  ? 105 MET A CG  1 
ATOM 819  S SD  . MET A 1 105 ? 3.628   -0.516  40.948  1.00 53.68  ? 105 MET A SD  1 
ATOM 820  C CE  . MET A 1 105 ? 4.981   0.143   41.924  1.00 69.24  ? 105 MET A CE  1 
ATOM 821  N N   . GLY A 1 106 ? 6.159   -3.983  37.578  1.00 89.50  ? 106 GLY A N   1 
ATOM 822  C CA  . GLY A 1 106 ? 7.051   -5.120  37.708  1.00 95.72  ? 106 GLY A CA  1 
ATOM 823  C C   . GLY A 1 106 ? 7.038   -5.978  36.462  1.00 97.63  ? 106 GLY A C   1 
ATOM 824  O O   . GLY A 1 106 ? 7.192   -7.209  36.521  1.00 103.74 ? 106 GLY A O   1 
ATOM 825  N N   . TYR A 1 107 ? 6.845   -5.309  35.327  1.00 97.46  ? 107 TYR A N   1 
ATOM 826  C CA  . TYR A 1 107 ? 6.822   -5.971  34.019  1.00 102.47 ? 107 TYR A CA  1 
ATOM 827  C C   . TYR A 1 107 ? 8.207   -6.520  33.634  1.00 109.63 ? 107 TYR A C   1 
ATOM 828  O O   . TYR A 1 107 ? 8.342   -7.684  33.203  1.00 103.28 ? 107 TYR A O   1 
ATOM 829  C CB  . TYR A 1 107 ? 6.307   -5.018  32.932  1.00 82.84  ? 107 TYR A CB  1 
ATOM 830  C CG  . TYR A 1 107 ? 6.298   -5.651  31.568  1.00 80.97  ? 107 TYR A CG  1 
ATOM 831  C CD1 . TYR A 1 107 ? 5.328   -6.590  31.229  1.00 92.50  ? 107 TYR A CD1 1 
ATOM 832  C CD2 . TYR A 1 107 ? 7.271   -5.335  30.625  1.00 83.06  ? 107 TYR A CD2 1 
ATOM 833  C CE1 . TYR A 1 107 ? 5.320   -7.189  29.974  1.00 96.58  ? 107 TYR A CE1 1 
ATOM 834  C CE2 . TYR A 1 107 ? 7.274   -5.928  29.374  1.00 91.22  ? 107 TYR A CE2 1 
ATOM 835  C CZ  . TYR A 1 107 ? 6.301   -6.855  29.046  1.00 95.92  ? 107 TYR A CZ  1 
ATOM 836  O OH  . TYR A 1 107 ? 6.317   -7.442  27.786  1.00 90.45  ? 107 TYR A OH  1 
ATOM 837  N N   . SER A 1 108 ? 9.227   -5.674  33.781  1.00 115.04 ? 108 SER A N   1 
ATOM 838  C CA  . SER A 1 108 ? 10.599  -6.107  33.543  1.00 112.66 ? 108 SER A CA  1 
ATOM 839  C C   . SER A 1 108 ? 10.883  -7.397  34.338  1.00 116.52 ? 108 SER A C   1 
ATOM 840  O O   . SER A 1 108 ? 11.633  -8.260  33.869  1.00 113.98 ? 108 SER A O   1 
ATOM 841  C CB  . SER A 1 108 ? 11.607  -4.971  33.841  1.00 106.15 ? 108 SER A CB  1 
ATOM 842  O OG  . SER A 1 108 ? 11.300  -4.269  35.042  1.00 104.06 ? 108 SER A OG  1 
ATOM 843  N N   . GLU A 1 109 ? 10.231  -7.528  35.508  1.00 118.68 ? 109 GLU A N   1 
ATOM 844  C CA  . GLU A 1 109 ? 10.373  -8.678  36.438  1.00 111.68 ? 109 GLU A CA  1 
ATOM 845  C C   . GLU A 1 109 ? 9.611   -9.939  36.018  1.00 102.04 ? 109 GLU A C   1 
ATOM 846  O O   . GLU A 1 109 ? 9.788   -11.013 36.594  1.00 101.89 ? 109 GLU A O   1 
ATOM 847  C CB  . GLU A 1 109 ? 9.908   -8.278  37.853  1.00 109.16 ? 109 GLU A CB  1 
ATOM 848  C CG  . GLU A 1 109 ? 10.678  -7.111  38.439  1.00 118.32 ? 109 GLU A CG  1 
ATOM 849  C CD  . GLU A 1 109 ? 12.131  -7.445  38.718  1.00 133.17 ? 109 GLU A CD  1 
ATOM 850  O OE1 . GLU A 1 109 ? 12.920  -7.680  37.767  1.00 130.65 ? 109 GLU A OE1 1 
ATOM 851  O OE2 . GLU A 1 109 ? 12.510  -7.480  39.913  1.00 136.92 ? 109 GLU A OE2 1 
ATOM 852  N N   . LEU A 1 110 ? 8.761   -9.807  35.013  1.00 106.04 ? 110 LEU A N   1 
ATOM 853  C CA  . LEU A 1 110 ? 7.819   -10.866 34.722  1.00 108.99 ? 110 LEU A CA  1 
ATOM 854  C C   . LEU A 1 110 ? 8.398   -12.008 33.884  1.00 104.61 ? 110 LEU A C   1 
ATOM 855  O O   . LEU A 1 110 ? 9.417   -11.867 33.178  1.00 93.83  ? 110 LEU A O   1 
ATOM 856  C CB  . LEU A 1 110 ? 6.520   -10.300 34.110  1.00 102.24 ? 110 LEU A CB  1 
ATOM 857  C CG  . LEU A 1 110 ? 5.686   -9.465  35.090  1.00 95.97  ? 110 LEU A CG  1 
ATOM 858  C CD1 . LEU A 1 110 ? 4.412   -8.925  34.430  1.00 86.23  ? 110 LEU A CD1 1 
ATOM 859  C CD2 . LEU A 1 110 ? 5.386   -10.295 36.348  1.00 96.44  ? 110 LEU A CD2 1 
ATOM 860  N N   . THR A 1 111 ? 7.733   -13.153 34.023  1.00 114.33 ? 111 THR A N   1 
ATOM 861  C CA  . THR A 1 111 ? 7.965   -14.336 33.195  1.00 116.18 ? 111 THR A CA  1 
ATOM 862  C C   . THR A 1 111 ? 7.369   -14.108 31.780  1.00 115.26 ? 111 THR A C   1 
ATOM 863  O O   . THR A 1 111 ? 6.788   -13.047 31.500  1.00 117.68 ? 111 THR A O   1 
ATOM 864  C CB  . THR A 1 111 ? 7.390   -15.617 33.893  1.00 114.96 ? 111 THR A CB  1 
ATOM 865  O OG1 . THR A 1 111 ? 6.000   -15.791 33.570  1.00 111.98 ? 111 THR A OG1 1 
ATOM 866  C CG2 . THR A 1 111 ? 7.568   -15.515 35.438  1.00 104.39 ? 111 THR A CG2 1 
ATOM 867  N N   . ALA A 1 112 ? 7.501   -15.076 30.880  1.00 116.78 ? 112 ALA A N   1 
ATOM 868  C CA  . ALA A 1 112 ? 6.964   -14.864 29.537  1.00 111.79 ? 112 ALA A CA  1 
ATOM 869  C C   . ALA A 1 112 ? 5.442   -15.028 29.541  1.00 112.33 ? 112 ALA A C   1 
ATOM 870  O O   . ALA A 1 112 ? 4.726   -14.321 28.824  1.00 113.56 ? 112 ALA A O   1 
ATOM 871  C CB  . ALA A 1 112 ? 7.615   -15.795 28.531  1.00 114.83 ? 112 ALA A CB  1 
ATOM 872  N N   . ILE A 1 113 ? 4.951   -15.951 30.368  1.00 117.05 ? 113 ILE A N   1 
ATOM 873  C CA  . ILE A 1 113 ? 3.505   -16.151 30.525  1.00 115.32 ? 113 ILE A CA  1 
ATOM 874  C C   . ILE A 1 113 ? 2.876   -15.015 31.337  1.00 104.95 ? 113 ILE A C   1 
ATOM 875  O O   . ILE A 1 113 ? 1.712   -14.652 31.113  1.00 107.36 ? 113 ILE A O   1 
ATOM 876  C CB  . ILE A 1 113 ? 3.177   -17.528 31.168  1.00 111.26 ? 113 ILE A CB  1 
ATOM 877  C CG1 . ILE A 1 113 ? 3.073   -18.613 30.070  1.00 99.35  ? 113 ILE A CG1 1 
ATOM 878  C CG2 . ILE A 1 113 ? 1.908   -17.445 32.044  1.00 82.27  ? 113 ILE A CG2 1 
ATOM 879  C CD1 . ILE A 1 113 ? 4.351   -18.792 29.217  1.00 70.96  ? 113 ILE A CD1 1 
ATOM 880  N N   . ALA A 1 114 ? 3.648   -14.460 32.273  1.00 103.78 ? 114 ALA A N   1 
ATOM 881  C CA  . ALA A 1 114 ? 3.210   -13.309 33.067  1.00 103.54 ? 114 ALA A CA  1 
ATOM 882  C C   . ALA A 1 114 ? 3.104   -12.074 32.185  1.00 100.39 ? 114 ALA A C   1 
ATOM 883  O O   . ALA A 1 114 ? 2.149   -11.299 32.287  1.00 100.80 ? 114 ALA A O   1 
ATOM 884  C CB  . ALA A 1 114 ? 4.174   -13.050 34.225  1.00 99.08  ? 114 ALA A CB  1 
ATOM 885  N N   . ARG A 1 115 ? 4.095   -11.921 31.306  1.00 102.88 ? 115 ARG A N   1 
ATOM 886  C CA  . ARG A 1 115 ? 4.216   -10.770 30.399  1.00 101.53 ? 115 ARG A CA  1 
ATOM 887  C C   . ARG A 1 115 ? 3.211   -10.759 29.233  1.00 101.66 ? 115 ARG A C   1 
ATOM 888  O O   . ARG A 1 115 ? 2.769   -9.680  28.807  1.00 94.18  ? 115 ARG A O   1 
ATOM 889  C CB  . ARG A 1 115 ? 5.636   -10.697 29.815  1.00 105.24 ? 115 ARG A CB  1 
ATOM 890  C CG  . ARG A 1 115 ? 6.668   -10.017 30.691  1.00 103.70 ? 115 ARG A CG  1 
ATOM 891  C CD  . ARG A 1 115 ? 7.986   -9.874  29.957  1.00 107.41 ? 115 ARG A CD  1 
ATOM 892  N NE  . ARG A 1 115 ? 8.704   -11.137 29.858  1.00 121.60 ? 115 ARG A NE  1 
ATOM 893  C CZ  . ARG A 1 115 ? 9.330   -11.566 28.767  1.00 120.25 ? 115 ARG A CZ  1 
ATOM 894  N NH1 . ARG A 1 115 ? 9.304   -10.834 27.654  1.00 118.84 ? 115 ARG A NH1 1 
ATOM 895  N NH2 . ARG A 1 115 ? 9.968   -12.738 28.790  1.00 109.23 ? 115 ARG A NH2 1 
ATOM 896  N N   . ASN A 1 116 ? 2.897   -11.944 28.693  1.00 104.62 ? 116 ASN A N   1 
ATOM 897  C CA  . ASN A 1 116 ? 1.847   -12.090 27.682  1.00 97.62  ? 116 ASN A CA  1 
ATOM 898  C C   . ASN A 1 116 ? 0.515   -11.730 28.338  1.00 99.87  ? 116 ASN A C   1 
ATOM 899  O O   . ASN A 1 116 ? -0.252  -10.910 27.810  1.00 97.61  ? 116 ASN A O   1 
ATOM 900  C CB  . ASN A 1 116 ? 1.799   -13.524 27.132  1.00 102.80 ? 116 ASN A CB  1 
ATOM 901  C CG  . ASN A 1 116 ? 2.954   -13.825 26.180  1.00 119.01 ? 116 ASN A CG  1 
ATOM 902  O OD1 . ASN A 1 116 ? 3.402   -12.945 25.440  1.00 115.34 ? 116 ASN A OD1 1 
ATOM 903  N ND2 . ASN A 1 116 ? 3.438   -15.071 26.196  1.00 108.85 ? 116 ASN A ND2 1 
ATOM 904  N N   . SER A 1 117 ? 0.254   -12.327 29.499  1.00 95.70  ? 117 SER A N   1 
ATOM 905  C CA  . SER A 1 117 ? -0.964  -12.037 30.243  1.00 92.93  ? 117 SER A CA  1 
ATOM 906  C C   . SER A 1 117 ? -1.104  -10.534 30.487  1.00 91.30  ? 117 SER A C   1 
ATOM 907  O O   . SER A 1 117 ? -2.067  -9.906  30.021  1.00 93.38  ? 117 SER A O   1 
ATOM 908  C CB  . SER A 1 117 ? -0.994  -12.825 31.554  1.00 102.54 ? 117 SER A CB  1 
ATOM 909  O OG  . SER A 1 117 ? -1.039  -14.220 31.310  1.00 97.79  ? 117 SER A OG  1 
ATOM 910  N N   . ALA A 1 118 ? -0.128  -9.971  31.203  1.00 92.97  ? 118 ALA A N   1 
ATOM 911  C CA  . ALA A 1 118 ? -0.105  -8.544  31.526  1.00 87.12  ? 118 ALA A CA  1 
ATOM 912  C C   . ALA A 1 118 ? -0.371  -7.593  30.371  1.00 81.75  ? 118 ALA A C   1 
ATOM 913  O O   . ALA A 1 118 ? -1.131  -6.632  30.523  1.00 81.06  ? 118 ALA A O   1 
ATOM 914  C CB  . ALA A 1 118 ? 1.249   -8.226  32.144  1.00 92.17  ? 118 ALA A CB  1 
ATOM 915  N N   . ILE A 1 119 ? 0.257   -7.846  29.224  1.00 78.07  ? 119 ILE A N   1 
ATOM 916  C CA  . ILE A 1 119 ? 0.044   -6.984  28.064  1.00 74.94  ? 119 ILE A CA  1 
ATOM 917  C C   . ILE A 1 119 ? -1.345  -7.147  27.462  1.00 74.19  ? 119 ILE A C   1 
ATOM 918  O O   . ILE A 1 119 ? -1.996  -6.154  27.113  1.00 73.82  ? 119 ILE A O   1 
ATOM 919  C CB  . ILE A 1 119 ? 1.088   -7.199  26.960  1.00 76.31  ? 119 ILE A CB  1 
ATOM 920  C CG1 . ILE A 1 119 ? 2.410   -6.541  27.358  1.00 78.39  ? 119 ILE A CG1 1 
ATOM 921  C CG2 . ILE A 1 119 ? 0.598   -6.603  25.645  1.00 75.17  ? 119 ILE A CG2 1 
ATOM 922  C CD1 . ILE A 1 119 ? 2.308   -5.048  27.623  1.00 72.61  ? 119 ILE A CD1 1 
ATOM 923  N N   . GLN A 1 120 ? -1.799  -8.392  27.341  1.00 77.30  ? 120 GLN A N   1 
ATOM 924  C CA  . GLN A 1 120 ? -3.109  -8.636  26.766  1.00 79.59  ? 120 GLN A CA  1 
ATOM 925  C C   . GLN A 1 120 ? -4.141  -7.786  27.498  1.00 73.65  ? 120 GLN A C   1 
ATOM 926  O O   . GLN A 1 120 ? -4.942  -7.079  26.877  1.00 73.72  ? 120 GLN A O   1 
ATOM 927  C CB  . GLN A 1 120 ? -3.498  -10.114 26.844  1.00 82.79  ? 120 GLN A CB  1 
ATOM 928  C CG  . GLN A 1 120 ? -4.810  -10.402 26.107  1.00 96.70  ? 120 GLN A CG  1 
ATOM 929  C CD  . GLN A 1 120 ? -4.752  -9.951  24.645  1.00 99.57  ? 120 GLN A CD  1 
ATOM 930  O OE1 . GLN A 1 120 ? -3.913  -10.434 23.880  1.00 93.06  ? 120 GLN A OE1 1 
ATOM 931  N NE2 . GLN A 1 120 ? -5.621  -9.009  24.261  1.00 86.88  ? 120 GLN A NE2 1 
ATOM 932  N N   . ARG A 1 121 ? -4.085  -7.837  28.825  1.00 72.94  ? 121 ARG A N   1 
ATOM 933  C CA  . ARG A 1 121 ? -5.122  -7.267  29.688  1.00 67.95  ? 121 ARG A CA  1 
ATOM 934  C C   . ARG A 1 121 ? -5.082  -5.751  29.744  1.00 58.53  ? 121 ARG A C   1 
ATOM 935  O O   . ARG A 1 121 ? -6.105  -5.078  29.940  1.00 54.79  ? 121 ARG A O   1 
ATOM 936  C CB  . ARG A 1 121 ? -4.935  -7.809  31.104  1.00 77.47  ? 121 ARG A CB  1 
ATOM 937  C CG  . ARG A 1 121 ? -5.480  -9.207  31.322  1.00 84.32  ? 121 ARG A CG  1 
ATOM 938  C CD  . ARG A 1 121 ? -5.498  -9.537  32.807  1.00 84.81  ? 121 ARG A CD  1 
ATOM 939  N NE  . ARG A 1 121 ? -4.135  -9.610  33.317  1.00 100.94 ? 121 ARG A NE  1 
ATOM 940  C CZ  . ARG A 1 121 ? -3.369  -10.695 33.243  1.00 108.62 ? 121 ARG A CZ  1 
ATOM 941  N NH1 . ARG A 1 121 ? -3.841  -11.811 32.688  1.00 106.03 ? 121 ARG A NH1 1 
ATOM 942  N NH2 . ARG A 1 121 ? -2.132  -10.664 33.727  1.00 99.17  ? 121 ARG A NH2 1 
ATOM 943  N N   . ALA A 1 122 ? -3.867  -5.235  29.620  1.00 63.52  ? 122 ALA A N   1 
ATOM 944  C CA  . ALA A 1 122 ? -3.621  -3.805  29.530  1.00 65.66  ? 122 ALA A CA  1 
ATOM 945  C C   . ALA A 1 122 ? -4.160  -3.275  28.197  1.00 58.91  ? 122 ALA A C   1 
ATOM 946  O O   . ALA A 1 122 ? -4.811  -2.225  28.133  1.00 48.49  ? 122 ALA A O   1 
ATOM 947  C CB  . ALA A 1 122 ? -2.116  -3.550  29.636  1.00 59.54  ? 122 ALA A CB  1 
ATOM 948  N N   . CYS A 1 123 ? -3.912  -4.058  27.151  0.76 58.92  ? 123 CYS A N   1 
ATOM 949  C CA  A CYS A 1 123 ? -4.286  -3.674  25.820  0.51 55.86  ? 123 CYS A CA  1 
ATOM 950  C CA  B CYS A 1 123 ? -4.264  -3.630  25.907  0.49 56.16  ? 123 CYS A CA  1 
ATOM 951  C C   . CYS A 1 123 ? -5.818  -3.731  25.678  1.00 53.83  ? 123 CYS A C   1 
ATOM 952  O O   . CYS A 1 123 ? -6.401  -3.003  24.858  1.00 52.96  ? 123 CYS A O   1 
ATOM 953  C CB  A CYS A 1 123 ? -3.551  -4.512  24.763  0.51 54.83  ? 123 CYS A CB  1 
ATOM 954  C CB  B CYS A 1 123 ? -3.529  -4.467  24.850  0.49 54.51  ? 123 CYS A CB  1 
ATOM 955  S SG  A CYS A 1 123 ? -4.126  -4.079  22.987  0.51 60.75  ? 123 CYS A SG  1 
ATOM 956  S SG  B CYS A 1 123 ? -1.633  -4.200  24.920  0.49 48.12  ? 123 CYS A SG  1 
ATOM 957  N N   . ASP A 1 124 ? -6.479  -4.585  26.464  1.00 51.38  ? 124 ASP A N   1 
ATOM 958  C CA  . ASP A 1 124 ? -7.955  -4.599  26.499  1.00 50.75  ? 124 ASP A CA  1 
ATOM 959  C C   . ASP A 1 124 ? -8.468  -3.323  27.171  1.00 49.16  ? 124 ASP A C   1 
ATOM 960  O O   . ASP A 1 124 ? -9.396  -2.689  26.675  1.00 51.45  ? 124 ASP A O   1 
ATOM 961  C CB  . ASP A 1 124 ? -8.526  -5.822  27.228  1.00 51.82  ? 124 ASP A CB  1 
ATOM 962  C CG  . ASP A 1 124 ? -8.199  -7.157  26.532  1.00 63.04  ? 124 ASP A CG  1 
ATOM 963  O OD1 . ASP A 1 124 ? -8.097  -7.218  25.283  1.00 65.08  ? 124 ASP A OD1 1 
ATOM 964  O OD2 . ASP A 1 124 ? -8.072  -8.180  27.246  1.00 68.77  ? 124 ASP A OD2 1 
ATOM 965  N N   . ALA A 1 125 ? -7.859  -2.954  28.298  1.00 50.51  ? 125 ALA A N   1 
ATOM 966  C CA  . ALA A 1 125 ? -8.214  -1.738  29.039  1.00 47.88  ? 125 ALA A CA  1 
ATOM 967  C C   . ALA A 1 125 ? -7.985  -0.491  28.206  1.00 47.17  ? 125 ALA A C   1 
ATOM 968  O O   . ALA A 1 125 ? -8.678  0.505   28.373  1.00 51.33  ? 125 ALA A O   1 
ATOM 969  C CB  . ALA A 1 125 ? -7.396  -1.654  30.330  1.00 46.66  ? 125 ALA A CB  1 
ATOM 970  N N   . LEU A 1 126 ? -6.992  -0.553  27.327  1.00 53.71  ? 126 LEU A N   1 
ATOM 971  C CA  . LEU A 1 126 ? -6.626  0.565   26.472  1.00 46.24  ? 126 LEU A CA  1 
ATOM 972  C C   . LEU A 1 126 ? -7.603  0.630   25.320  1.00 45.75  ? 126 LEU A C   1 
ATOM 973  O O   . LEU A 1 126 ? -7.852  1.701   24.788  1.00 48.55  ? 126 LEU A O   1 
ATOM 974  C CB  . LEU A 1 126 ? -5.226  0.346   25.897  1.00 53.75  ? 126 LEU A CB  1 
ATOM 975  C CG  . LEU A 1 126 ? -3.954  0.964   26.466  1.00 52.14  ? 126 LEU A CG  1 
ATOM 976  C CD1 . LEU A 1 126 ? -2.767  0.490   25.654  1.00 49.49  ? 126 LEU A CD1 1 
ATOM 977  C CD2 . LEU A 1 126 ? -4.036  2.468   26.422  1.00 53.64  ? 126 LEU A CD2 1 
ATOM 978  N N   . ARG A 1 127 ? -8.129  -0.525  24.917  1.00 42.74  ? 127 ARG A N   1 
ATOM 979  C CA  . ARG A 1 127 ? -9.070  -0.609  23.800  1.00 45.21  ? 127 ARG A CA  1 
ATOM 980  C C   . ARG A 1 127 ? -10.355 0.107   24.189  1.00 49.76  ? 127 ARG A C   1 
ATOM 981  O O   . ARG A 1 127 ? -10.851 0.978   23.466  1.00 47.27  ? 127 ARG A O   1 
ATOM 982  C CB  . ARG A 1 127 ? -9.330  -2.081  23.458  1.00 51.77  ? 127 ARG A CB  1 
ATOM 983  C CG  . ARG A 1 127 ? -10.409 -2.369  22.419  1.00 54.54  ? 127 ARG A CG  1 
ATOM 984  C CD  . ARG A 1 127 ? -10.535 -3.876  22.133  1.00 61.84  ? 127 ARG A CD  1 
ATOM 985  N NE  . ARG A 1 127 ? -9.322  -4.447  21.547  1.00 80.66  ? 127 ARG A NE  1 
ATOM 986  C CZ  . ARG A 1 127 ? -9.196  -4.840  20.276  1.00 86.70  ? 127 ARG A CZ  1 
ATOM 987  N NH1 . ARG A 1 127 ? -10.217 -4.731  19.426  1.00 79.09  ? 127 ARG A NH1 1 
ATOM 988  N NH2 . ARG A 1 127 ? -8.040  -5.349  19.848  1.00 77.93  ? 127 ARG A NH2 1 
ATOM 989  N N   . GLU A 1 128 ? -10.857 -0.238  25.373  1.00 56.30  ? 128 GLU A N   1 
ATOM 990  C CA  . GLU A 1 128 ? -12.016 0.410   25.971  1.00 49.31  ? 128 GLU A CA  1 
ATOM 991  C C   . GLU A 1 128 ? -11.823 1.897   26.115  1.00 44.56  ? 128 GLU A C   1 
ATOM 992  O O   . GLU A 1 128 ? -12.697 2.661   25.742  1.00 51.38  ? 128 GLU A O   1 
ATOM 993  C CB  . GLU A 1 128 ? -12.296 -0.204  27.337  1.00 47.31  ? 128 GLU A CB  1 
ATOM 994  C CG  . GLU A 1 128 ? -12.694 -1.658  27.255  1.00 55.34  ? 128 GLU A CG  1 
ATOM 995  C CD  . GLU A 1 128 ? -13.847 -1.843  26.299  1.00 80.17  ? 128 GLU A CD  1 
ATOM 996  O OE1 . GLU A 1 128 ? -14.765 -0.991  26.345  1.00 82.49  ? 128 GLU A OE1 1 
ATOM 997  O OE2 . GLU A 1 128 ? -13.822 -2.805  25.489  1.00 79.90  ? 128 GLU A OE2 1 
ATOM 998  N N   . ALA A 1 129 ? -10.686 2.310   26.655  1.00 41.07  ? 129 ALA A N   1 
ATOM 999  C CA  . ALA A 1 129 ? -10.442 3.730   26.884  1.00 48.88  ? 129 ALA A CA  1 
ATOM 1000 C C   . ALA A 1 129 ? -10.475 4.540   25.580  1.00 55.54  ? 129 ALA A C   1 
ATOM 1001 O O   . ALA A 1 129 ? -11.024 5.655   25.523  1.00 53.30  ? 129 ALA A O   1 
ATOM 1002 C CB  . ALA A 1 129 ? -9.120  3.935   27.634  1.00 39.86  ? 129 ALA A CB  1 
ATOM 1003 N N   . LEU A 1 130 ? -9.889  3.958   24.536  1.00 52.33  ? 130 LEU A N   1 
ATOM 1004 C CA  . LEU A 1 130 ? -9.816  4.574   23.221  1.00 52.96  ? 130 LEU A CA  1 
ATOM 1005 C C   . LEU A 1 130 ? -11.197 4.710   22.585  1.00 56.29  ? 130 LEU A C   1 
ATOM 1006 O O   . LEU A 1 130 ? -11.552 5.767   22.056  1.00 61.44  ? 130 LEU A O   1 
ATOM 1007 C CB  . LEU A 1 130 ? -8.922  3.722   22.322  1.00 54.89  ? 130 LEU A CB  1 
ATOM 1008 C CG  . LEU A 1 130 ? -8.640  4.299   20.938  1.00 52.73  ? 130 LEU A CG  1 
ATOM 1009 C CD1 . LEU A 1 130 ? -8.234  5.756   21.060  1.00 49.94  ? 130 LEU A CD1 1 
ATOM 1010 C CD2 . LEU A 1 130 ? -7.586  3.489   20.214  1.00 47.45  ? 130 LEU A CD2 1 
ATOM 1011 N N   . LEU A 1 131 ? -11.952 3.617   22.623  1.00 51.46  ? 131 LEU A N   1 
ATOM 1012 C CA  . LEU A 1 131 ? -13.324 3.594   22.153  1.00 49.26  ? 131 LEU A CA  1 
ATOM 1013 C C   . LEU A 1 131 ? -14.163 4.640   22.866  1.00 55.31  ? 131 LEU A C   1 
ATOM 1014 O O   . LEU A 1 131 ? -14.939 5.363   22.243  1.00 64.09  ? 131 LEU A O   1 
ATOM 1015 C CB  . LEU A 1 131 ? -13.917 2.219   22.404  1.00 52.91  ? 131 LEU A CB  1 
ATOM 1016 C CG  . LEU A 1 131 ? -13.420 1.163   21.427  1.00 64.32  ? 131 LEU A CG  1 
ATOM 1017 C CD1 . LEU A 1 131 ? -13.882 -0.245  21.838  1.00 70.04  ? 131 LEU A CD1 1 
ATOM 1018 C CD2 . LEU A 1 131 ? -13.901 1.520   20.034  1.00 64.65  ? 131 LEU A CD2 1 
ATOM 1019 N N   . SER A 1 132 ? -14.007 4.717   24.178  1.00 51.89  ? 132 SER A N   1 
ATOM 1020 C CA  . SER A 1 132 ? -14.738 5.703   24.967  1.00 55.46  ? 132 SER A CA  1 
ATOM 1021 C C   . SER A 1 132 ? -14.413 7.123   24.498  1.00 56.34  ? 132 SER A C   1 
ATOM 1022 O O   . SER A 1 132 ? -15.294 7.975   24.420  1.00 59.60  ? 132 SER A O   1 
ATOM 1023 C CB  . SER A 1 132 ? -14.444 5.523   26.467  1.00 56.26  ? 132 SER A CB  1 
ATOM 1024 O OG  . SER A 1 132 ? -14.943 4.272   26.934  1.00 59.51  ? 132 SER A OG  1 
ATOM 1025 N N   . TRP A 1 133 ? -13.152 7.371   24.158  1.00 59.79  ? 133 TRP A N   1 
ATOM 1026 C CA  . TRP A 1 133 ? -12.753 8.708   23.731  1.00 62.83  ? 133 TRP A CA  1 
ATOM 1027 C C   . TRP A 1 133 ? -13.208 8.966   22.308  1.00 62.68  ? 133 TRP A C   1 
ATOM 1028 O O   . TRP A 1 133 ? -13.532 10.094  21.927  1.00 72.60  ? 133 TRP A O   1 
ATOM 1029 C CB  . TRP A 1 133 ? -11.247 8.892   23.832  1.00 57.07  ? 133 TRP A CB  1 
ATOM 1030 C CG  . TRP A 1 133 ? -10.831 10.249  23.430  1.00 54.19  ? 133 TRP A CG  1 
ATOM 1031 C CD1 . TRP A 1 133 ? -10.652 11.330  24.252  1.00 56.00  ? 133 TRP A CD1 1 
ATOM 1032 C CD2 . TRP A 1 133 ? -10.547 10.701  22.106  1.00 65.43  ? 133 TRP A CD2 1 
ATOM 1033 N NE1 . TRP A 1 133 ? -10.267 12.428  23.528  1.00 59.37  ? 133 TRP A NE1 1 
ATOM 1034 C CE2 . TRP A 1 133 ? -10.198 12.078  22.202  1.00 73.38  ? 133 TRP A CE2 1 
ATOM 1035 C CE3 . TRP A 1 133 ? -10.545 10.088  20.843  1.00 70.69  ? 133 TRP A CE3 1 
ATOM 1036 C CZ2 . TRP A 1 133 ? -9.856  12.853  21.073  1.00 71.12  ? 133 TRP A CZ2 1 
ATOM 1037 C CZ3 . TRP A 1 133 ? -10.204 10.863  19.719  1.00 76.35  ? 133 TRP A CZ3 1 
ATOM 1038 C CH2 . TRP A 1 133 ? -9.868  12.229  19.847  1.00 67.78  ? 133 TRP A CH2 1 
ATOM 1039 N N   . LEU A 1 134 ? -13.222 7.912   21.515  1.00 58.01  ? 134 LEU A N   1 
ATOM 1040 C CA  . LEU A 1 134 ? -13.738 8.015   20.172  1.00 61.51  ? 134 LEU A CA  1 
ATOM 1041 C C   . LEU A 1 134 ? -15.192 8.487   20.209  1.00 66.49  ? 134 LEU A C   1 
ATOM 1042 O O   . LEU A 1 134 ? -15.570 9.427   19.499  1.00 76.35  ? 134 LEU A O   1 
ATOM 1043 C CB  . LEU A 1 134 ? -13.600 6.667   19.454  1.00 60.00  ? 134 LEU A CB  1 
ATOM 1044 C CG  . LEU A 1 134 ? -12.168 6.495   18.935  1.00 62.26  ? 134 LEU A CG  1 
ATOM 1045 C CD1 . LEU A 1 134 ? -11.927 5.150   18.231  1.00 66.43  ? 134 LEU A CD1 1 
ATOM 1046 C CD2 . LEU A 1 134 ? -11.839 7.667   18.013  1.00 62.11  ? 134 LEU A CD2 1 
ATOM 1047 N N   . ALA A 1 135 ? -15.999 7.852   21.054  1.00 63.59  ? 135 ALA A N   1 
ATOM 1048 C CA  . ALA A 1 135 ? -17.448 8.091   21.075  1.00 68.66  ? 135 ALA A CA  1 
ATOM 1049 C C   . ALA A 1 135 ? -17.817 9.560   21.305  1.00 72.97  ? 135 ALA A C   1 
ATOM 1050 O O   . ALA A 1 135 ? -18.960 9.970   21.071  1.00 58.62  ? 135 ALA A O   1 
ATOM 1051 C CB  . ALA A 1 135 ? -18.101 7.222   22.129  1.00 71.36  ? 135 ALA A CB  1 
ATOM 1052 N N   . LYS A 1 136 ? -16.840 10.333  21.779  1.00 67.80  ? 136 LYS A N   1 
ATOM 1053 C CA  . LYS A 1 136 ? -16.978 11.778  21.902  1.00 62.71  ? 136 LYS A CA  1 
ATOM 1054 C C   . LYS A 1 136 ? -17.233 12.429  20.539  1.00 73.52  ? 136 LYS A C   1 
ATOM 1055 O O   . LYS A 1 136 ? -17.823 13.509  20.453  1.00 68.19  ? 136 LYS A O   1 
ATOM 1056 C CB  . LYS A 1 136 ? -15.737 12.374  22.565  1.00 63.38  ? 136 LYS A CB  1 
ATOM 1057 C CG  . LYS A 1 136 ? -15.705 12.150  24.067  1.00 70.80  ? 136 LYS A CG  1 
ATOM 1058 C CD  . LYS A 1 136 ? -14.403 12.605  24.729  1.00 69.40  ? 136 LYS A CD  1 
ATOM 1059 C CE  . LYS A 1 136 ? -14.612 12.887  26.226  1.00 82.30  ? 136 LYS A CE  1 
ATOM 1060 N NZ  . LYS A 1 136 ? -15.452 11.848  26.925  1.00 80.56  ? 136 LYS A NZ  1 
ATOM 1061 N N   . GLY A 1 137 ? -16.792 11.755  19.476  1.00 78.27  ? 137 GLY A N   1 
ATOM 1062 C CA  . GLY A 1 137 ? -16.962 12.231  18.111  1.00 69.91  ? 137 GLY A CA  1 
ATOM 1063 C C   . GLY A 1 137 ? -16.037 13.390  17.736  1.00 75.66  ? 137 GLY A C   1 
ATOM 1064 O O   . GLY A 1 137 ? -16.258 14.062  16.718  1.00 74.93  ? 137 GLY A O   1 
ATOM 1065 N N   . GLU A 1 138 ? -15.007 13.634  18.549  1.00 76.21  ? 138 GLU A N   1 
ATOM 1066 C CA  . GLU A 1 138 ? -14.051 14.688  18.238  1.00 71.86  ? 138 GLU A CA  1 
ATOM 1067 C C   . GLU A 1 138 ? -13.347 14.347  16.928  1.00 69.19  ? 138 GLU A C   1 
ATOM 1068 O O   . GLU A 1 138 ? -13.027 13.177  16.675  1.00 56.53  ? 138 GLU A O   1 
ATOM 1069 C CB  . GLU A 1 138 ? -13.038 14.874  19.370  1.00 60.47  ? 138 GLU A CB  1 
ATOM 1070 C CG  . GLU A 1 138 ? -11.946 15.872  19.026  1.00 63.69  ? 138 GLU A CG  1 
ATOM 1071 C CD  . GLU A 1 138 ? -10.890 16.010  20.107  1.00 71.88  ? 138 GLU A CD  1 
ATOM 1072 O OE1 . GLU A 1 138 ? -11.271 16.244  21.274  1.00 72.28  ? 138 GLU A OE1 1 
ATOM 1073 O OE2 . GLU A 1 138 ? -9.681  15.889  19.787  1.00 66.96  ? 138 GLU A OE2 1 
ATOM 1074 N N   . LYS A 1 139 ? -13.133 15.369  16.094  1.00 78.97  ? 139 LYS A N   1 
ATOM 1075 C CA  . LYS A 1 139 ? -12.527 15.189  14.764  1.00 77.50  ? 139 LYS A CA  1 
ATOM 1076 C C   . LYS A 1 139 ? -11.011 15.033  14.793  1.00 71.72  ? 139 LYS A C   1 
ATOM 1077 O O   . LYS A 1 139 ? -10.285 15.823  15.415  1.00 59.60  ? 139 LYS A O   1 
ATOM 1078 C CB  . LYS A 1 139 ? -12.955 16.288  13.777  1.00 83.11  ? 139 LYS A CB  1 
ATOM 1079 C CG  . LYS A 1 139 ? -14.413 16.162  13.298  1.00 86.77  ? 139 LYS A CG  1 
ATOM 1080 C CD  . LYS A 1 139 ? -14.822 17.304  12.354  1.00 112.79 ? 139 LYS A CD  1 
ATOM 1081 C CE  . LYS A 1 139 ? -16.342 17.316  12.104  1.00 112.81 ? 139 LYS A CE  1 
ATOM 1082 N NZ  . LYS A 1 139 ? -16.873 18.614  11.543  1.00 83.84  ? 139 LYS A NZ  1 
ATOM 1083 N N   . ILE A 1 140 ? -10.561 13.986  14.103  1.00 73.97  ? 140 ILE A N   1 
ATOM 1084 C CA  . ILE A 1 140 ? -9.170  13.543  14.119  1.00 70.38  ? 140 ILE A CA  1 
ATOM 1085 C C   . ILE A 1 140 ? -8.369  14.134  12.966  1.00 62.41  ? 140 ILE A C   1 
ATOM 1086 O O   . ILE A 1 140 ? -8.738  13.974  11.809  1.00 64.89  ? 140 ILE A O   1 
ATOM 1087 C CB  . ILE A 1 140 ? -9.111  11.993  14.041  1.00 67.34  ? 140 ILE A CB  1 
ATOM 1088 C CG1 . ILE A 1 140 ? -9.722  11.382  15.305  1.00 61.75  ? 140 ILE A CG1 1 
ATOM 1089 C CG2 . ILE A 1 140 ? -7.680  11.486  13.821  1.00 61.37  ? 140 ILE A CG2 1 
ATOM 1090 C CD1 . ILE A 1 140 ? -9.881  9.897   15.223  1.00 58.21  ? 140 ILE A CD1 1 
ATOM 1091 N N   . ASN A 1 141 ? -7.280  14.820  13.294  1.00 61.22  ? 141 ASN A N   1 
ATOM 1092 C CA  . ASN A 1 141 ? -6.353  15.312  12.285  1.00 69.08  ? 141 ASN A CA  1 
ATOM 1093 C C   . ASN A 1 141 ? -5.036  14.557  12.335  1.00 63.42  ? 141 ASN A C   1 
ATOM 1094 O O   . ASN A 1 141 ? -4.699  13.973  13.369  1.00 63.96  ? 141 ASN A O   1 
ATOM 1095 C CB  . ASN A 1 141 ? -6.129  16.813  12.449  1.00 63.87  ? 141 ASN A CB  1 
ATOM 1096 C CG  . ASN A 1 141 ? -7.350  17.615  12.061  1.00 68.76  ? 141 ASN A CG  1 
ATOM 1097 O OD1 . ASN A 1 141 ? -7.878  17.480  10.952  1.00 72.24  ? 141 ASN A OD1 1 
ATOM 1098 N ND2 . ASN A 1 141 ? -7.826  18.434  12.981  1.00 66.92  ? 141 ASN A ND2 1 
ATOM 1099 N N   . TYR A 1 142 ? -4.301  14.548  11.222  1.00 61.20  ? 142 TYR A N   1 
ATOM 1100 C CA  . TYR A 1 142 ? -2.992  13.902  11.200  1.00 59.52  ? 142 TYR A CA  1 
ATOM 1101 C C   . TYR A 1 142 ? -2.056  14.637  12.145  1.00 60.76  ? 142 TYR A C   1 
ATOM 1102 O O   . TYR A 1 142 ? -2.205  15.848  12.362  1.00 64.68  ? 142 TYR A O   1 
ATOM 1103 C CB  . TYR A 1 142 ? -2.382  13.930  9.798   1.00 58.99  ? 142 TYR A CB  1 
ATOM 1104 C CG  . TYR A 1 142 ? -3.097  13.117  8.744   1.00 50.51  ? 142 TYR A CG  1 
ATOM 1105 C CD1 . TYR A 1 142 ? -3.187  11.738  8.841   1.00 50.29  ? 142 TYR A CD1 1 
ATOM 1106 C CD2 . TYR A 1 142 ? -3.644  13.729  7.624   1.00 55.84  ? 142 TYR A CD2 1 
ATOM 1107 C CE1 . TYR A 1 142 ? -3.839  10.984  7.859   1.00 53.47  ? 142 TYR A CE1 1 
ATOM 1108 C CE2 . TYR A 1 142 ? -4.294  12.983  6.633   1.00 52.12  ? 142 TYR A CE2 1 
ATOM 1109 C CZ  . TYR A 1 142 ? -4.393  11.609  6.758   1.00 51.76  ? 142 TYR A CZ  1 
ATOM 1110 O OH  . TYR A 1 142 ? -5.031  10.855  5.790   1.00 48.75  ? 142 TYR A OH  1 
ATOM 1111 N N   . SER A 1 143 ? -1.082  13.918  12.695  1.00 54.09  ? 143 SER A N   1 
ATOM 1112 C CA  . SER A 1 143 ? -0.059  14.562  13.520  1.00 57.21  ? 143 SER A CA  1 
ATOM 1113 C C   . SER A 1 143 ? 0.618   15.649  12.688  1.00 63.32  ? 143 SER A C   1 
ATOM 1114 O O   . SER A 1 143 ? 0.943   15.433  11.517  1.00 67.72  ? 143 SER A O   1 
ATOM 1115 C CB  . SER A 1 143 ? 0.965   13.541  14.027  1.00 57.53  ? 143 SER A CB  1 
ATOM 1116 O OG  . SER A 1 143 ? 0.317   12.523  14.790  1.00 60.10  ? 143 SER A OG  1 
ATOM 1117 N N   . ALA A 1 144 ? 0.800   16.826  13.277  1.00 64.46  ? 144 ALA A N   1 
ATOM 1118 C CA  . ALA A 1 144 ? 1.320   17.979  12.540  1.00 68.78  ? 144 ALA A CA  1 
ATOM 1119 C C   . ALA A 1 144 ? 2.543   17.618  11.717  1.00 69.23  ? 144 ALA A C   1 
ATOM 1120 O O   . ALA A 1 144 ? 2.673   18.024  10.558  1.00 65.89  ? 144 ALA A O   1 
ATOM 1121 C CB  . ALA A 1 144 ? 1.656   19.105  13.491  1.00 56.59  ? 144 ALA A CB  1 
ATOM 1122 N N   . GLN A 1 145 ? 3.422   16.829  12.332  1.00 73.47  ? 145 GLN A N   1 
ATOM 1123 C CA  . GLN A 1 145 ? 4.758   16.551  11.800  1.00 76.22  ? 145 GLN A CA  1 
ATOM 1124 C C   . GLN A 1 145 ? 4.717   15.820  10.453  1.00 74.32  ? 145 GLN A C   1 
ATOM 1125 O O   . GLN A 1 145 ? 5.539   16.092  9.573   1.00 72.44  ? 145 GLN A O   1 
ATOM 1126 C CB  . GLN A 1 145 ? 5.591   15.761  12.818  1.00 69.28  ? 145 GLN A CB  1 
ATOM 1127 C CG  . GLN A 1 145 ? 6.982   15.433  12.328  1.00 77.48  ? 145 GLN A CG  1 
ATOM 1128 C CD  . GLN A 1 145 ? 7.775   14.625  13.335  1.00 89.56  ? 145 GLN A CD  1 
ATOM 1129 O OE1 . GLN A 1 145 ? 7.455   14.618  14.525  1.00 81.91  ? 145 GLN A OE1 1 
ATOM 1130 N NE2 . GLN A 1 145 ? 8.815   13.934  12.863  1.00 91.64  ? 145 GLN A NE2 1 
ATOM 1131 N N   . ASP A 1 146 ? 3.750   14.911  10.310  1.00 71.13  ? 146 ASP A N   1 
ATOM 1132 C CA  . ASP A 1 146 ? 3.592   14.099  9.109   1.00 64.84  ? 146 ASP A CA  1 
ATOM 1133 C C   . ASP A 1 146 ? 2.331   14.462  8.330   1.00 63.62  ? 146 ASP A C   1 
ATOM 1134 O O   . ASP A 1 146 ? 1.891   13.684  7.478   1.00 59.07  ? 146 ASP A O   1 
ATOM 1135 C CB  . ASP A 1 146 ? 3.491   12.624  9.473   1.00 56.19  ? 146 ASP A CB  1 
ATOM 1136 C CG  . ASP A 1 146 ? 4.694   12.121  10.241  1.00 66.02  ? 146 ASP A CG  1 
ATOM 1137 O OD1 . ASP A 1 146 ? 5.722   12.841  10.318  1.00 67.12  ? 146 ASP A OD1 1 
ATOM 1138 O OD2 . ASP A 1 146 ? 4.615   10.976  10.758  1.00 62.65  ? 146 ASP A OD2 1 
ATOM 1139 N N   . SER A 1 147 ? 1.730   15.613  8.617   1.00 59.67  ? 147 SER A N   1 
ATOM 1140 C CA  . SER A 1 147 ? 0.455   15.929  7.975   1.00 65.26  ? 147 SER A CA  1 
ATOM 1141 C C   . SER A 1 147 ? 0.603   16.070  6.465   1.00 69.16  ? 147 SER A C   1 
ATOM 1142 O O   . SER A 1 147 ? -0.245  15.567  5.705   1.00 62.96  ? 147 SER A O   1 
ATOM 1143 C CB  . SER A 1 147 ? -0.207  17.186  8.566   1.00 76.31  ? 147 SER A CB  1 
ATOM 1144 O OG  . SER A 1 147 ? -1.510  17.391  8.006   1.00 71.86  ? 147 SER A OG  1 
ATOM 1145 N N   . ASP A 1 148 ? 1.667   16.750  6.029   1.00 66.24  ? 148 ASP A N   1 
ATOM 1146 C CA  . ASP A 1 148 ? 1.812   17.047  4.601   1.00 69.10  ? 148 ASP A CA  1 
ATOM 1147 C C   . ASP A 1 148 ? 1.891   15.760  3.814   1.00 61.54  ? 148 ASP A C   1 
ATOM 1148 O O   . ASP A 1 148 ? 1.167   15.567  2.836   1.00 55.84  ? 148 ASP A O   1 
ATOM 1149 C CB  . ASP A 1 148 ? 3.049   17.902  4.312   1.00 74.03  ? 148 ASP A CB  1 
ATOM 1150 C CG  . ASP A 1 148 ? 2.857   19.350  4.689   1.00 81.37  ? 148 ASP A CG  1 
ATOM 1151 O OD1 . ASP A 1 148 ? 3.857   20.099  4.702   1.00 89.86  ? 148 ASP A OD1 1 
ATOM 1152 O OD2 . ASP A 1 148 ? 1.708   19.738  4.980   1.00 84.91  ? 148 ASP A OD2 1 
ATOM 1153 N N   . ILE A 1 149 ? 2.788   14.883  4.257   1.00 59.62  ? 149 ILE A N   1 
ATOM 1154 C CA  . ILE A 1 149 ? 2.967   13.571  3.643   1.00 55.83  ? 149 ILE A CA  1 
ATOM 1155 C C   . ILE A 1 149 ? 1.651   12.795  3.609   1.00 54.48  ? 149 ILE A C   1 
ATOM 1156 O O   . ILE A 1 149 ? 1.160   12.418  2.547   1.00 47.18  ? 149 ILE A O   1 
ATOM 1157 C CB  . ILE A 1 149 ? 4.064   12.780  4.386   1.00 53.98  ? 149 ILE A CB  1 
ATOM 1158 C CG1 . ILE A 1 149 ? 5.437   13.394  4.031   1.00 63.59  ? 149 ILE A CG1 1 
ATOM 1159 C CG2 . ILE A 1 149 ? 3.985   11.283  4.059   1.00 43.80  ? 149 ILE A CG2 1 
ATOM 1160 C CD1 . ILE A 1 149 ? 6.574   13.095  5.024   1.00 54.09  ? 149 ILE A CD1 1 
ATOM 1161 N N   . LEU A 1 150 ? 1.065   12.599  4.781   1.00 54.85  ? 150 LEU A N   1 
ATOM 1162 C CA  . LEU A 1 150 ? -0.088  11.733  4.946   1.00 50.96  ? 150 LEU A CA  1 
ATOM 1163 C C   . LEU A 1 150 ? -1.301  12.188  4.159   1.00 58.25  ? 150 LEU A C   1 
ATOM 1164 O O   . LEU A 1 150 ? -2.063  11.373  3.603   1.00 53.09  ? 150 LEU A O   1 
ATOM 1165 C CB  . LEU A 1 150 ? -0.420  11.683  6.420   1.00 53.18  ? 150 LEU A CB  1 
ATOM 1166 C CG  . LEU A 1 150 ? 0.685   10.924  7.139   1.00 50.65  ? 150 LEU A CG  1 
ATOM 1167 C CD1 . LEU A 1 150 ? 0.516   11.042  8.622   1.00 60.39  ? 150 LEU A CD1 1 
ATOM 1168 C CD2 . LEU A 1 150 ? 0.616   9.469   6.698   1.00 51.96  ? 150 LEU A CD2 1 
ATOM 1169 N N   . THR A 1 151 ? -1.496  13.500  4.148   1.00 59.16  ? 151 THR A N   1 
ATOM 1170 C CA  . THR A 1 151 ? -2.555  14.082  3.348   1.00 59.09  ? 151 THR A CA  1 
ATOM 1171 C C   . THR A 1 151 ? -2.254  13.768  1.879   1.00 60.63  ? 151 THR A C   1 
ATOM 1172 O O   . THR A 1 151 ? -3.097  13.196  1.174   1.00 54.01  ? 151 THR A O   1 
ATOM 1173 C CB  . THR A 1 151 ? -2.634  15.612  3.551   1.00 61.11  ? 151 THR A CB  1 
ATOM 1174 O OG1 . THR A 1 151 ? -2.468  15.932  4.943   1.00 64.80  ? 151 THR A OG1 1 
ATOM 1175 C CG2 . THR A 1 151 ? -3.967  16.136  3.044   1.00 43.12  ? 151 THR A CG2 1 
ATOM 1176 N N   . THR A 1 152 ? -1.036  14.114  1.443   1.00 51.83  ? 152 THR A N   1 
ATOM 1177 C CA  . THR A 1 152 ? -0.631  13.962  0.049   1.00 43.26  ? 152 THR A CA  1 
ATOM 1178 C C   . THR A 1 152 ? -0.905  12.555  -0.490  1.00 48.42  ? 152 THR A C   1 
ATOM 1179 O O   . THR A 1 152 ? -1.446  12.392  -1.579  1.00 49.24  ? 152 THR A O   1 
ATOM 1180 C CB  . THR A 1 152 ? 0.863   14.308  -0.179  1.00 47.81  ? 152 THR A CB  1 
ATOM 1181 O OG1 . THR A 1 152 ? 1.118   15.661  0.203   1.00 53.66  ? 152 THR A OG1 1 
ATOM 1182 C CG2 . THR A 1 152 ? 1.221   14.165  -1.636  1.00 41.56  ? 152 THR A CG2 1 
ATOM 1183 N N   . ILE A 1 153 ? -0.536  11.527  0.262   1.00 48.05  ? 153 ILE A N   1 
ATOM 1184 C CA  . ILE A 1 153 ? -0.693  10.169  -0.253  1.00 48.29  ? 153 ILE A CA  1 
ATOM 1185 C C   . ILE A 1 153 ? -2.155  9.758   -0.261  1.00 55.76  ? 153 ILE A C   1 
ATOM 1186 O O   . ILE A 1 153 ? -2.532  8.817   -0.966  1.00 55.48  ? 153 ILE A O   1 
ATOM 1187 C CB  . ILE A 1 153 ? 0.113   9.107   0.548   1.00 50.08  ? 153 ILE A CB  1 
ATOM 1188 C CG1 . ILE A 1 153 ? -0.562  8.816   1.889   1.00 45.57  ? 153 ILE A CG1 1 
ATOM 1189 C CG2 . ILE A 1 153 ? 1.571   9.537   0.733   1.00 52.60  ? 153 ILE A CG2 1 
ATOM 1190 C CD1 . ILE A 1 153 ? -0.028  7.596   2.597   1.00 41.86  ? 153 ILE A CD1 1 
ATOM 1191 N N   . GLY A 1 154 ? -2.966  10.455  0.539   1.00 54.84  ? 154 GLY A N   1 
ATOM 1192 C CA  . GLY A 1 154 ? -4.376  10.132  0.689   1.00 50.33  ? 154 GLY A CA  1 
ATOM 1193 C C   . GLY A 1 154 ? -4.655  9.246   1.890   1.00 49.79  ? 154 GLY A C   1 
ATOM 1194 O O   . GLY A 1 154 ? -3.726  8.691   2.468   1.00 53.79  ? 154 GLY A O   1 
ATOM 1195 N N   . PHE A 1 155 ? -5.927  9.127   2.282   1.00 54.54  ? 155 PHE A N   1 
ATOM 1196 C CA  . PHE A 1 155 ? -6.284  8.279   3.419   1.00 51.81  ? 155 PHE A CA  1 
ATOM 1197 C C   . PHE A 1 155 ? -6.097  6.815   3.010   1.00 46.34  ? 155 PHE A C   1 
ATOM 1198 O O   . PHE A 1 155 ? -5.403  6.055   3.691   1.00 42.50  ? 155 PHE A O   1 
ATOM 1199 C CB  . PHE A 1 155 ? -7.705  8.578   3.954   1.00 52.08  ? 155 PHE A CB  1 
ATOM 1200 C CG  . PHE A 1 155 ? -8.064  7.810   5.232   1.00 53.97  ? 155 PHE A CG  1 
ATOM 1201 C CD1 . PHE A 1 155 ? -8.952  6.733   5.195   1.00 49.03  ? 155 PHE A CD1 1 
ATOM 1202 C CD2 . PHE A 1 155 ? -7.503  8.155   6.465   1.00 55.53  ? 155 PHE A CD2 1 
ATOM 1203 C CE1 . PHE A 1 155 ? -9.265  6.020   6.354   1.00 47.46  ? 155 PHE A CE1 1 
ATOM 1204 C CE2 . PHE A 1 155 ? -7.820  7.443   7.619   1.00 55.80  ? 155 PHE A CE2 1 
ATOM 1205 C CZ  . PHE A 1 155 ? -8.697  6.372   7.563   1.00 53.99  ? 155 PHE A CZ  1 
ATOM 1206 N N   . ARG A 1 156 ? -6.684  6.430   1.880   1.00 46.14  ? 156 ARG A N   1 
ATOM 1207 C CA  . ARG A 1 156 ? -6.427  5.109   1.304   1.00 47.60  ? 156 ARG A CA  1 
ATOM 1208 C C   . ARG A 1 156 ? -6.122  5.171   -0.211  1.00 53.12  ? 156 ARG A C   1 
ATOM 1209 O O   . ARG A 1 156 ? -6.331  6.209   -0.861  1.00 55.51  ? 156 ARG A O   1 
ATOM 1210 C CB  . ARG A 1 156 ? -7.597  4.153   1.581   1.00 36.91  ? 156 ARG A CB  1 
ATOM 1211 C CG  . ARG A 1 156 ? -7.942  3.958   3.057   1.00 31.87  ? 156 ARG A CG  1 
ATOM 1212 C CD  . ARG A 1 156 ? -7.340  2.684   3.623   1.00 42.57  ? 156 ARG A CD  1 
ATOM 1213 N NE  . ARG A 1 156 ? -7.633  2.461   5.041   1.00 47.64  ? 156 ARG A NE  1 
ATOM 1214 C CZ  . ARG A 1 156 ? -7.025  3.079   6.057   1.00 48.84  ? 156 ARG A CZ  1 
ATOM 1215 N NH1 . ARG A 1 156 ? -6.091  4.001   5.845   1.00 49.51  ? 156 ARG A NH1 1 
ATOM 1216 N NH2 . ARG A 1 156 ? -7.372  2.786   7.299   1.00 49.80  ? 156 ARG A NH2 1 
ATOM 1217 N N   . PRO A 1 157 ? -5.588  4.071   -0.774  1.00 50.63  ? 157 PRO A N   1 
ATOM 1218 C CA  . PRO A 1 157 ? -5.450  3.934   -2.234  1.00 50.59  ? 157 PRO A CA  1 
ATOM 1219 C C   . PRO A 1 157 ? -6.829  3.977   -2.915  1.00 59.32  ? 157 PRO A C   1 
ATOM 1220 O O   . PRO A 1 157 ? -7.790  3.412   -2.360  1.00 58.39  ? 157 PRO A O   1 
ATOM 1221 C CB  . PRO A 1 157 ? -4.839  2.540   -2.391  1.00 47.76  ? 157 PRO A CB  1 
ATOM 1222 C CG  . PRO A 1 157 ? -4.095  2.316   -1.121  1.00 46.87  ? 157 PRO A CG  1 
ATOM 1223 C CD  . PRO A 1 157 ? -4.846  3.030   -0.043  1.00 43.86  ? 157 PRO A CD  1 
ATOM 1224 N N   . ASP A 1 158 ? -6.955  4.633   -4.070  1.00 50.46  ? 158 ASP A N   1 
ATOM 1225 C CA  . ASP A 1 158 ? -8.265  4.661   -4.707  1.00 44.95  ? 158 ASP A CA  1 
ATOM 1226 C C   . ASP A 1 158 ? -8.621  3.217   -4.999  1.00 45.57  ? 158 ASP A C   1 
ATOM 1227 O O   . ASP A 1 158 ? -7.752  2.377   -5.229  1.00 43.62  ? 158 ASP A O   1 
ATOM 1228 C CB  . ASP A 1 158 ? -8.282  5.523   -5.975  1.00 55.90  ? 158 ASP A CB  1 
ATOM 1229 C CG  . ASP A 1 158 ? -9.701  5.956   -6.384  1.00 50.16  ? 158 ASP A CG  1 
ATOM 1230 O OD1 . ASP A 1 158 ? -10.125 7.093   -6.049  1.00 35.63  ? 158 ASP A OD1 1 
ATOM 1231 O OD2 . ASP A 1 158 ? -10.388 5.154   -7.057  1.00 47.79  ? 158 ASP A OD2 1 
ATOM 1232 N N   . VAL A 1 159 ? -9.908  2.918   -4.935  1.00 53.12  ? 159 VAL A N   1 
ATOM 1233 C CA  . VAL A 1 159 ? -10.338 1.534   -4.982  1.00 56.08  ? 159 VAL A CA  1 
ATOM 1234 C C   . VAL A 1 159 ? -9.961  0.961   -6.358  1.00 48.29  ? 159 VAL A C   1 
ATOM 1235 O O   . VAL A 1 159 ? -9.889  -0.267  -6.548  1.00 43.98  ? 159 VAL A O   1 
ATOM 1236 C CB  . VAL A 1 159 ? -11.842 1.423   -4.602  1.00 46.71  ? 159 VAL A CB  1 
ATOM 1237 C CG1 . VAL A 1 159 ? -12.689 2.354   -5.472  1.00 51.12  ? 159 VAL A CG1 1 
ATOM 1238 C CG2 . VAL A 1 159 ? -12.339 -0.033  -4.624  1.00 45.25  ? 159 VAL A CG2 1 
ATOM 1239 N N   . ALA A 1 160 ? -9.675  1.866   -7.295  1.00 41.27  ? 160 ALA A N   1 
ATOM 1240 C CA  . ALA A 1 160 ? -9.267  1.474   -8.636  1.00 41.77  ? 160 ALA A CA  1 
ATOM 1241 C C   . ALA A 1 160 ? -8.112  0.485   -8.567  1.00 46.68  ? 160 ALA A C   1 
ATOM 1242 O O   . ALA A 1 160 ? -8.117  -0.557  -9.238  1.00 45.14  ? 160 ALA A O   1 
ATOM 1243 C CB  . ALA A 1 160 ? -8.853  2.696   -9.425  1.00 39.86  ? 160 ALA A CB  1 
ATOM 1244 N N   . SER A 1 161 ? -7.134  0.812   -7.722  1.00 48.76  ? 161 SER A N   1 
ATOM 1245 C CA  . SER A 1 161 ? -5.966  -0.035  -7.484  1.00 38.84  ? 161 SER A CA  1 
ATOM 1246 C C   . SER A 1 161 ? -6.316  -1.361  -6.846  1.00 43.34  ? 161 SER A C   1 
ATOM 1247 O O   . SER A 1 161 ? -5.707  -2.372  -7.165  1.00 42.67  ? 161 SER A O   1 
ATOM 1248 C CB  . SER A 1 161 ? -4.992  0.683   -6.566  1.00 36.10  ? 161 SER A CB  1 
ATOM 1249 O OG  . SER A 1 161 ? -5.656  1.102   -5.399  1.00 40.98  ? 161 SER A OG  1 
ATOM 1250 N N   . VAL A 1 162 ? -7.277  -1.346  -5.926  1.00 46.47  ? 162 VAL A N   1 
ATOM 1251 C CA  . VAL A 1 162 ? -7.761  -2.564  -5.270  1.00 42.23  ? 162 VAL A CA  1 
ATOM 1252 C C   . VAL A 1 162 ? -8.396  -3.523  -6.282  1.00 45.11  ? 162 VAL A C   1 
ATOM 1253 O O   . VAL A 1 162 ? -8.245  -4.760  -6.215  1.00 41.05  ? 162 VAL A O   1 
ATOM 1254 C CB  . VAL A 1 162 ? -8.797  -2.205  -4.197  1.00 40.97  ? 162 VAL A CB  1 
ATOM 1255 C CG1 . VAL A 1 162 ? -9.285  -3.445  -3.477  1.00 33.88  ? 162 VAL A CG1 1 
ATOM 1256 C CG2 . VAL A 1 162 ? -8.236  -1.171  -3.225  1.00 33.93  ? 162 VAL A CG2 1 
ATOM 1257 N N   . ASP A 1 163 ? -9.110  -2.910  -7.221  1.00 46.98  ? 163 ASP A N   1 
ATOM 1258 C CA  . ASP A 1 163 ? -9.767  -3.592  -8.325  1.00 48.32  ? 163 ASP A CA  1 
ATOM 1259 C C   . ASP A 1 163 ? -8.755  -4.117  -9.319  1.00 41.17  ? 163 ASP A C   1 
ATOM 1260 O O   . ASP A 1 163 ? -8.854  -5.267  -9.745  1.00 40.90  ? 163 ASP A O   1 
ATOM 1261 C CB  . ASP A 1 163 ? -10.700 -2.621  -9.046  1.00 44.53  ? 163 ASP A CB  1 
ATOM 1262 C CG  . ASP A 1 163 ? -11.940 -2.303  -8.245  1.00 55.54  ? 163 ASP A CG  1 
ATOM 1263 O OD1 . ASP A 1 163 ? -12.214 -3.033  -7.254  1.00 51.70  ? 163 ASP A OD1 1 
ATOM 1264 O OD2 . ASP A 1 163 ? -12.648 -1.340  -8.630  1.00 60.38  ? 163 ASP A OD2 1 
ATOM 1265 N N   . ASP A 1 164 ? -7.800  -3.255  -9.687  1.00 35.54  ? 164 ASP A N   1 
ATOM 1266 C CA  . ASP A 1 164 ? -6.727  -3.602  -10.623 1.00 41.70  ? 164 ASP A CA  1 
ATOM 1267 C C   . ASP A 1 164 ? -5.809  -4.731  -10.100 1.00 42.26  ? 164 ASP A C   1 
ATOM 1268 O O   . ASP A 1 164 ? -5.273  -5.516  -10.886 1.00 47.29  ? 164 ASP A O   1 
ATOM 1269 C CB  . ASP A 1 164 ? -5.868  -2.373  -11.011 1.00 43.49  ? 164 ASP A CB  1 
ATOM 1270 C CG  . ASP A 1 164 ? -6.599  -1.354  -11.918 1.00 39.65  ? 164 ASP A CG  1 
ATOM 1271 O OD1 . ASP A 1 164 ? -7.665  -1.667  -12.490 1.00 35.72  ? 164 ASP A OD1 1 
ATOM 1272 O OD2 . ASP A 1 164 ? -6.070  -0.229  -12.066 1.00 29.36  ? 164 ASP A OD2 1 
ATOM 1273 N N   . SER A 1 165 ? -5.630  -4.811  -8.782  1.00 41.21  ? 165 SER A N   1 
ATOM 1274 C CA  . SER A 1 165 ? -4.798  -5.857  -8.168  1.00 39.86  ? 165 SER A CA  1 
ATOM 1275 C C   . SER A 1 165 ? -5.573  -7.098  -7.733  1.00 46.85  ? 165 SER A C   1 
ATOM 1276 O O   . SER A 1 165 ? -4.991  -8.060  -7.211  1.00 52.75  ? 165 SER A O   1 
ATOM 1277 C CB  . SER A 1 165 ? -4.010  -5.302  -6.967  1.00 40.08  ? 165 SER A CB  1 
ATOM 1278 O OG  . SER A 1 165 ? -4.838  -4.689  -6.007  1.00 42.68  ? 165 SER A OG  1 
ATOM 1279 N N   . ARG A 1 166 ? -6.886  -7.051  -7.928  1.00 53.25  ? 166 ARG A N   1 
ATOM 1280 C CA  . ARG A 1 166 ? -7.753  -8.093  -7.441  1.00 52.98  ? 166 ARG A CA  1 
ATOM 1281 C C   . ARG A 1 166 ? -7.295  -9.455  -7.939  1.00 61.35  ? 166 ARG A C   1 
ATOM 1282 O O   . ARG A 1 166 ? -7.114  -10.377 -7.133  1.00 70.61  ? 166 ARG A O   1 
ATOM 1283 C CB  . ARG A 1 166 ? -9.214  -7.839  -7.813  1.00 50.80  ? 166 ARG A CB  1 
ATOM 1284 C CG  . ARG A 1 166 ? -10.147 -8.911  -7.237  1.00 66.59  ? 166 ARG A CG  1 
ATOM 1285 C CD  . ARG A 1 166 ? -11.599 -8.486  -7.136  1.00 57.33  ? 166 ARG A CD  1 
ATOM 1286 N NE  . ARG A 1 166 ? -11.756 -7.051  -6.886  1.00 71.70  ? 166 ARG A NE  1 
ATOM 1287 C CZ  . ARG A 1 166 ? -11.735 -6.471  -5.684  1.00 68.73  ? 166 ARG A CZ  1 
ATOM 1288 N NH1 . ARG A 1 166 ? -11.551 -7.190  -4.578  1.00 55.59  ? 166 ARG A NH1 1 
ATOM 1289 N NH2 . ARG A 1 166 ? -11.897 -5.155  -5.595  1.00 49.54  ? 166 ARG A NH2 1 
ATOM 1290 N N   . GLU A 1 167 ? -7.088  -9.592  -9.250  1.00 52.40  ? 167 GLU A N   1 
ATOM 1291 C CA  . GLU A 1 167 ? -6.706  -10.897 -9.819  1.00 67.94  ? 167 GLU A CA  1 
ATOM 1292 C C   . GLU A 1 167 ? -5.382  -11.435 -9.256  1.00 73.20  ? 167 GLU A C   1 
ATOM 1293 O O   . GLU A 1 167 ? -4.467  -10.663 -8.903  1.00 63.77  ? 167 GLU A O   1 
ATOM 1294 C CB  . GLU A 1 167 ? -6.634  -10.835 -11.362 1.00 91.14  ? 167 GLU A CB  1 
ATOM 1295 C CG  . GLU A 1 167 ? -6.547  -12.222 -12.120 1.00 90.26  ? 167 GLU A CG  1 
ATOM 1296 C CD  . GLU A 1 167 ? -6.257  -12.067 -13.648 1.00 102.25 ? 167 GLU A CD  1 
ATOM 1297 O OE1 . GLU A 1 167 ? -6.338  -10.908 -14.155 1.00 110.23 ? 167 GLU A OE1 1 
ATOM 1298 O OE2 . GLU A 1 167 ? -5.929  -13.091 -14.328 1.00 91.40  ? 167 GLU A OE2 1 
ATOM 1299 N N   . LYS A 1 168 ? -5.284  -12.763 -9.180  1.00 83.68  ? 168 LYS A N   1 
ATOM 1300 C CA  . LYS A 1 168 ? -4.065  -13.416 -8.695  1.00 84.47  ? 168 LYS A CA  1 
ATOM 1301 C C   . LYS A 1 168 ? -3.250  -14.003 -9.854  1.00 82.04  ? 168 LYS A C   1 
ATOM 1302 O O   . LYS A 1 168 ? -3.796  -14.425 -10.888 1.00 75.40  ? 168 LYS A O   1 
ATOM 1303 C CB  . LYS A 1 168 ? -4.372  -14.505 -7.650  1.00 79.32  ? 168 LYS A CB  1 
ATOM 1304 C CG  . LYS A 1 168 ? -4.830  -13.989 -6.284  1.00 85.34  ? 168 LYS A CG  1 
ATOM 1305 C CD  . LYS A 1 168 ? -4.780  -15.103 -5.233  1.00 102.13 ? 168 LYS A CD  1 
ATOM 1306 C CE  . LYS A 1 168 ? -5.680  -14.790 -4.048  1.00 90.32  ? 168 LYS A CE  1 
ATOM 1307 N NZ  . LYS A 1 168 ? -7.075  -14.550 -4.500  1.00 75.36  ? 168 LYS A NZ  1 
ATOM 1308 N N   . PHE A 1 169 ? -1.935  -14.017 -9.679  1.00 80.96  ? 169 PHE A N   1 
ATOM 1309 C CA  . PHE A 1 169 ? -1.055  -14.619 -10.670 1.00 88.43  ? 169 PHE A CA  1 
ATOM 1310 C C   . PHE A 1 169 ? -0.049  -15.532 -9.950  1.00 97.92  ? 169 PHE A C   1 
ATOM 1311 O O   . PHE A 1 169 ? 0.593   -15.103 -8.967  1.00 99.12  ? 169 PHE A O   1 
ATOM 1312 C CB  . PHE A 1 169 ? -0.335  -13.541 -11.520 1.00 87.06  ? 169 PHE A CB  1 
ATOM 1313 C CG  . PHE A 1 169 ? -1.240  -12.828 -12.528 1.00 84.27  ? 169 PHE A CG  1 
ATOM 1314 C CD1 . PHE A 1 169 ? -1.536  -13.406 -13.768 1.00 85.20  ? 169 PHE A CD1 1 
ATOM 1315 C CD2 . PHE A 1 169 ? -1.775  -11.572 -12.243 1.00 70.39  ? 169 PHE A CD2 1 
ATOM 1316 C CE1 . PHE A 1 169 ? -2.363  -12.745 -14.692 1.00 71.41  ? 169 PHE A CE1 1 
ATOM 1317 C CE2 . PHE A 1 169 ? -2.602  -10.916 -13.161 1.00 62.22  ? 169 PHE A CE2 1 
ATOM 1318 C CZ  . PHE A 1 169 ? -2.893  -11.501 -14.385 1.00 61.43  ? 169 PHE A CZ  1 
ATOM 1319 N N   . THR A 1 170 ? 0.056   -16.787 -10.415 1.00 93.83  ? 170 THR A N   1 
ATOM 1320 C CA  . THR A 1 170 ? 1.060   -17.732 -9.899  1.00 90.83  ? 170 THR A CA  1 
ATOM 1321 C C   . THR A 1 170 ? 2.456   -17.141 -10.132 1.00 90.56  ? 170 THR A C   1 
ATOM 1322 O O   . THR A 1 170 ? 2.626   -16.275 -11.021 1.00 84.54  ? 170 THR A O   1 
ATOM 1323 C CB  . THR A 1 170 ? 0.950   -19.177 -10.538 1.00 86.38  ? 170 THR A CB  1 
ATOM 1324 O OG1 . THR A 1 170 ? 1.374   -19.182 -11.917 1.00 77.65  ? 170 THR A OG1 1 
ATOM 1325 C CG2 . THR A 1 170 ? -0.468  -19.696 -10.428 1.00 84.25  ? 170 THR A CG2 1 
ATOM 1326 N N   . PRO A 1 171 ? 3.458   -17.597 -9.343  1.00 92.47  ? 171 PRO A N   1 
ATOM 1327 C CA  . PRO A 1 171 ? 4.857   -17.220 -9.628  1.00 88.70  ? 171 PRO A CA  1 
ATOM 1328 C C   . PRO A 1 171 ? 5.303   -17.767 -10.994 1.00 86.59  ? 171 PRO A C   1 
ATOM 1329 O O   . PRO A 1 171 ? 6.273   -17.237 -11.568 1.00 77.74  ? 171 PRO A O   1 
ATOM 1330 C CB  . PRO A 1 171 ? 5.658   -17.889 -8.493  1.00 85.35  ? 171 PRO A CB  1 
ATOM 1331 C CG  . PRO A 1 171 ? 4.642   -18.198 -7.429  1.00 91.01  ? 171 PRO A CG  1 
ATOM 1332 C CD  . PRO A 1 171 ? 3.351   -18.476 -8.166  1.00 91.80  ? 171 PRO A CD  1 
ATOM 1333 N N   . ALA A 1 172 ? 4.612   -18.809 -11.484 1.00 85.18  ? 172 ALA A N   1 
ATOM 1334 C CA  . ALA A 1 172 ? 4.863   -19.376 -12.818 1.00 87.39  ? 172 ALA A CA  1 
ATOM 1335 C C   . ALA A 1 172 ? 4.611   -18.293 -13.878 1.00 83.80  ? 172 ALA A C   1 
ATOM 1336 O O   . ALA A 1 172 ? 5.512   -17.891 -14.653 1.00 73.61  ? 172 ALA A O   1 
ATOM 1337 C CB  . ALA A 1 172 ? 3.951   -20.599 -13.070 1.00 74.95  ? 172 ALA A CB  1 
ATOM 1338 N N   . GLN A 1 173 ? 3.362   -17.821 -13.873 1.00 82.08  ? 173 GLN A N   1 
ATOM 1339 C CA  . GLN A 1 173 ? 2.893   -16.769 -14.766 1.00 70.99  ? 173 GLN A CA  1 
ATOM 1340 C C   . GLN A 1 173 ? 3.790   -15.563 -14.599 1.00 61.64  ? 173 GLN A C   1 
ATOM 1341 O O   . GLN A 1 173 ? 4.254   -15.006 -15.582 1.00 61.45  ? 173 GLN A O   1 
ATOM 1342 C CB  . GLN A 1 173 ? 1.429   -16.408 -14.465 1.00 74.60  ? 173 GLN A CB  1 
ATOM 1343 C CG  . GLN A 1 173 ? 0.445   -17.520 -14.805 1.00 70.84  ? 173 GLN A CG  1 
ATOM 1344 C CD  . GLN A 1 173 ? -0.934  -17.322 -14.183 1.00 83.35  ? 173 GLN A CD  1 
ATOM 1345 O OE1 . GLN A 1 173 ? -1.083  -17.311 -12.957 1.00 85.61  ? 173 GLN A OE1 1 
ATOM 1346 N NE2 . GLN A 1 173 ? -1.955  -17.169 -15.033 1.00 76.04  ? 173 GLN A NE2 1 
ATOM 1347 N N   . ASN A 1 174 ? 4.050   -15.184 -13.349 1.00 61.71  ? 174 ASN A N   1 
ATOM 1348 C CA  . ASN A 1 174 ? 4.886   -14.014 -13.056 1.00 66.87  ? 174 ASN A CA  1 
ATOM 1349 C C   . ASN A 1 174 ? 6.230   -14.061 -13.773 1.00 65.44  ? 174 ASN A C   1 
ATOM 1350 O O   . ASN A 1 174 ? 6.735   -13.035 -14.233 1.00 64.90  ? 174 ASN A O   1 
ATOM 1351 C CB  . ASN A 1 174 ? 5.075   -13.798 -11.533 1.00 75.41  ? 174 ASN A CB  1 
ATOM 1352 C CG  . ASN A 1 174 ? 3.852   -13.093 -10.860 1.00 82.66  ? 174 ASN A CG  1 
ATOM 1353 O OD1 . ASN A 1 174 ? 2.703   -13.146 -11.362 1.00 71.96  ? 174 ASN A OD1 1 
ATOM 1354 N ND2 . ASN A 1 174 ? 4.112   -12.429 -9.719  1.00 74.22  ? 174 ASN A ND2 1 
ATOM 1355 N N   . MET A 1 175 ? 6.789   -15.264 -13.871 1.00 78.60  ? 175 MET A N   1 
ATOM 1356 C CA  . MET A 1 175 ? 8.054   -15.511 -14.560 1.00 73.86  ? 175 MET A CA  1 
ATOM 1357 C C   . MET A 1 175 ? 7.924   -15.271 -16.055 1.00 72.53  ? 175 MET A C   1 
ATOM 1358 O O   . MET A 1 175 ? 8.686   -14.487 -16.631 1.00 73.71  ? 175 MET A O   1 
ATOM 1359 C CB  . MET A 1 175 ? 8.515   -16.952 -14.317 1.00 84.51  ? 175 MET A CB  1 
ATOM 1360 C CG  . MET A 1 175 ? 9.383   -17.123 -13.076 1.00 96.58  ? 175 MET A CG  1 
ATOM 1361 S SD  . MET A 1 175 ? 9.871   -18.845 -12.785 1.00 132.82 ? 175 MET A SD  1 
ATOM 1362 C CE  . MET A 1 175 ? 8.317   -19.636 -12.324 1.00 101.35 ? 175 MET A CE  1 
ATOM 1363 N N   . ILE A 1 176 ? 6.971   -15.968 -16.678 1.00 63.80  ? 176 ILE A N   1 
ATOM 1364 C CA  . ILE A 1 176 ? 6.637   -15.722 -18.076 1.00 63.86  ? 176 ILE A CA  1 
ATOM 1365 C C   . ILE A 1 176 ? 6.480   -14.216 -18.353 1.00 66.17  ? 176 ILE A C   1 
ATOM 1366 O O   . ILE A 1 176 ? 7.194   -13.646 -19.186 1.00 66.87  ? 176 ILE A O   1 
ATOM 1367 C CB  . ILE A 1 176 ? 5.310   -16.398 -18.446 1.00 65.38  ? 176 ILE A CB  1 
ATOM 1368 C CG1 . ILE A 1 176 ? 5.360   -17.887 -18.135 1.00 57.80  ? 176 ILE A CG1 1 
ATOM 1369 C CG2 . ILE A 1 176 ? 4.970   -16.150 -19.909 1.00 63.91  ? 176 ILE A CG2 1 
ATOM 1370 C CD1 . ILE A 1 176 ? 3.978   -18.524 -18.069 1.00 66.96  ? 176 ILE A CD1 1 
ATOM 1371 N N   . PHE A 1 177 ? 5.544   -13.581 -17.638 1.00 66.30  ? 177 PHE A N   1 
ATOM 1372 C CA  . PHE A 1 177 ? 5.152   -12.186 -17.887 1.00 57.09  ? 177 PHE A CA  1 
ATOM 1373 C C   . PHE A 1 177 ? 6.267   -11.193 -17.629 1.00 57.77  ? 177 PHE A C   1 
ATOM 1374 O O   . PHE A 1 177 ? 6.307   -10.140 -18.269 1.00 63.12  ? 177 PHE A O   1 
ATOM 1375 C CB  . PHE A 1 177 ? 3.913   -11.771 -17.065 1.00 55.93  ? 177 PHE A CB  1 
ATOM 1376 C CG  . PHE A 1 177 ? 2.587   -12.143 -17.704 1.00 60.09  ? 177 PHE A CG  1 
ATOM 1377 C CD1 . PHE A 1 177 ? 2.319   -11.848 -19.042 1.00 56.41  ? 177 PHE A CD1 1 
ATOM 1378 C CD2 . PHE A 1 177 ? 1.604   -12.784 -16.958 1.00 62.01  ? 177 PHE A CD2 1 
ATOM 1379 C CE1 . PHE A 1 177 ? 1.102   -12.198 -19.620 1.00 54.17  ? 177 PHE A CE1 1 
ATOM 1380 C CE2 . PHE A 1 177 ? 0.388   -13.133 -17.530 1.00 65.04  ? 177 PHE A CE2 1 
ATOM 1381 C CZ  . PHE A 1 177 ? 0.137   -12.840 -18.868 1.00 56.82  ? 177 PHE A CZ  1 
ATOM 1382 N N   . SER A 1 178 ? 7.159   -11.508 -16.694 1.00 55.47  ? 178 SER A N   1 
ATOM 1383 C CA  . SER A 1 178 ? 8.222   -10.570 -16.320 1.00 60.62  ? 178 SER A CA  1 
ATOM 1384 C C   . SER A 1 178 ? 9.307   -10.604 -17.398 1.00 60.49  ? 178 SER A C   1 
ATOM 1385 O O   . SER A 1 178 ? 10.041  -9.628  -17.638 1.00 53.03  ? 178 SER A O   1 
ATOM 1386 C CB  . SER A 1 178 ? 8.779   -10.925 -14.929 1.00 59.87  ? 178 SER A CB  1 
ATOM 1387 O OG  . SER A 1 178 ? 9.165   -12.300 -14.858 1.00 70.45  ? 178 SER A OG  1 
ATOM 1388 N N   . ARG A 1 179 ? 9.393   -11.767 -18.029 1.00 55.07  ? 179 ARG A N   1 
ATOM 1389 C CA  . ARG A 1 179 ? 10.266  -11.964 -19.154 1.00 59.54  ? 179 ARG A CA  1 
ATOM 1390 C C   . ARG A 1 179 ? 9.709   -11.127 -20.301 1.00 54.82  ? 179 ARG A C   1 
ATOM 1391 O O   . ARG A 1 179 ? 10.413  -10.311 -20.900 1.00 52.53  ? 179 ARG A O   1 
ATOM 1392 C CB  . ARG A 1 179 ? 10.293  -13.446 -19.513 1.00 62.24  ? 179 ARG A CB  1 
ATOM 1393 C CG  . ARG A 1 179 ? 10.973  -13.747 -20.816 1.00 66.13  ? 179 ARG A CG  1 
ATOM 1394 C CD  . ARG A 1 179 ? 10.622  -15.140 -21.305 1.00 76.98  ? 179 ARG A CD  1 
ATOM 1395 N NE  . ARG A 1 179 ? 10.770  -16.129 -20.235 1.00 95.26  ? 179 ARG A NE  1 
ATOM 1396 C CZ  . ARG A 1 179 ? 9.852   -17.042 -19.925 1.00 86.89  ? 179 ARG A CZ  1 
ATOM 1397 N NH1 . ARG A 1 179 ? 8.720   -17.088 -20.621 1.00 80.82  ? 179 ARG A NH1 1 
ATOM 1398 N NH2 . ARG A 1 179 ? 10.068  -17.904 -18.928 1.00 70.28  ? 179 ARG A NH2 1 
ATOM 1399 N N   . LYS A 1 180 ? 8.423   -11.314 -20.571 1.00 49.09  ? 180 LYS A N   1 
ATOM 1400 C CA  . LYS A 1 180 ? 7.750   -10.602 -21.635 1.00 47.08  ? 180 LYS A CA  1 
ATOM 1401 C C   . LYS A 1 180 ? 7.857   -9.084  -21.458 1.00 45.08  ? 180 LYS A C   1 
ATOM 1402 O O   . LYS A 1 180 ? 8.184   -8.368  -22.418 1.00 46.33  ? 180 LYS A O   1 
ATOM 1403 C CB  . LYS A 1 180 ? 6.300   -11.080 -21.752 1.00 45.10  ? 180 LYS A CB  1 
ATOM 1404 C CG  . LYS A 1 180 ? 6.134   -12.526 -22.254 1.00 43.90  ? 180 LYS A CG  1 
ATOM 1405 C CD  . LYS A 1 180 ? 4.642   -12.875 -22.368 1.00 58.10  ? 180 LYS A CD  1 
ATOM 1406 C CE  . LYS A 1 180 ? 4.375   -14.126 -23.226 1.00 63.52  ? 180 LYS A CE  1 
ATOM 1407 N NZ  . LYS A 1 180 ? 2.925   -14.356 -23.584 1.00 49.84  ? 180 LYS A NZ  1 
ATOM 1408 N N   . SER A 1 181 ? 7.612   -8.605  -20.235 1.00 39.61  ? 181 SER A N   1 
ATOM 1409 C CA  . SER A 1 181 ? 7.742   -7.172  -19.878 1.00 44.59  ? 181 SER A CA  1 
ATOM 1410 C C   . SER A 1 181 ? 9.105   -6.583  -20.182 1.00 46.19  ? 181 SER A C   1 
ATOM 1411 O O   . SER A 1 181 ? 9.224   -5.416  -20.582 1.00 41.50  ? 181 SER A O   1 
ATOM 1412 C CB  . SER A 1 181 ? 7.517   -6.955  -18.382 1.00 44.26  ? 181 SER A CB  1 
ATOM 1413 O OG  . SER A 1 181 ? 6.224   -7.368  -18.010 1.00 62.89  ? 181 SER A OG  1 
ATOM 1414 N N   . ALA A 1 182 ? 10.128  -7.398  -19.932 1.00 53.07  ? 182 ALA A N   1 
ATOM 1415 C CA  . ALA A 1 182 ? 11.524  -7.057  -20.188 1.00 46.10  ? 182 ALA A CA  1 
ATOM 1416 C C   . ALA A 1 182 ? 11.825  -6.991  -21.700 1.00 46.74  ? 182 ALA A C   1 
ATOM 1417 O O   . ALA A 1 182 ? 12.558  -6.116  -22.151 1.00 46.94  ? 182 ALA A O   1 
ATOM 1418 C CB  . ALA A 1 182 ? 12.432  -8.069  -19.487 1.00 50.27  ? 182 ALA A CB  1 
ATOM 1419 N N   . GLN A 1 183 ? 11.241  -7.919  -22.460 1.00 40.93  ? 183 GLN A N   1 
ATOM 1420 C CA  . GLN A 1 183 ? 11.277  -7.916  -23.915 1.00 43.91  ? 183 GLN A CA  1 
ATOM 1421 C C   . GLN A 1 183 ? 10.531  -6.676  -24.461 1.00 51.86  ? 183 GLN A C   1 
ATOM 1422 O O   . GLN A 1 183 ? 11.043  -5.931  -25.313 1.00 49.74  ? 183 GLN A O   1 
ATOM 1423 C CB  . GLN A 1 183 ? 10.656  -9.220  -24.447 1.00 55.90  ? 183 GLN A CB  1 
ATOM 1424 C CG  . GLN A 1 183 ? 11.573  -10.480 -24.415 1.00 61.38  ? 183 GLN A CG  1 
ATOM 1425 C CD  . GLN A 1 183 ? 10.773  -11.795 -24.444 1.00 71.29  ? 183 GLN A CD  1 
ATOM 1426 O OE1 . GLN A 1 183 ? 9.574   -11.798 -24.752 1.00 58.64  ? 183 GLN A OE1 1 
ATOM 1427 N NE2 . GLN A 1 183 ? 11.436  -12.914 -24.106 1.00 74.05  ? 183 GLN A NE2 1 
ATOM 1428 N N   . LEU A 1 184 ? 9.319   -6.457  -23.951 1.00 54.65  ? 184 LEU A N   1 
ATOM 1429 C CA  . LEU A 1 184 ? 8.520   -5.268  -24.248 1.00 49.55  ? 184 LEU A CA  1 
ATOM 1430 C C   . LEU A 1 184 ? 9.251   -3.963  -23.898 1.00 47.84  ? 184 LEU A C   1 
ATOM 1431 O O   . LEU A 1 184 ? 8.967   -2.907  -24.475 1.00 41.80  ? 184 LEU A O   1 
ATOM 1432 C CB  . LEU A 1 184 ? 7.207   -5.341  -23.468 1.00 47.30  ? 184 LEU A CB  1 
ATOM 1433 C CG  . LEU A 1 184 ? 5.962   -4.726  -24.105 1.00 52.82  ? 184 LEU A CG  1 
ATOM 1434 C CD1 . LEU A 1 184 ? 5.560   -5.524  -25.336 1.00 62.64  ? 184 LEU A CD1 1 
ATOM 1435 C CD2 . LEU A 1 184 ? 4.829   -4.698  -23.110 1.00 48.08  ? 184 LEU A CD2 1 
ATOM 1436 N N   . ALA A 1 185 ? 10.186  -4.038  -22.952 1.00 39.46  ? 185 ALA A N   1 
ATOM 1437 C CA  . ALA A 1 185 ? 10.949  -2.857  -22.518 1.00 43.69  ? 185 ALA A CA  1 
ATOM 1438 C C   . ALA A 1 185 ? 11.959  -2.366  -23.564 1.00 52.09  ? 185 ALA A C   1 
ATOM 1439 O O   . ALA A 1 185 ? 12.025  -1.169  -23.884 1.00 42.90  ? 185 ALA A O   1 
ATOM 1440 C CB  . ALA A 1 185 ? 11.664  -3.143  -21.210 1.00 31.84  ? 185 ALA A CB  1 
ATOM 1441 N N   . SER A 1 186 ? 12.745  -3.314  -24.069 1.00 48.56  ? 186 SER A N   1 
ATOM 1442 C CA  . SER A 1 186 ? 13.791  -3.055  -25.045 1.00 49.74  ? 186 SER A CA  1 
ATOM 1443 C C   . SER A 1 186 ? 13.274  -2.680  -26.455 1.00 56.62  ? 186 SER A C   1 
ATOM 1444 O O   . SER A 1 186 ? 14.016  -2.139  -27.288 1.00 58.27  ? 186 SER A O   1 
ATOM 1445 C CB  . SER A 1 186 ? 14.747  -4.259  -25.106 1.00 48.11  ? 186 SER A CB  1 
ATOM 1446 O OG  . SER A 1 186 ? 14.123  -5.467  -24.691 1.00 42.02  ? 186 SER A OG  1 
ATOM 1447 N N   . ARG A 1 187 ? 12.004  -2.955  -26.724 1.00 54.61  ? 187 ARG A N   1 
ATOM 1448 C CA  . ARG A 1 187 ? 11.467  -2.720  -28.060 1.00 62.20  ? 187 ARG A CA  1 
ATOM 1449 C C   . ARG A 1 187 ? 11.643  -1.307  -28.563 1.00 66.53  ? 187 ARG A C   1 
ATOM 1450 O O   . ARG A 1 187 ? 11.081  -0.365  -27.992 1.00 63.98  ? 187 ARG A O   1 
ATOM 1451 C CB  . ARG A 1 187 ? 9.993   -3.073  -28.128 1.00 60.35  ? 187 ARG A CB  1 
ATOM 1452 C CG  . ARG A 1 187 ? 9.751   -4.552  -28.182 1.00 71.69  ? 187 ARG A CG  1 
ATOM 1453 C CD  . ARG A 1 187 ? 8.276   -4.795  -28.226 1.00 76.26  ? 187 ARG A CD  1 
ATOM 1454 N NE  . ARG A 1 187 ? 7.573   -3.709  -27.561 1.00 78.26  ? 187 ARG A NE  1 
ATOM 1455 C CZ  . ARG A 1 187 ? 6.714   -2.892  -28.162 1.00 90.24  ? 187 ARG A CZ  1 
ATOM 1456 N NH1 . ARG A 1 187 ? 6.431   -3.041  -29.462 1.00 75.49  ? 187 ARG A NH1 1 
ATOM 1457 N NH2 . ARG A 1 187 ? 6.125   -1.934  -27.449 1.00 90.36  ? 187 ARG A NH2 1 
ATOM 1458 N N   . GLN A 1 188 ? 12.412  -1.178  -29.646 1.00 68.11  ? 188 GLN A N   1 
ATOM 1459 C CA  . GLN A 1 188 ? 12.464  0.058   -30.414 1.00 65.70  ? 188 GLN A CA  1 
ATOM 1460 C C   . GLN A 1 188 ? 11.254  0.159   -31.330 1.00 70.52  ? 188 GLN A C   1 
ATOM 1461 O O   . GLN A 1 188 ? 10.981  -0.731  -32.134 1.00 67.58  ? 188 GLN A O   1 
ATOM 1462 C CB  . GLN A 1 188 ? 13.764  0.168   -31.198 1.00 63.07  ? 188 GLN A CB  1 
ATOM 1463 C CG  . GLN A 1 188 ? 14.925  0.502   -30.297 1.00 83.78  ? 188 GLN A CG  1 
ATOM 1464 C CD  . GLN A 1 188 ? 14.515  1.501   -29.226 1.00 93.03  ? 188 GLN A CD  1 
ATOM 1465 O OE1 . GLN A 1 188 ? 14.303  2.684   -29.514 1.00 83.07  ? 188 GLN A OE1 1 
ATOM 1466 N NE2 . GLN A 1 188 ? 14.371  1.025   -27.986 1.00 90.35  ? 188 GLN A NE2 1 
ATOM 1467 N N   . SER A 1 189 ? 10.499  1.235   -31.163 1.00 80.88  ? 189 SER A N   1 
ATOM 1468 C CA  . SER A 1 189 ? 9.343   1.471   -32.002 1.00 77.20  ? 189 SER A CA  1 
ATOM 1469 C C   . SER A 1 189 ? 9.802   1.819   -33.423 1.00 87.63  ? 189 SER A C   1 
ATOM 1470 O O   . SER A 1 189 ? 10.807  2.514   -33.622 1.00 82.00  ? 189 SER A O   1 
ATOM 1471 C CB  . SER A 1 189 ? 8.492   2.588   -31.419 1.00 72.47  ? 189 SER A CB  1 
ATOM 1472 O OG  . SER A 1 189 ? 7.393   2.847   -32.273 1.00 97.64  ? 189 SER A OG  1 
ATOM 1473 N N   . VAL A 1 190 ? 9.073   1.322   -34.414 1.00 84.96  ? 190 VAL A N   1 
ATOM 1474 C CA  . VAL A 1 190 ? 9.509   1.470   -35.793 1.00 75.45  ? 190 VAL A CA  1 
ATOM 1475 C C   . VAL A 1 190 ? 8.320   1.503   -36.734 1.00 80.48  ? 190 VAL A C   1 
ATOM 1476 O O   . VAL A 1 190 ? 8.380   2.067   -37.832 1.00 81.13  ? 190 VAL A O   1 
ATOM 1477 C CB  . VAL A 1 190 ? 10.444  0.326   -36.210 1.00 61.11  ? 190 VAL A CB  1 
ATOM 1478 C CG1 . VAL A 1 190 ? 11.735  0.397   -35.440 1.00 61.73  ? 190 VAL A CG1 1 
ATOM 1479 C CG2 . VAL A 1 190 ? 9.765   -0.996  -35.991 1.00 58.98  ? 190 VAL A CG2 1 
ATOM 1480 O OXT . VAL A 1 190 ? 7.266   0.971   -36.398 1.00 84.72  ? 190 VAL A OXT 1 
# 
